data_1XAT
# 
_entry.id   1XAT 
# 
_audit_conform.dict_name       mmcif_pdbx.dic 
_audit_conform.dict_version    5.386 
_audit_conform.dict_location   http://mmcif.pdb.org/dictionaries/ascii/mmcif_pdbx.dic 
# 
loop_
_database_2.database_id 
_database_2.database_code 
_database_2.pdbx_database_accession 
_database_2.pdbx_DOI 
PDB   1XAT         pdb_00001xat 10.2210/pdb1xat/pdb 
WWPDB D_1000177243 ?            ?                   
# 
loop_
_pdbx_audit_revision_history.ordinal 
_pdbx_audit_revision_history.data_content_type 
_pdbx_audit_revision_history.major_revision 
_pdbx_audit_revision_history.minor_revision 
_pdbx_audit_revision_history.revision_date 
1 'Structure model' 1 0 1998-06-17 
2 'Structure model' 1 1 2008-03-24 
3 'Structure model' 1 2 2011-07-13 
4 'Structure model' 1 3 2024-02-14 
# 
_pdbx_audit_revision_details.ordinal             1 
_pdbx_audit_revision_details.revision_ordinal    1 
_pdbx_audit_revision_details.data_content_type   'Structure model' 
_pdbx_audit_revision_details.provider            repository 
_pdbx_audit_revision_details.type                'Initial release' 
_pdbx_audit_revision_details.description         ? 
_pdbx_audit_revision_details.details             ? 
# 
loop_
_pdbx_audit_revision_group.ordinal 
_pdbx_audit_revision_group.revision_ordinal 
_pdbx_audit_revision_group.data_content_type 
_pdbx_audit_revision_group.group 
1 2 'Structure model' 'Version format compliance' 
2 3 'Structure model' 'Derived calculations'      
3 3 'Structure model' 'Version format compliance' 
4 4 'Structure model' 'Data collection'           
5 4 'Structure model' 'Database references'       
# 
loop_
_pdbx_audit_revision_category.ordinal 
_pdbx_audit_revision_category.revision_ordinal 
_pdbx_audit_revision_category.data_content_type 
_pdbx_audit_revision_category.category 
1 4 'Structure model' chem_comp_atom     
2 4 'Structure model' chem_comp_bond     
3 4 'Structure model' database_2         
4 4 'Structure model' struct_ref_seq_dif 
# 
loop_
_pdbx_audit_revision_item.ordinal 
_pdbx_audit_revision_item.revision_ordinal 
_pdbx_audit_revision_item.data_content_type 
_pdbx_audit_revision_item.item 
1 4 'Structure model' '_database_2.pdbx_DOI'                
2 4 'Structure model' '_database_2.pdbx_database_accession' 
3 4 'Structure model' '_struct_ref_seq_dif.details'         
# 
_pdbx_database_status.status_code                     REL 
_pdbx_database_status.entry_id                        1XAT 
_pdbx_database_status.recvd_initial_deposition_date   1998-03-11 
_pdbx_database_status.deposit_site                    ? 
_pdbx_database_status.process_site                    BNL 
_pdbx_database_status.SG_entry                        . 
_pdbx_database_status.pdb_format_compatible           Y 
_pdbx_database_status.status_code_mr                  ? 
_pdbx_database_status.status_code_sf                  ? 
_pdbx_database_status.status_code_cs                  ? 
_pdbx_database_status.status_code_nmr_data            ? 
_pdbx_database_status.methods_development_category    ? 
# 
loop_
_audit_author.name 
_audit_author.pdbx_ordinal 
'Beaman, T.W.'   1 
'Sugantino, M.'  2 
'Roderick, S.L.' 3 
# 
loop_
_citation.id 
_citation.title 
_citation.journal_abbrev 
_citation.journal_volume 
_citation.page_first 
_citation.page_last 
_citation.year 
_citation.journal_id_ASTM 
_citation.country 
_citation.journal_id_ISSN 
_citation.journal_id_CSD 
_citation.book_publisher 
_citation.pdbx_database_id_PubMed 
_citation.pdbx_database_id_DOI 
primary 'Structure of the hexapeptide xenobiotic acetyltransferase from Pseudomonas aeruginosa.'       Biochemistry 37 6689 6696 
1998 BICHAW US 0006-2960 0033 ? 9578552 10.1021/bi980106v 
1       'Purification and Crystallization of Pseudomonas Aeruginosa Chloramphenicol Acetyltransferase' Proteins     28 298  ?    
1997 PSFGEY US 0887-3585 0867 ? ?       ?                 
# 
loop_
_citation_author.citation_id 
_citation_author.name 
_citation_author.ordinal 
_citation_author.identifier_ORCID 
primary 'Beaman, T.W.'   1 ? 
primary 'Sugantino, M.'  2 ? 
primary 'Roderick, S.L.' 3 ? 
1       'Tian, Y.'       4 ? 
1       'Beaman, T.W.'   5 ? 
1       'Roderick, S.L.' 6 ? 
# 
_entity.id                         1 
_entity.type                       polymer 
_entity.src_method                 man 
_entity.pdbx_description           'XENOBIOTIC ACETYLTRANSFERASE' 
_entity.formula_weight             23506.443 
_entity.pdbx_number_of_molecules   1 
_entity.pdbx_ec                    ? 
_entity.pdbx_mutation              ? 
_entity.pdbx_fragment              ? 
_entity.details                    ? 
# 
_entity_poly.entity_id                      1 
_entity_poly.type                           'polypeptide(L)' 
_entity_poly.nstd_linkage                   no 
_entity_poly.nstd_monomer                   no 
_entity_poly.pdbx_seq_one_letter_code       
;MGNYFESPFRGKLLSEQVSNPNIRVGRYSYYSGYYHGHSFDDCARYLMPDRDDVDKLVIGSFCSIGSGAAFIMAGNQGHR
AEWASTFPFHFMHEEPAFAGAVNGYQPAGDTLIGHEVWIGTEAMFMPGVRVGHGAIIGSRALVTGDVEPYAIVGGNPART
IRKRFSDGDIQNLLEMAWWDWPLADIEAAMPLLCTGDIPALYQHWKQRQATA
;
_entity_poly.pdbx_seq_one_letter_code_can   
;MGNYFESPFRGKLLSEQVSNPNIRVGRYSYYSGYYHGHSFDDCARYLMPDRDDVDKLVIGSFCSIGSGAAFIMAGNQGHR
AEWASTFPFHFMHEEPAFAGAVNGYQPAGDTLIGHEVWIGTEAMFMPGVRVGHGAIIGSRALVTGDVEPYAIVGGNPART
IRKRFSDGDIQNLLEMAWWDWPLADIEAAMPLLCTGDIPALYQHWKQRQATA
;
_entity_poly.pdbx_strand_id                 A 
_entity_poly.pdbx_target_identifier         ? 
# 
loop_
_entity_poly_seq.entity_id 
_entity_poly_seq.num 
_entity_poly_seq.mon_id 
_entity_poly_seq.hetero 
1 1   MET n 
1 2   GLY n 
1 3   ASN n 
1 4   TYR n 
1 5   PHE n 
1 6   GLU n 
1 7   SER n 
1 8   PRO n 
1 9   PHE n 
1 10  ARG n 
1 11  GLY n 
1 12  LYS n 
1 13  LEU n 
1 14  LEU n 
1 15  SER n 
1 16  GLU n 
1 17  GLN n 
1 18  VAL n 
1 19  SER n 
1 20  ASN n 
1 21  PRO n 
1 22  ASN n 
1 23  ILE n 
1 24  ARG n 
1 25  VAL n 
1 26  GLY n 
1 27  ARG n 
1 28  TYR n 
1 29  SER n 
1 30  TYR n 
1 31  TYR n 
1 32  SER n 
1 33  GLY n 
1 34  TYR n 
1 35  TYR n 
1 36  HIS n 
1 37  GLY n 
1 38  HIS n 
1 39  SER n 
1 40  PHE n 
1 41  ASP n 
1 42  ASP n 
1 43  CYS n 
1 44  ALA n 
1 45  ARG n 
1 46  TYR n 
1 47  LEU n 
1 48  MET n 
1 49  PRO n 
1 50  ASP n 
1 51  ARG n 
1 52  ASP n 
1 53  ASP n 
1 54  VAL n 
1 55  ASP n 
1 56  LYS n 
1 57  LEU n 
1 58  VAL n 
1 59  ILE n 
1 60  GLY n 
1 61  SER n 
1 62  PHE n 
1 63  CYS n 
1 64  SER n 
1 65  ILE n 
1 66  GLY n 
1 67  SER n 
1 68  GLY n 
1 69  ALA n 
1 70  ALA n 
1 71  PHE n 
1 72  ILE n 
1 73  MET n 
1 74  ALA n 
1 75  GLY n 
1 76  ASN n 
1 77  GLN n 
1 78  GLY n 
1 79  HIS n 
1 80  ARG n 
1 81  ALA n 
1 82  GLU n 
1 83  TRP n 
1 84  ALA n 
1 85  SER n 
1 86  THR n 
1 87  PHE n 
1 88  PRO n 
1 89  PHE n 
1 90  HIS n 
1 91  PHE n 
1 92  MET n 
1 93  HIS n 
1 94  GLU n 
1 95  GLU n 
1 96  PRO n 
1 97  ALA n 
1 98  PHE n 
1 99  ALA n 
1 100 GLY n 
1 101 ALA n 
1 102 VAL n 
1 103 ASN n 
1 104 GLY n 
1 105 TYR n 
1 106 GLN n 
1 107 PRO n 
1 108 ALA n 
1 109 GLY n 
1 110 ASP n 
1 111 THR n 
1 112 LEU n 
1 113 ILE n 
1 114 GLY n 
1 115 HIS n 
1 116 GLU n 
1 117 VAL n 
1 118 TRP n 
1 119 ILE n 
1 120 GLY n 
1 121 THR n 
1 122 GLU n 
1 123 ALA n 
1 124 MET n 
1 125 PHE n 
1 126 MET n 
1 127 PRO n 
1 128 GLY n 
1 129 VAL n 
1 130 ARG n 
1 131 VAL n 
1 132 GLY n 
1 133 HIS n 
1 134 GLY n 
1 135 ALA n 
1 136 ILE n 
1 137 ILE n 
1 138 GLY n 
1 139 SER n 
1 140 ARG n 
1 141 ALA n 
1 142 LEU n 
1 143 VAL n 
1 144 THR n 
1 145 GLY n 
1 146 ASP n 
1 147 VAL n 
1 148 GLU n 
1 149 PRO n 
1 150 TYR n 
1 151 ALA n 
1 152 ILE n 
1 153 VAL n 
1 154 GLY n 
1 155 GLY n 
1 156 ASN n 
1 157 PRO n 
1 158 ALA n 
1 159 ARG n 
1 160 THR n 
1 161 ILE n 
1 162 ARG n 
1 163 LYS n 
1 164 ARG n 
1 165 PHE n 
1 166 SER n 
1 167 ASP n 
1 168 GLY n 
1 169 ASP n 
1 170 ILE n 
1 171 GLN n 
1 172 ASN n 
1 173 LEU n 
1 174 LEU n 
1 175 GLU n 
1 176 MET n 
1 177 ALA n 
1 178 TRP n 
1 179 TRP n 
1 180 ASP n 
1 181 TRP n 
1 182 PRO n 
1 183 LEU n 
1 184 ALA n 
1 185 ASP n 
1 186 ILE n 
1 187 GLU n 
1 188 ALA n 
1 189 ALA n 
1 190 MET n 
1 191 PRO n 
1 192 LEU n 
1 193 LEU n 
1 194 CYS n 
1 195 THR n 
1 196 GLY n 
1 197 ASP n 
1 198 ILE n 
1 199 PRO n 
1 200 ALA n 
1 201 LEU n 
1 202 TYR n 
1 203 GLN n 
1 204 HIS n 
1 205 TRP n 
1 206 LYS n 
1 207 GLN n 
1 208 ARG n 
1 209 GLN n 
1 210 ALA n 
1 211 THR n 
1 212 ALA n 
# 
_entity_src_gen.entity_id                          1 
_entity_src_gen.pdbx_src_id                        1 
_entity_src_gen.pdbx_alt_source_flag               sample 
_entity_src_gen.pdbx_seq_type                      ? 
_entity_src_gen.pdbx_beg_seq_num                   ? 
_entity_src_gen.pdbx_end_seq_num                   ? 
_entity_src_gen.gene_src_common_name               ? 
_entity_src_gen.gene_src_genus                     Pseudomonas 
_entity_src_gen.pdbx_gene_src_gene                 ? 
_entity_src_gen.gene_src_species                   ? 
_entity_src_gen.gene_src_strain                    PA103 
_entity_src_gen.gene_src_tissue                    ? 
_entity_src_gen.gene_src_tissue_fraction           ? 
_entity_src_gen.gene_src_details                   ? 
_entity_src_gen.pdbx_gene_src_fragment             ? 
_entity_src_gen.pdbx_gene_src_scientific_name      'Pseudomonas aeruginosa' 
_entity_src_gen.pdbx_gene_src_ncbi_taxonomy_id     287 
_entity_src_gen.pdbx_gene_src_variant              ? 
_entity_src_gen.pdbx_gene_src_cell_line            BL21 
_entity_src_gen.pdbx_gene_src_atcc                 'ATCC 29260' 
_entity_src_gen.pdbx_gene_src_organ                ? 
_entity_src_gen.pdbx_gene_src_organelle            ? 
_entity_src_gen.pdbx_gene_src_cell                 ? 
_entity_src_gen.pdbx_gene_src_cellular_location    ? 
_entity_src_gen.host_org_common_name               ? 
_entity_src_gen.pdbx_host_org_scientific_name      'Escherichia coli BL21(DE3)' 
_entity_src_gen.pdbx_host_org_ncbi_taxonomy_id     469008 
_entity_src_gen.host_org_genus                     Escherichia 
_entity_src_gen.pdbx_host_org_gene                 ? 
_entity_src_gen.pdbx_host_org_organ                ? 
_entity_src_gen.host_org_species                   'Escherichia coli' 
_entity_src_gen.pdbx_host_org_tissue               ? 
_entity_src_gen.pdbx_host_org_tissue_fraction      ? 
_entity_src_gen.pdbx_host_org_strain               'BL21 (DE3)' 
_entity_src_gen.pdbx_host_org_variant              ? 
_entity_src_gen.pdbx_host_org_cell_line            ? 
_entity_src_gen.pdbx_host_org_atcc                 ? 
_entity_src_gen.pdbx_host_org_culture_collection   ? 
_entity_src_gen.pdbx_host_org_cell                 ? 
_entity_src_gen.pdbx_host_org_organelle            ? 
_entity_src_gen.pdbx_host_org_cellular_location    ? 
_entity_src_gen.pdbx_host_org_vector_type          PLASMID 
_entity_src_gen.pdbx_host_org_vector               PET3A 
_entity_src_gen.host_org_details                   ? 
_entity_src_gen.expression_system_id               ? 
_entity_src_gen.plasmid_name                       PYT1 
_entity_src_gen.plasmid_details                    ? 
_entity_src_gen.pdbx_description                   ? 
# 
loop_
_chem_comp.id 
_chem_comp.type 
_chem_comp.mon_nstd_flag 
_chem_comp.name 
_chem_comp.pdbx_synonyms 
_chem_comp.formula 
_chem_comp.formula_weight 
ALA 'L-peptide linking' y ALANINE         ? 'C3 H7 N O2'     89.093  
ARG 'L-peptide linking' y ARGININE        ? 'C6 H15 N4 O2 1' 175.209 
ASN 'L-peptide linking' y ASPARAGINE      ? 'C4 H8 N2 O3'    132.118 
ASP 'L-peptide linking' y 'ASPARTIC ACID' ? 'C4 H7 N O4'     133.103 
CYS 'L-peptide linking' y CYSTEINE        ? 'C3 H7 N O2 S'   121.158 
GLN 'L-peptide linking' y GLUTAMINE       ? 'C5 H10 N2 O3'   146.144 
GLU 'L-peptide linking' y 'GLUTAMIC ACID' ? 'C5 H9 N O4'     147.129 
GLY 'peptide linking'   y GLYCINE         ? 'C2 H5 N O2'     75.067  
HIS 'L-peptide linking' y HISTIDINE       ? 'C6 H10 N3 O2 1' 156.162 
ILE 'L-peptide linking' y ISOLEUCINE      ? 'C6 H13 N O2'    131.173 
LEU 'L-peptide linking' y LEUCINE         ? 'C6 H13 N O2'    131.173 
LYS 'L-peptide linking' y LYSINE          ? 'C6 H15 N2 O2 1' 147.195 
MET 'L-peptide linking' y METHIONINE      ? 'C5 H11 N O2 S'  149.211 
PHE 'L-peptide linking' y PHENYLALANINE   ? 'C9 H11 N O2'    165.189 
PRO 'L-peptide linking' y PROLINE         ? 'C5 H9 N O2'     115.130 
SER 'L-peptide linking' y SERINE          ? 'C3 H7 N O3'     105.093 
THR 'L-peptide linking' y THREONINE       ? 'C4 H9 N O3'     119.119 
TRP 'L-peptide linking' y TRYPTOPHAN      ? 'C11 H12 N2 O2'  204.225 
TYR 'L-peptide linking' y TYROSINE        ? 'C9 H11 N O3'    181.189 
VAL 'L-peptide linking' y VALINE          ? 'C5 H11 N O2'    117.146 
# 
loop_
_pdbx_poly_seq_scheme.asym_id 
_pdbx_poly_seq_scheme.entity_id 
_pdbx_poly_seq_scheme.seq_id 
_pdbx_poly_seq_scheme.mon_id 
_pdbx_poly_seq_scheme.ndb_seq_num 
_pdbx_poly_seq_scheme.pdb_seq_num 
_pdbx_poly_seq_scheme.auth_seq_num 
_pdbx_poly_seq_scheme.pdb_mon_id 
_pdbx_poly_seq_scheme.auth_mon_id 
_pdbx_poly_seq_scheme.pdb_strand_id 
_pdbx_poly_seq_scheme.pdb_ins_code 
_pdbx_poly_seq_scheme.hetero 
A 1 1   MET 1   1   ?   ?   ?   A . n 
A 1 2   GLY 2   2   ?   ?   ?   A . n 
A 1 3   ASN 3   3   3   ASN ASN A . n 
A 1 4   TYR 4   4   4   TYR TYR A . n 
A 1 5   PHE 5   5   5   PHE PHE A . n 
A 1 6   GLU 6   6   6   GLU GLU A . n 
A 1 7   SER 7   7   7   SER SER A . n 
A 1 8   PRO 8   8   8   PRO PRO A . n 
A 1 9   PHE 9   9   9   PHE PHE A . n 
A 1 10  ARG 10  10  10  ARG ARG A . n 
A 1 11  GLY 11  11  11  GLY GLY A . n 
A 1 12  LYS 12  12  12  LYS LYS A . n 
A 1 13  LEU 13  13  13  LEU LEU A . n 
A 1 14  LEU 14  14  14  LEU LEU A . n 
A 1 15  SER 15  15  15  SER SER A . n 
A 1 16  GLU 16  16  16  GLU GLU A . n 
A 1 17  GLN 17  17  17  GLN GLN A . n 
A 1 18  VAL 18  18  18  VAL VAL A . n 
A 1 19  SER 19  19  19  SER SER A . n 
A 1 20  ASN 20  20  20  ASN ASN A . n 
A 1 21  PRO 21  21  21  PRO PRO A . n 
A 1 22  ASN 22  22  22  ASN ASN A . n 
A 1 23  ILE 23  23  23  ILE ILE A . n 
A 1 24  ARG 24  24  24  ARG ARG A . n 
A 1 25  VAL 25  25  25  VAL VAL A . n 
A 1 26  GLY 26  26  26  GLY GLY A . n 
A 1 27  ARG 27  27  27  ARG ARG A . n 
A 1 28  TYR 28  28  28  TYR TYR A . n 
A 1 29  SER 29  29  29  SER SER A . n 
A 1 30  TYR 30  30  30  TYR TYR A . n 
A 1 31  TYR 31  31  31  TYR TYR A . n 
A 1 32  SER 32  32  32  SER SER A . n 
A 1 33  GLY 33  33  33  GLY GLY A . n 
A 1 34  TYR 34  34  34  TYR TYR A . n 
A 1 35  TYR 35  35  35  TYR TYR A . n 
A 1 36  HIS 36  36  36  HIS HIS A . n 
A 1 37  GLY 37  37  37  GLY GLY A . n 
A 1 38  HIS 38  38  38  HIS HIS A . n 
A 1 39  SER 39  39  39  SER SER A . n 
A 1 40  PHE 40  40  40  PHE PHE A . n 
A 1 41  ASP 41  41  41  ASP ASP A . n 
A 1 42  ASP 42  42  42  ASP ASP A . n 
A 1 43  CYS 43  43  43  CYS CYS A . n 
A 1 44  ALA 44  44  44  ALA ALA A . n 
A 1 45  ARG 45  45  45  ARG ARG A . n 
A 1 46  TYR 46  46  46  TYR TYR A . n 
A 1 47  LEU 47  47  47  LEU LEU A . n 
A 1 48  MET 48  48  48  MET MET A . n 
A 1 49  PRO 49  49  49  PRO PRO A . n 
A 1 50  ASP 50  50  50  ASP ASP A . n 
A 1 51  ARG 51  51  51  ARG ARG A . n 
A 1 52  ASP 52  52  52  ASP ASP A . n 
A 1 53  ASP 53  53  53  ASP ASP A . n 
A 1 54  VAL 54  54  54  VAL VAL A . n 
A 1 55  ASP 55  55  55  ASP ASP A . n 
A 1 56  LYS 56  56  56  LYS LYS A . n 
A 1 57  LEU 57  57  57  LEU LEU A . n 
A 1 58  VAL 58  58  58  VAL VAL A . n 
A 1 59  ILE 59  59  59  ILE ILE A . n 
A 1 60  GLY 60  60  60  GLY GLY A . n 
A 1 61  SER 61  61  61  SER SER A . n 
A 1 62  PHE 62  62  62  PHE PHE A . n 
A 1 63  CYS 63  63  63  CYS CYS A . n 
A 1 64  SER 64  64  64  SER SER A . n 
A 1 65  ILE 65  65  65  ILE ILE A . n 
A 1 66  GLY 66  66  66  GLY GLY A . n 
A 1 67  SER 67  67  67  SER SER A . n 
A 1 68  GLY 68  68  68  GLY GLY A . n 
A 1 69  ALA 69  69  69  ALA ALA A . n 
A 1 70  ALA 70  70  70  ALA ALA A . n 
A 1 71  PHE 71  71  71  PHE PHE A . n 
A 1 72  ILE 72  72  72  ILE ILE A . n 
A 1 73  MET 73  73  73  MET MET A . n 
A 1 74  ALA 74  74  74  ALA ALA A . n 
A 1 75  GLY 75  75  75  GLY GLY A . n 
A 1 76  ASN 76  76  76  ASN ASN A . n 
A 1 77  GLN 77  77  77  GLN GLN A . n 
A 1 78  GLY 78  78  78  GLY GLY A . n 
A 1 79  HIS 79  79  79  HIS HIS A . n 
A 1 80  ARG 80  80  80  ARG ARG A . n 
A 1 81  ALA 81  81  81  ALA ALA A . n 
A 1 82  GLU 82  82  82  GLU GLU A . n 
A 1 83  TRP 83  83  83  TRP TRP A . n 
A 1 84  ALA 84  84  84  ALA ALA A . n 
A 1 85  SER 85  85  85  SER SER A . n 
A 1 86  THR 86  86  86  THR THR A . n 
A 1 87  PHE 87  87  87  PHE PHE A . n 
A 1 88  PRO 88  88  88  PRO PRO A . n 
A 1 89  PHE 89  89  89  PHE PHE A . n 
A 1 90  HIS 90  90  90  HIS HIS A . n 
A 1 91  PHE 91  91  91  PHE PHE A . n 
A 1 92  MET 92  92  92  MET MET A . n 
A 1 93  HIS 93  93  93  HIS HIS A . n 
A 1 94  GLU 94  94  94  GLU GLU A . n 
A 1 95  GLU 95  95  95  GLU GLU A . n 
A 1 96  PRO 96  96  96  PRO PRO A . n 
A 1 97  ALA 97  97  97  ALA ALA A . n 
A 1 98  PHE 98  98  98  PHE PHE A . n 
A 1 99  ALA 99  99  99  ALA ALA A . n 
A 1 100 GLY 100 100 100 GLY GLY A . n 
A 1 101 ALA 101 101 101 ALA ALA A . n 
A 1 102 VAL 102 102 102 VAL VAL A . n 
A 1 103 ASN 103 103 103 ASN ASN A . n 
A 1 104 GLY 104 104 104 GLY GLY A . n 
A 1 105 TYR 105 105 105 TYR TYR A . n 
A 1 106 GLN 106 106 106 GLN GLN A . n 
A 1 107 PRO 107 107 107 PRO PRO A . n 
A 1 108 ALA 108 108 108 ALA ALA A . n 
A 1 109 GLY 109 109 109 GLY GLY A . n 
A 1 110 ASP 110 110 110 ASP ASP A . n 
A 1 111 THR 111 111 111 THR THR A . n 
A 1 112 LEU 112 112 112 LEU LEU A . n 
A 1 113 ILE 113 113 113 ILE ILE A . n 
A 1 114 GLY 114 114 114 GLY GLY A . n 
A 1 115 HIS 115 115 115 HIS HIS A . n 
A 1 116 GLU 116 116 116 GLU GLU A . n 
A 1 117 VAL 117 117 117 VAL VAL A . n 
A 1 118 TRP 118 118 118 TRP TRP A . n 
A 1 119 ILE 119 119 119 ILE ILE A . n 
A 1 120 GLY 120 120 120 GLY GLY A . n 
A 1 121 THR 121 121 121 THR THR A . n 
A 1 122 GLU 122 122 122 GLU GLU A . n 
A 1 123 ALA 123 123 123 ALA ALA A . n 
A 1 124 MET 124 124 124 MET MET A . n 
A 1 125 PHE 125 125 125 PHE PHE A . n 
A 1 126 MET 126 126 126 MET MET A . n 
A 1 127 PRO 127 127 127 PRO PRO A . n 
A 1 128 GLY 128 128 128 GLY GLY A . n 
A 1 129 VAL 129 129 129 VAL VAL A . n 
A 1 130 ARG 130 130 130 ARG ARG A . n 
A 1 131 VAL 131 131 131 VAL VAL A . n 
A 1 132 GLY 132 132 132 GLY GLY A . n 
A 1 133 HIS 133 133 133 HIS HIS A . n 
A 1 134 GLY 134 134 134 GLY GLY A . n 
A 1 135 ALA 135 135 135 ALA ALA A . n 
A 1 136 ILE 136 136 136 ILE ILE A . n 
A 1 137 ILE 137 137 137 ILE ILE A . n 
A 1 138 GLY 138 138 138 GLY GLY A . n 
A 1 139 SER 139 139 139 SER SER A . n 
A 1 140 ARG 140 140 140 ARG ARG A . n 
A 1 141 ALA 141 141 141 ALA ALA A . n 
A 1 142 LEU 142 142 142 LEU LEU A . n 
A 1 143 VAL 143 143 143 VAL VAL A . n 
A 1 144 THR 144 144 144 THR THR A . n 
A 1 145 GLY 145 145 145 GLY GLY A . n 
A 1 146 ASP 146 146 146 ASP ASP A . n 
A 1 147 VAL 147 147 147 VAL VAL A . n 
A 1 148 GLU 148 148 148 GLU GLU A . n 
A 1 149 PRO 149 149 149 PRO PRO A . n 
A 1 150 TYR 150 150 150 TYR TYR A . n 
A 1 151 ALA 151 151 151 ALA ALA A . n 
A 1 152 ILE 152 152 152 ILE ILE A . n 
A 1 153 VAL 153 153 153 VAL VAL A . n 
A 1 154 GLY 154 154 154 GLY GLY A . n 
A 1 155 GLY 155 155 155 GLY GLY A . n 
A 1 156 ASN 156 156 156 ASN ASN A . n 
A 1 157 PRO 157 157 157 PRO PRO A . n 
A 1 158 ALA 158 158 158 ALA ALA A . n 
A 1 159 ARG 159 159 159 ARG ARG A . n 
A 1 160 THR 160 160 160 THR THR A . n 
A 1 161 ILE 161 161 161 ILE ILE A . n 
A 1 162 ARG 162 162 162 ARG ARG A . n 
A 1 163 LYS 163 163 163 LYS LYS A . n 
A 1 164 ARG 164 164 164 ARG ARG A . n 
A 1 165 PHE 165 165 165 PHE PHE A . n 
A 1 166 SER 166 166 166 SER SER A . n 
A 1 167 ASP 167 167 167 ASP ASP A . n 
A 1 168 GLY 168 168 168 GLY GLY A . n 
A 1 169 ASP 169 169 169 ASP ASP A . n 
A 1 170 ILE 170 170 170 ILE ILE A . n 
A 1 171 GLN 171 171 171 GLN GLN A . n 
A 1 172 ASN 172 172 172 ASN ASN A . n 
A 1 173 LEU 173 173 173 LEU LEU A . n 
A 1 174 LEU 174 174 174 LEU LEU A . n 
A 1 175 GLU 175 175 175 GLU GLU A . n 
A 1 176 MET 176 176 176 MET MET A . n 
A 1 177 ALA 177 177 177 ALA ALA A . n 
A 1 178 TRP 178 178 178 TRP TRP A . n 
A 1 179 TRP 179 179 179 TRP TRP A . n 
A 1 180 ASP 180 180 180 ASP ASP A . n 
A 1 181 TRP 181 181 181 TRP TRP A . n 
A 1 182 PRO 182 182 182 PRO PRO A . n 
A 1 183 LEU 183 183 183 LEU LEU A . n 
A 1 184 ALA 184 184 184 ALA ALA A . n 
A 1 185 ASP 185 185 185 ASP ASP A . n 
A 1 186 ILE 186 186 186 ILE ILE A . n 
A 1 187 GLU 187 187 187 GLU GLU A . n 
A 1 188 ALA 188 188 188 ALA ALA A . n 
A 1 189 ALA 189 189 189 ALA ALA A . n 
A 1 190 MET 190 190 190 MET MET A . n 
A 1 191 PRO 191 191 191 PRO PRO A . n 
A 1 192 LEU 192 192 192 LEU LEU A . n 
A 1 193 LEU 193 193 193 LEU LEU A . n 
A 1 194 CYS 194 194 194 CYS CYS A . n 
A 1 195 THR 195 195 195 THR THR A . n 
A 1 196 GLY 196 196 196 GLY GLY A . n 
A 1 197 ASP 197 197 197 ASP ASP A . n 
A 1 198 ILE 198 198 198 ILE ILE A . n 
A 1 199 PRO 199 199 199 PRO PRO A . n 
A 1 200 ALA 200 200 200 ALA ALA A . n 
A 1 201 LEU 201 201 201 LEU LEU A . n 
A 1 202 TYR 202 202 202 TYR TYR A . n 
A 1 203 GLN 203 203 203 GLN GLN A . n 
A 1 204 HIS 204 204 204 HIS HIS A . n 
A 1 205 TRP 205 205 205 TRP TRP A . n 
A 1 206 LYS 206 206 206 LYS LYS A . n 
A 1 207 GLN 207 207 207 GLN GLN A . n 
A 1 208 ARG 208 208 208 ARG ARG A . n 
A 1 209 GLN 209 209 209 GLN GLN A . n 
A 1 210 ALA 210 210 210 ALA ALA A . n 
A 1 211 THR 211 211 ?   ?   ?   A . n 
A 1 212 ALA 212 212 ?   ?   ?   A . n 
# 
loop_
_pdbx_unobs_or_zero_occ_atoms.id 
_pdbx_unobs_or_zero_occ_atoms.PDB_model_num 
_pdbx_unobs_or_zero_occ_atoms.polymer_flag 
_pdbx_unobs_or_zero_occ_atoms.occupancy_flag 
_pdbx_unobs_or_zero_occ_atoms.auth_asym_id 
_pdbx_unobs_or_zero_occ_atoms.auth_comp_id 
_pdbx_unobs_or_zero_occ_atoms.auth_seq_id 
_pdbx_unobs_or_zero_occ_atoms.PDB_ins_code 
_pdbx_unobs_or_zero_occ_atoms.auth_atom_id 
_pdbx_unobs_or_zero_occ_atoms.label_alt_id 
_pdbx_unobs_or_zero_occ_atoms.label_asym_id 
_pdbx_unobs_or_zero_occ_atoms.label_comp_id 
_pdbx_unobs_or_zero_occ_atoms.label_seq_id 
_pdbx_unobs_or_zero_occ_atoms.label_atom_id 
1  1 Y 1 A ARG 10  ? CG  ? A ARG 10  CG  
2  1 Y 1 A ARG 10  ? CD  ? A ARG 10  CD  
3  1 Y 1 A ARG 10  ? NE  ? A ARG 10  NE  
4  1 Y 1 A ARG 10  ? CZ  ? A ARG 10  CZ  
5  1 Y 1 A ARG 10  ? NH1 ? A ARG 10  NH1 
6  1 Y 1 A ARG 10  ? NH2 ? A ARG 10  NH2 
7  1 Y 1 A GLU 16  ? CG  ? A GLU 16  CG  
8  1 Y 1 A GLU 16  ? CD  ? A GLU 16  CD  
9  1 Y 1 A GLU 16  ? OE1 ? A GLU 16  OE1 
10 1 Y 1 A GLU 16  ? OE2 ? A GLU 16  OE2 
11 1 Y 1 A ARG 24  ? CG  ? A ARG 24  CG  
12 1 Y 1 A ARG 24  ? CD  ? A ARG 24  CD  
13 1 Y 1 A ARG 24  ? NE  ? A ARG 24  NE  
14 1 Y 1 A ARG 24  ? CZ  ? A ARG 24  CZ  
15 1 Y 1 A ARG 24  ? NH1 ? A ARG 24  NH1 
16 1 Y 1 A ARG 24  ? NH2 ? A ARG 24  NH2 
17 1 Y 1 A ASP 50  ? CG  ? A ASP 50  CG  
18 1 Y 1 A ASP 50  ? OD1 ? A ASP 50  OD1 
19 1 Y 1 A ASP 50  ? OD2 ? A ASP 50  OD2 
20 1 Y 1 A ARG 51  ? CG  ? A ARG 51  CG  
21 1 Y 1 A ARG 51  ? CD  ? A ARG 51  CD  
22 1 Y 1 A ARG 51  ? NE  ? A ARG 51  NE  
23 1 Y 1 A ARG 51  ? CZ  ? A ARG 51  CZ  
24 1 Y 1 A ARG 51  ? NH1 ? A ARG 51  NH1 
25 1 Y 1 A ARG 51  ? NH2 ? A ARG 51  NH2 
26 1 Y 1 A ASP 52  ? CG  ? A ASP 52  CG  
27 1 Y 1 A ASP 52  ? OD1 ? A ASP 52  OD1 
28 1 Y 1 A ASP 52  ? OD2 ? A ASP 52  OD2 
29 1 Y 1 A ASP 53  ? CG  ? A ASP 53  CG  
30 1 Y 1 A ASP 53  ? OD1 ? A ASP 53  OD1 
31 1 Y 1 A ASP 53  ? OD2 ? A ASP 53  OD2 
32 1 Y 1 A SER 61  ? OG  ? A SER 61  OG  
33 1 Y 1 A MET 92  ? CG  ? A MET 92  CG  
34 1 Y 1 A MET 92  ? SD  ? A MET 92  SD  
35 1 Y 1 A MET 92  ? CE  ? A MET 92  CE  
36 1 Y 1 A HIS 93  ? CG  ? A HIS 93  CG  
37 1 Y 1 A HIS 93  ? ND1 ? A HIS 93  ND1 
38 1 Y 1 A HIS 93  ? CD2 ? A HIS 93  CD2 
39 1 Y 1 A HIS 93  ? CE1 ? A HIS 93  CE1 
40 1 Y 1 A HIS 93  ? NE2 ? A HIS 93  NE2 
41 1 Y 1 A GLU 94  ? CG  ? A GLU 94  CG  
42 1 Y 1 A GLU 94  ? CD  ? A GLU 94  CD  
43 1 Y 1 A GLU 94  ? OE1 ? A GLU 94  OE1 
44 1 Y 1 A GLU 94  ? OE2 ? A GLU 94  OE2 
45 1 Y 1 A GLN 171 ? CG  ? A GLN 171 CG  
46 1 Y 1 A GLN 171 ? CD  ? A GLN 171 CD  
47 1 Y 1 A GLN 171 ? OE1 ? A GLN 171 OE1 
48 1 Y 1 A GLN 171 ? NE2 ? A GLN 171 NE2 
49 1 Y 1 A GLU 175 ? CG  ? A GLU 175 CG  
50 1 Y 1 A GLU 175 ? CD  ? A GLU 175 CD  
51 1 Y 1 A GLU 175 ? OE1 ? A GLU 175 OE1 
52 1 Y 1 A GLU 175 ? OE2 ? A GLU 175 OE2 
53 1 Y 1 A LYS 206 ? CG  ? A LYS 206 CG  
54 1 Y 1 A LYS 206 ? CD  ? A LYS 206 CD  
55 1 Y 1 A LYS 206 ? CE  ? A LYS 206 CE  
56 1 Y 1 A LYS 206 ? NZ  ? A LYS 206 NZ  
57 1 Y 1 A GLN 209 ? CG  ? A GLN 209 CG  
58 1 Y 1 A GLN 209 ? CD  ? A GLN 209 CD  
59 1 Y 1 A GLN 209 ? OE1 ? A GLN 209 OE1 
60 1 Y 1 A GLN 209 ? NE2 ? A GLN 209 NE2 
# 
loop_
_software.name 
_software.classification 
_software.version 
_software.citation_id 
_software.pdbx_ordinal 
PHASES phasing          .     ? 1 
X-PLOR 'model building' 3.851 ? 2 
X-PLOR refinement       3.851 ? 3 
XENGEN 'data reduction' .     ? 4 
XENGEN 'data scaling'   .     ? 5 
X-PLOR phasing          3.851 ? 6 
# 
_cell.entry_id           1XAT 
_cell.length_a           154.800 
_cell.length_b           154.800 
_cell.length_c           154.800 
_cell.angle_alpha        90.00 
_cell.angle_beta         90.00 
_cell.angle_gamma        90.00 
_cell.Z_PDB              24 
_cell.pdbx_unique_axis   ? 
# 
_symmetry.entry_id                         1XAT 
_symmetry.space_group_name_H-M             'P 41 3 2' 
_symmetry.pdbx_full_space_group_name_H-M   ? 
_symmetry.cell_setting                     ? 
_symmetry.Int_Tables_number                213 
# 
_exptl.entry_id          1XAT 
_exptl.method            'X-RAY DIFFRACTION' 
_exptl.crystals_number   1 
# 
_exptl_crystal.id                    1 
_exptl_crystal.density_meas          ? 
_exptl_crystal.density_Matthews      6.6 
_exptl_crystal.density_percent_sol   79. 
_exptl_crystal.description           ? 
# 
_exptl_crystal_grow.crystal_id      1 
_exptl_crystal_grow.method          ? 
_exptl_crystal_grow.temp            ? 
_exptl_crystal_grow.temp_details    ? 
_exptl_crystal_grow.pH              8.5 
_exptl_crystal_grow.pdbx_pH_range   ? 
_exptl_crystal_grow.pdbx_details    '10-20% POLYETHYLENEGLYCOL MONOMETHYL ETHER 2000, 100 MM TRIS, PH 8.5, 10 MM NICL2' 
# 
_diffrn.id                     1 
_diffrn.ambient_temp           295 
_diffrn.ambient_temp_details   ? 
_diffrn.crystal_id             1 
# 
_diffrn_detector.diffrn_id              1 
_diffrn_detector.detector               'AREA DETECTOR' 
_diffrn_detector.type                   SIEMENS 
_diffrn_detector.pdbx_collection_date   1997-08 
_diffrn_detector.details                ? 
# 
_diffrn_radiation.diffrn_id                        1 
_diffrn_radiation.wavelength_id                    1 
_diffrn_radiation.pdbx_monochromatic_or_laue_m_l   M 
_diffrn_radiation.monochromator                    'GRAPHITE(002)' 
_diffrn_radiation.pdbx_diffrn_protocol             ? 
_diffrn_radiation.pdbx_scattering_type             x-ray 
# 
_diffrn_radiation_wavelength.id           1 
_diffrn_radiation_wavelength.wavelength   1.5418 
_diffrn_radiation_wavelength.wt           1.0 
# 
_diffrn_source.diffrn_id                   1 
_diffrn_source.source                      'ROTATING ANODE' 
_diffrn_source.type                        'RIGAKU RUH2R' 
_diffrn_source.pdbx_synchrotron_site       ? 
_diffrn_source.pdbx_synchrotron_beamline   ? 
_diffrn_source.pdbx_wavelength             1.5418 
_diffrn_source.pdbx_wavelength_list        ? 
# 
_reflns.entry_id                     1XAT 
_reflns.observed_criterion_sigma_I   ? 
_reflns.observed_criterion_sigma_F   ? 
_reflns.d_resolution_low             99.0 
_reflns.d_resolution_high            3.2 
_reflns.number_obs                   10448 
_reflns.number_all                   ? 
_reflns.percent_possible_obs         95.1 
_reflns.pdbx_Rmerge_I_obs            0.0780000 
_reflns.pdbx_Rsym_value              0.0780000 
_reflns.pdbx_netI_over_sigmaI        13.6 
_reflns.B_iso_Wilson_estimate        24.8 
_reflns.pdbx_redundancy              3.2 
_reflns.pdbx_ordinal                 1 
_reflns.pdbx_diffrn_id               1 
# 
_reflns_shell.d_res_high             3.20 
_reflns_shell.d_res_low              3.30 
_reflns_shell.percent_possible_all   91.1 
_reflns_shell.Rmerge_I_obs           0.1650000 
_reflns_shell.pdbx_Rsym_value        0.1650000 
_reflns_shell.meanI_over_sigI_obs    8.0 
_reflns_shell.pdbx_redundancy        2.9 
_reflns_shell.pdbx_ordinal           1 
_reflns_shell.pdbx_diffrn_id         1 
# 
_refine.entry_id                                 1XAT 
_refine.ls_number_reflns_obs                     9685 
_refine.ls_number_reflns_all                     ? 
_refine.pdbx_ls_sigma_I                          ? 
_refine.pdbx_ls_sigma_F                          0.0 
_refine.pdbx_data_cutoff_high_absF               10000000.00 
_refine.pdbx_data_cutoff_low_absF                0.00100 
_refine.pdbx_data_cutoff_high_rms_absF           ? 
_refine.ls_d_res_low                             8.00 
_refine.ls_d_res_high                            3.20 
_refine.ls_percent_reflns_obs                    95.1 
_refine.ls_R_factor_obs                          0.2210000 
_refine.ls_R_factor_all                          ? 
_refine.ls_R_factor_R_work                       0.2210000 
_refine.ls_R_factor_R_free                       0.2590000 
_refine.ls_R_factor_R_free_error                 0.011 
_refine.ls_R_factor_R_free_error_details         ? 
_refine.ls_percent_reflns_R_free                 5.3 
_refine.ls_number_reflns_R_free                  510 
_refine.ls_number_parameters                     ? 
_refine.ls_number_restraints                     ? 
_refine.occupancy_min                            ? 
_refine.occupancy_max                            ? 
_refine.B_iso_mean                               21.7 
_refine.aniso_B[1][1]                            ? 
_refine.aniso_B[2][2]                            ? 
_refine.aniso_B[3][3]                            ? 
_refine.aniso_B[1][2]                            ? 
_refine.aniso_B[1][3]                            ? 
_refine.aniso_B[2][3]                            ? 
_refine.solvent_model_details                    ? 
_refine.solvent_model_param_ksol                 ? 
_refine.solvent_model_param_bsol                 ? 
_refine.pdbx_ls_cross_valid_method               THROUGHOUT 
_refine.details                                  ? 
_refine.pdbx_starting_model                      ? 
_refine.pdbx_method_to_determine_struct          MIR 
_refine.pdbx_isotropic_thermal_model             GROUP 
_refine.pdbx_stereochemistry_target_values       ? 
_refine.pdbx_stereochem_target_val_spec_case     ? 
_refine.pdbx_R_Free_selection_details            RANDOM 
_refine.pdbx_overall_ESU_R                       ? 
_refine.pdbx_overall_ESU_R_Free                  ? 
_refine.overall_SU_ML                            ? 
_refine.overall_SU_B                             ? 
_refine.pdbx_refine_id                           'X-RAY DIFFRACTION' 
_refine.pdbx_diffrn_id                           1 
_refine.pdbx_TLS_residual_ADP_flag               ? 
_refine.correlation_coeff_Fo_to_Fc               ? 
_refine.correlation_coeff_Fo_to_Fc_free          ? 
_refine.pdbx_solvent_vdw_probe_radii             ? 
_refine.pdbx_solvent_ion_probe_radii             ? 
_refine.pdbx_solvent_shrinkage_radii             ? 
_refine.pdbx_overall_phase_error                 ? 
_refine.overall_SU_R_Cruickshank_DPI             ? 
_refine.pdbx_overall_SU_R_free_Cruickshank_DPI   ? 
_refine.pdbx_overall_SU_R_Blow_DPI               ? 
_refine.pdbx_overall_SU_R_free_Blow_DPI          ? 
# 
_refine_analyze.entry_id                        1XAT 
_refine_analyze.Luzzati_coordinate_error_obs    0.33 
_refine_analyze.Luzzati_sigma_a_obs             0.17 
_refine_analyze.Luzzati_d_res_low_obs           8.00 
_refine_analyze.Luzzati_coordinate_error_free   0.40 
_refine_analyze.Luzzati_sigma_a_free            0.12 
_refine_analyze.Luzzati_d_res_low_free          ? 
_refine_analyze.number_disordered_residues      ? 
_refine_analyze.occupancy_sum_hydrogen          ? 
_refine_analyze.occupancy_sum_non_hydrogen      ? 
_refine_analyze.pdbx_refine_id                  'X-RAY DIFFRACTION' 
# 
_refine_hist.pdbx_refine_id                   'X-RAY DIFFRACTION' 
_refine_hist.cycle_id                         LAST 
_refine_hist.pdbx_number_atoms_protein        1572 
_refine_hist.pdbx_number_atoms_nucleic_acid   0 
_refine_hist.pdbx_number_atoms_ligand         0 
_refine_hist.number_atoms_solvent             0 
_refine_hist.number_atoms_total               1572 
_refine_hist.d_res_high                       3.20 
_refine_hist.d_res_low                        8.00 
# 
loop_
_refine_ls_restr.type 
_refine_ls_restr.dev_ideal 
_refine_ls_restr.dev_ideal_target 
_refine_ls_restr.weight 
_refine_ls_restr.number 
_refine_ls_restr.pdbx_refine_id 
_refine_ls_restr.pdbx_restraint_function 
x_bond_d                0.009 ? ? ? 'X-RAY DIFFRACTION' ? 
x_bond_d_na             ?     ? ? ? 'X-RAY DIFFRACTION' ? 
x_bond_d_prot           ?     ? ? ? 'X-RAY DIFFRACTION' ? 
x_angle_d               ?     ? ? ? 'X-RAY DIFFRACTION' ? 
x_angle_d_na            ?     ? ? ? 'X-RAY DIFFRACTION' ? 
x_angle_d_prot          ?     ? ? ? 'X-RAY DIFFRACTION' ? 
x_angle_deg             1.4   ? ? ? 'X-RAY DIFFRACTION' ? 
x_angle_deg_na          ?     ? ? ? 'X-RAY DIFFRACTION' ? 
x_angle_deg_prot        ?     ? ? ? 'X-RAY DIFFRACTION' ? 
x_dihedral_angle_d      27.1  ? ? ? 'X-RAY DIFFRACTION' ? 
x_dihedral_angle_d_na   ?     ? ? ? 'X-RAY DIFFRACTION' ? 
x_dihedral_angle_d_prot ?     ? ? ? 'X-RAY DIFFRACTION' ? 
x_improper_angle_d      0.64  ? ? ? 'X-RAY DIFFRACTION' ? 
x_improper_angle_d_na   ?     ? ? ? 'X-RAY DIFFRACTION' ? 
x_improper_angle_d_prot ?     ? ? ? 'X-RAY DIFFRACTION' ? 
x_mcbond_it             ?     ? ? ? 'X-RAY DIFFRACTION' ? 
x_mcangle_it            ?     ? ? ? 'X-RAY DIFFRACTION' ? 
x_scbond_it             ?     ? ? ? 'X-RAY DIFFRACTION' ? 
x_scangle_it            ?     ? ? ? 'X-RAY DIFFRACTION' ? 
# 
_refine_ls_shell.pdbx_total_number_of_bins_used   6 
_refine_ls_shell.d_res_high                       3.20 
_refine_ls_shell.d_res_low                        3.39 
_refine_ls_shell.number_reflns_R_work             1393 
_refine_ls_shell.R_factor_R_work                  0.2640000 
_refine_ls_shell.percent_reflns_obs               87.3 
_refine_ls_shell.R_factor_R_free                  0.2770000 
_refine_ls_shell.R_factor_R_free_error            0.034 
_refine_ls_shell.percent_reflns_R_free            4.5 
_refine_ls_shell.number_reflns_R_free             66 
_refine_ls_shell.pdbx_refine_id                   'X-RAY DIFFRACTION' 
_refine_ls_shell.number_reflns_all                ? 
_refine_ls_shell.R_factor_all                     ? 
# 
loop_
_pdbx_xplor_file.serial_no 
_pdbx_xplor_file.param_file 
_pdbx_xplor_file.topol_file 
_pdbx_xplor_file.pdbx_refine_id 
1 PARHCSDX.PRO TOPHCSDX.PRO 'X-RAY DIFFRACTION' 
2 ?            ?            'X-RAY DIFFRACTION' 
# 
_struct.entry_id                  1XAT 
_struct.title                     'STRUCTURE OF THE HEXAPEPTIDE XENOBIOTIC ACETYLTRANSFERASE FROM PSEUDOMONAS AERUGINOSA' 
_struct.pdbx_model_details        ? 
_struct.pdbx_CASP_flag            ? 
_struct.pdbx_model_type_details   ? 
# 
_struct_keywords.entry_id        1XAT 
_struct_keywords.pdbx_keywords   ACETYLTRANSFERASE 
_struct_keywords.text            'ACETYLTRANSFERASE, XENOBIOTIC, CHLORAMPHENICOL, LEFT-HANDED BETA HELIX' 
# 
_struct_asym.id                            A 
_struct_asym.pdbx_blank_PDB_chainid_flag   N 
_struct_asym.pdbx_modified                 N 
_struct_asym.entity_id                     1 
_struct_asym.details                       ? 
# 
_struct_ref.id                         1 
_struct_ref.db_name                    UNP 
_struct_ref.db_code                    CAT4_PSEAE 
_struct_ref.entity_id                  1 
_struct_ref.pdbx_db_accession          P26841 
_struct_ref.pdbx_align_begin           1 
_struct_ref.pdbx_seq_one_letter_code   
;MGNYFESPFRGKLLSEQVSNPNIRVGRYSYYSGYYHGHSFDDCARYLMPDRDDVDKLVIGSFCSIGSGAAFIMAGNQGHR
AEWASTFPFHFMHEEPVFAGAVNGYQPAGDTLIGHDVWIGTEAMFMPGVRVGHGAIIGSRALVTGDVEPYAIVGGNPART
IRKRFSDGDIQNLLEMAWWDWPLADIEAAMPLLCTGDIPALYRHWKQRQATA
;
_struct_ref.pdbx_db_isoform            ? 
# 
_struct_ref_seq.align_id                      1 
_struct_ref_seq.ref_id                        1 
_struct_ref_seq.pdbx_PDB_id_code              1XAT 
_struct_ref_seq.pdbx_strand_id                A 
_struct_ref_seq.seq_align_beg                 1 
_struct_ref_seq.pdbx_seq_align_beg_ins_code   ? 
_struct_ref_seq.seq_align_end                 212 
_struct_ref_seq.pdbx_seq_align_end_ins_code   ? 
_struct_ref_seq.pdbx_db_accession             P26841 
_struct_ref_seq.db_align_beg                  1 
_struct_ref_seq.pdbx_db_align_beg_ins_code    ? 
_struct_ref_seq.db_align_end                  212 
_struct_ref_seq.pdbx_db_align_end_ins_code    ? 
_struct_ref_seq.pdbx_auth_seq_align_beg       1 
_struct_ref_seq.pdbx_auth_seq_align_end       212 
# 
loop_
_struct_ref_seq_dif.align_id 
_struct_ref_seq_dif.pdbx_pdb_id_code 
_struct_ref_seq_dif.mon_id 
_struct_ref_seq_dif.pdbx_pdb_strand_id 
_struct_ref_seq_dif.seq_num 
_struct_ref_seq_dif.pdbx_pdb_ins_code 
_struct_ref_seq_dif.pdbx_seq_db_name 
_struct_ref_seq_dif.pdbx_seq_db_accession_code 
_struct_ref_seq_dif.db_mon_id 
_struct_ref_seq_dif.pdbx_seq_db_seq_num 
_struct_ref_seq_dif.details 
_struct_ref_seq_dif.pdbx_auth_seq_num 
_struct_ref_seq_dif.pdbx_ordinal 
1 1XAT ALA A 97  ? UNP P26841 VAL 97  conflict 97  1 
1 1XAT GLU A 116 ? UNP P26841 ASP 116 conflict 116 2 
1 1XAT GLN A 203 ? UNP P26841 ARG 203 conflict 203 3 
# 
_pdbx_struct_assembly.id                   1 
_pdbx_struct_assembly.details              author_and_software_defined_assembly 
_pdbx_struct_assembly.method_details       PISA,PQS 
_pdbx_struct_assembly.oligomeric_details   trimeric 
_pdbx_struct_assembly.oligomeric_count     3 
# 
loop_
_pdbx_struct_assembly_prop.biol_id 
_pdbx_struct_assembly_prop.type 
_pdbx_struct_assembly_prop.value 
_pdbx_struct_assembly_prop.details 
1 'ABSA (A^2)' 8600  ? 
1 MORE         -52   ? 
1 'SSA (A^2)'  24030 ? 
# 
_pdbx_struct_assembly_gen.assembly_id       1 
_pdbx_struct_assembly_gen.oper_expression   1,2,3 
_pdbx_struct_assembly_gen.asym_id_list      A 
# 
loop_
_pdbx_struct_oper_list.id 
_pdbx_struct_oper_list.type 
_pdbx_struct_oper_list.name 
_pdbx_struct_oper_list.symmetry_operation 
_pdbx_struct_oper_list.matrix[1][1] 
_pdbx_struct_oper_list.matrix[1][2] 
_pdbx_struct_oper_list.matrix[1][3] 
_pdbx_struct_oper_list.vector[1] 
_pdbx_struct_oper_list.matrix[2][1] 
_pdbx_struct_oper_list.matrix[2][2] 
_pdbx_struct_oper_list.matrix[2][3] 
_pdbx_struct_oper_list.vector[2] 
_pdbx_struct_oper_list.matrix[3][1] 
_pdbx_struct_oper_list.matrix[3][2] 
_pdbx_struct_oper_list.matrix[3][3] 
_pdbx_struct_oper_list.vector[3] 
1 'identity operation'         1_555 x,y,z 1.0000000000  0.0000000000  0.0000000000  0.0000000000  0.0000000000  1.0000000000 0.0000000000 0.0000000000   0.0000000000  0.0000000000 1.0000000000 0.0000000000  
2 'crystal symmetry operation' 5_555 z,x,y -0.4237157635 -0.8364565235 0.3475707640  10.8849512464 0.3794284314  0.1845276517 0.9066331183 -18.8055401379 -0.8224956032 0.5160329737 0.2391881118 21.5936495103 
3 'crystal symmetry operation' 9_555 y,z,x -0.4237157635 0.3794284314  -0.8224956032 29.5081638022 -0.8364565235 0.1845276517 0.5160329737 1.4318954693   0.3475707640  0.9066331183 0.2391881118 8.1014904231 
# 
_struct_biol.id   1 
# 
loop_
_struct_conf.conf_type_id 
_struct_conf.id 
_struct_conf.pdbx_PDB_helix_id 
_struct_conf.beg_label_comp_id 
_struct_conf.beg_label_asym_id 
_struct_conf.beg_label_seq_id 
_struct_conf.pdbx_beg_PDB_ins_code 
_struct_conf.end_label_comp_id 
_struct_conf.end_label_asym_id 
_struct_conf.end_label_seq_id 
_struct_conf.pdbx_end_PDB_ins_code 
_struct_conf.beg_auth_comp_id 
_struct_conf.beg_auth_asym_id 
_struct_conf.beg_auth_seq_id 
_struct_conf.end_auth_comp_id 
_struct_conf.end_auth_asym_id 
_struct_conf.end_auth_seq_id 
_struct_conf.pdbx_PDB_helix_class 
_struct_conf.details 
_struct_conf.pdbx_PDB_helix_length 
HELX_P HELX_P1 1 PHE A 40  ? CYS A 43  ? PHE A 40  CYS A 43  5 ? 4  
HELX_P HELX_P2 2 PHE A 89  ? PHE A 91  ? PHE A 89  PHE A 91  5 ? 3  
HELX_P HELX_P3 3 PRO A 96  ? GLY A 100 ? PRO A 96  GLY A 100 5 ? 5  
HELX_P HELX_P4 4 ASP A 167 ? MET A 176 ? ASP A 167 MET A 176 1 ? 10 
HELX_P HELX_P5 5 TRP A 178 ? ASP A 180 ? TRP A 178 ASP A 180 5 ? 3  
HELX_P HELX_P6 6 LEU A 183 ? LEU A 193 ? LEU A 183 LEU A 193 1 ? 11 
HELX_P HELX_P7 7 ILE A 198 ? ARG A 208 ? ILE A 198 ARG A 208 1 ? 11 
# 
_struct_conf_type.id          HELX_P 
_struct_conf_type.criteria    ? 
_struct_conf_type.reference   ? 
# 
_struct_mon_prot_cis.pdbx_id                1 
_struct_mon_prot_cis.label_comp_id          ASN 
_struct_mon_prot_cis.label_seq_id           156 
_struct_mon_prot_cis.label_asym_id          A 
_struct_mon_prot_cis.label_alt_id           . 
_struct_mon_prot_cis.pdbx_PDB_ins_code      ? 
_struct_mon_prot_cis.auth_comp_id           ASN 
_struct_mon_prot_cis.auth_seq_id            156 
_struct_mon_prot_cis.auth_asym_id           A 
_struct_mon_prot_cis.pdbx_label_comp_id_2   PRO 
_struct_mon_prot_cis.pdbx_label_seq_id_2    157 
_struct_mon_prot_cis.pdbx_label_asym_id_2   A 
_struct_mon_prot_cis.pdbx_PDB_ins_code_2    ? 
_struct_mon_prot_cis.pdbx_auth_comp_id_2    PRO 
_struct_mon_prot_cis.pdbx_auth_seq_id_2     157 
_struct_mon_prot_cis.pdbx_auth_asym_id_2    A 
_struct_mon_prot_cis.pdbx_PDB_model_num     1 
_struct_mon_prot_cis.pdbx_omega_angle       0.22 
# 
loop_
_struct_sheet.id 
_struct_sheet.type 
_struct_sheet.number_strands 
_struct_sheet.details 
A ? 3 ? 
B ? 2 ? 
# 
loop_
_struct_sheet_order.sheet_id 
_struct_sheet_order.range_id_1 
_struct_sheet_order.range_id_2 
_struct_sheet_order.offset 
_struct_sheet_order.sense 
A 1 2 ? parallel      
A 2 3 ? parallel      
B 1 2 ? anti-parallel 
# 
loop_
_struct_sheet_range.sheet_id 
_struct_sheet_range.id 
_struct_sheet_range.beg_label_comp_id 
_struct_sheet_range.beg_label_asym_id 
_struct_sheet_range.beg_label_seq_id 
_struct_sheet_range.pdbx_beg_PDB_ins_code 
_struct_sheet_range.end_label_comp_id 
_struct_sheet_range.end_label_asym_id 
_struct_sheet_range.end_label_seq_id 
_struct_sheet_range.pdbx_end_PDB_ins_code 
_struct_sheet_range.beg_auth_comp_id 
_struct_sheet_range.beg_auth_asym_id 
_struct_sheet_range.beg_auth_seq_id 
_struct_sheet_range.end_auth_comp_id 
_struct_sheet_range.end_auth_asym_id 
_struct_sheet_range.end_auth_seq_id 
A 1 ILE A 23  ? VAL A 25  ? ILE A 23  VAL A 25  
A 2 LEU A 57  ? ILE A 59  ? LEU A 57  ILE A 59  
A 3 THR A 111 ? ILE A 113 ? THR A 111 ILE A 113 
B 1 ALA A 151 ? GLY A 154 ? ALA A 151 GLY A 154 
B 2 ARG A 159 ? LYS A 163 ? ARG A 159 LYS A 163 
# 
loop_
_pdbx_struct_sheet_hbond.sheet_id 
_pdbx_struct_sheet_hbond.range_id_1 
_pdbx_struct_sheet_hbond.range_id_2 
_pdbx_struct_sheet_hbond.range_1_label_atom_id 
_pdbx_struct_sheet_hbond.range_1_label_comp_id 
_pdbx_struct_sheet_hbond.range_1_label_asym_id 
_pdbx_struct_sheet_hbond.range_1_label_seq_id 
_pdbx_struct_sheet_hbond.range_1_PDB_ins_code 
_pdbx_struct_sheet_hbond.range_1_auth_atom_id 
_pdbx_struct_sheet_hbond.range_1_auth_comp_id 
_pdbx_struct_sheet_hbond.range_1_auth_asym_id 
_pdbx_struct_sheet_hbond.range_1_auth_seq_id 
_pdbx_struct_sheet_hbond.range_2_label_atom_id 
_pdbx_struct_sheet_hbond.range_2_label_comp_id 
_pdbx_struct_sheet_hbond.range_2_label_asym_id 
_pdbx_struct_sheet_hbond.range_2_label_seq_id 
_pdbx_struct_sheet_hbond.range_2_PDB_ins_code 
_pdbx_struct_sheet_hbond.range_2_auth_atom_id 
_pdbx_struct_sheet_hbond.range_2_auth_comp_id 
_pdbx_struct_sheet_hbond.range_2_auth_asym_id 
_pdbx_struct_sheet_hbond.range_2_auth_seq_id 
A 1 2 O ARG A 24  ? O ARG A 24  N LEU A 57  ? N LEU A 57  
A 2 3 O VAL A 58  ? O VAL A 58  N THR A 111 ? N THR A 111 
B 1 2 O ILE A 152 ? O ILE A 152 N ARG A 162 ? N ARG A 162 
# 
loop_
_pdbx_validate_torsion.id 
_pdbx_validate_torsion.PDB_model_num 
_pdbx_validate_torsion.auth_comp_id 
_pdbx_validate_torsion.auth_asym_id 
_pdbx_validate_torsion.auth_seq_id 
_pdbx_validate_torsion.PDB_ins_code 
_pdbx_validate_torsion.label_alt_id 
_pdbx_validate_torsion.phi 
_pdbx_validate_torsion.psi 
1  1 GLN A 17  ? ? -152.03 -19.08  
2  1 SER A 19  ? ? -147.88 -26.04  
3  1 TYR A 28  ? ? 66.07   -12.92  
4  1 MET A 73  ? ? -117.16 -167.94 
5  1 ALA A 74  ? ? 70.64   34.36   
6  1 HIS A 93  ? ? -38.36  -75.26  
7  1 GLU A 94  ? ? -24.45  -65.91  
8  1 GLU A 95  ? ? -51.17  108.00  
9  1 GLU A 122 ? ? 58.73   17.33   
10 1 ALA A 135 ? ? -46.05  151.51  
11 1 ARG A 140 ? ? 58.30   2.34    
12 1 ARG A 162 ? ? 164.11  166.31  
13 1 ALA A 177 ? ? 33.23   67.17   
# 
loop_
_pdbx_unobs_or_zero_occ_residues.id 
_pdbx_unobs_or_zero_occ_residues.PDB_model_num 
_pdbx_unobs_or_zero_occ_residues.polymer_flag 
_pdbx_unobs_or_zero_occ_residues.occupancy_flag 
_pdbx_unobs_or_zero_occ_residues.auth_asym_id 
_pdbx_unobs_or_zero_occ_residues.auth_comp_id 
_pdbx_unobs_or_zero_occ_residues.auth_seq_id 
_pdbx_unobs_or_zero_occ_residues.PDB_ins_code 
_pdbx_unobs_or_zero_occ_residues.label_asym_id 
_pdbx_unobs_or_zero_occ_residues.label_comp_id 
_pdbx_unobs_or_zero_occ_residues.label_seq_id 
1 1 Y 1 A MET 1   ? A MET 1   
2 1 Y 1 A GLY 2   ? A GLY 2   
3 1 Y 1 A THR 211 ? A THR 211 
4 1 Y 1 A ALA 212 ? A ALA 212 
# 
loop_
_chem_comp_atom.comp_id 
_chem_comp_atom.atom_id 
_chem_comp_atom.type_symbol 
_chem_comp_atom.pdbx_aromatic_flag 
_chem_comp_atom.pdbx_stereo_config 
_chem_comp_atom.pdbx_ordinal 
ALA N    N N N 1   
ALA CA   C N S 2   
ALA C    C N N 3   
ALA O    O N N 4   
ALA CB   C N N 5   
ALA OXT  O N N 6   
ALA H    H N N 7   
ALA H2   H N N 8   
ALA HA   H N N 9   
ALA HB1  H N N 10  
ALA HB2  H N N 11  
ALA HB3  H N N 12  
ALA HXT  H N N 13  
ARG N    N N N 14  
ARG CA   C N S 15  
ARG C    C N N 16  
ARG O    O N N 17  
ARG CB   C N N 18  
ARG CG   C N N 19  
ARG CD   C N N 20  
ARG NE   N N N 21  
ARG CZ   C N N 22  
ARG NH1  N N N 23  
ARG NH2  N N N 24  
ARG OXT  O N N 25  
ARG H    H N N 26  
ARG H2   H N N 27  
ARG HA   H N N 28  
ARG HB2  H N N 29  
ARG HB3  H N N 30  
ARG HG2  H N N 31  
ARG HG3  H N N 32  
ARG HD2  H N N 33  
ARG HD3  H N N 34  
ARG HE   H N N 35  
ARG HH11 H N N 36  
ARG HH12 H N N 37  
ARG HH21 H N N 38  
ARG HH22 H N N 39  
ARG HXT  H N N 40  
ASN N    N N N 41  
ASN CA   C N S 42  
ASN C    C N N 43  
ASN O    O N N 44  
ASN CB   C N N 45  
ASN CG   C N N 46  
ASN OD1  O N N 47  
ASN ND2  N N N 48  
ASN OXT  O N N 49  
ASN H    H N N 50  
ASN H2   H N N 51  
ASN HA   H N N 52  
ASN HB2  H N N 53  
ASN HB3  H N N 54  
ASN HD21 H N N 55  
ASN HD22 H N N 56  
ASN HXT  H N N 57  
ASP N    N N N 58  
ASP CA   C N S 59  
ASP C    C N N 60  
ASP O    O N N 61  
ASP CB   C N N 62  
ASP CG   C N N 63  
ASP OD1  O N N 64  
ASP OD2  O N N 65  
ASP OXT  O N N 66  
ASP H    H N N 67  
ASP H2   H N N 68  
ASP HA   H N N 69  
ASP HB2  H N N 70  
ASP HB3  H N N 71  
ASP HD2  H N N 72  
ASP HXT  H N N 73  
CYS N    N N N 74  
CYS CA   C N R 75  
CYS C    C N N 76  
CYS O    O N N 77  
CYS CB   C N N 78  
CYS SG   S N N 79  
CYS OXT  O N N 80  
CYS H    H N N 81  
CYS H2   H N N 82  
CYS HA   H N N 83  
CYS HB2  H N N 84  
CYS HB3  H N N 85  
CYS HG   H N N 86  
CYS HXT  H N N 87  
GLN N    N N N 88  
GLN CA   C N S 89  
GLN C    C N N 90  
GLN O    O N N 91  
GLN CB   C N N 92  
GLN CG   C N N 93  
GLN CD   C N N 94  
GLN OE1  O N N 95  
GLN NE2  N N N 96  
GLN OXT  O N N 97  
GLN H    H N N 98  
GLN H2   H N N 99  
GLN HA   H N N 100 
GLN HB2  H N N 101 
GLN HB3  H N N 102 
GLN HG2  H N N 103 
GLN HG3  H N N 104 
GLN HE21 H N N 105 
GLN HE22 H N N 106 
GLN HXT  H N N 107 
GLU N    N N N 108 
GLU CA   C N S 109 
GLU C    C N N 110 
GLU O    O N N 111 
GLU CB   C N N 112 
GLU CG   C N N 113 
GLU CD   C N N 114 
GLU OE1  O N N 115 
GLU OE2  O N N 116 
GLU OXT  O N N 117 
GLU H    H N N 118 
GLU H2   H N N 119 
GLU HA   H N N 120 
GLU HB2  H N N 121 
GLU HB3  H N N 122 
GLU HG2  H N N 123 
GLU HG3  H N N 124 
GLU HE2  H N N 125 
GLU HXT  H N N 126 
GLY N    N N N 127 
GLY CA   C N N 128 
GLY C    C N N 129 
GLY O    O N N 130 
GLY OXT  O N N 131 
GLY H    H N N 132 
GLY H2   H N N 133 
GLY HA2  H N N 134 
GLY HA3  H N N 135 
GLY HXT  H N N 136 
HIS N    N N N 137 
HIS CA   C N S 138 
HIS C    C N N 139 
HIS O    O N N 140 
HIS CB   C N N 141 
HIS CG   C Y N 142 
HIS ND1  N Y N 143 
HIS CD2  C Y N 144 
HIS CE1  C Y N 145 
HIS NE2  N Y N 146 
HIS OXT  O N N 147 
HIS H    H N N 148 
HIS H2   H N N 149 
HIS HA   H N N 150 
HIS HB2  H N N 151 
HIS HB3  H N N 152 
HIS HD1  H N N 153 
HIS HD2  H N N 154 
HIS HE1  H N N 155 
HIS HE2  H N N 156 
HIS HXT  H N N 157 
ILE N    N N N 158 
ILE CA   C N S 159 
ILE C    C N N 160 
ILE O    O N N 161 
ILE CB   C N S 162 
ILE CG1  C N N 163 
ILE CG2  C N N 164 
ILE CD1  C N N 165 
ILE OXT  O N N 166 
ILE H    H N N 167 
ILE H2   H N N 168 
ILE HA   H N N 169 
ILE HB   H N N 170 
ILE HG12 H N N 171 
ILE HG13 H N N 172 
ILE HG21 H N N 173 
ILE HG22 H N N 174 
ILE HG23 H N N 175 
ILE HD11 H N N 176 
ILE HD12 H N N 177 
ILE HD13 H N N 178 
ILE HXT  H N N 179 
LEU N    N N N 180 
LEU CA   C N S 181 
LEU C    C N N 182 
LEU O    O N N 183 
LEU CB   C N N 184 
LEU CG   C N N 185 
LEU CD1  C N N 186 
LEU CD2  C N N 187 
LEU OXT  O N N 188 
LEU H    H N N 189 
LEU H2   H N N 190 
LEU HA   H N N 191 
LEU HB2  H N N 192 
LEU HB3  H N N 193 
LEU HG   H N N 194 
LEU HD11 H N N 195 
LEU HD12 H N N 196 
LEU HD13 H N N 197 
LEU HD21 H N N 198 
LEU HD22 H N N 199 
LEU HD23 H N N 200 
LEU HXT  H N N 201 
LYS N    N N N 202 
LYS CA   C N S 203 
LYS C    C N N 204 
LYS O    O N N 205 
LYS CB   C N N 206 
LYS CG   C N N 207 
LYS CD   C N N 208 
LYS CE   C N N 209 
LYS NZ   N N N 210 
LYS OXT  O N N 211 
LYS H    H N N 212 
LYS H2   H N N 213 
LYS HA   H N N 214 
LYS HB2  H N N 215 
LYS HB3  H N N 216 
LYS HG2  H N N 217 
LYS HG3  H N N 218 
LYS HD2  H N N 219 
LYS HD3  H N N 220 
LYS HE2  H N N 221 
LYS HE3  H N N 222 
LYS HZ1  H N N 223 
LYS HZ2  H N N 224 
LYS HZ3  H N N 225 
LYS HXT  H N N 226 
MET N    N N N 227 
MET CA   C N S 228 
MET C    C N N 229 
MET O    O N N 230 
MET CB   C N N 231 
MET CG   C N N 232 
MET SD   S N N 233 
MET CE   C N N 234 
MET OXT  O N N 235 
MET H    H N N 236 
MET H2   H N N 237 
MET HA   H N N 238 
MET HB2  H N N 239 
MET HB3  H N N 240 
MET HG2  H N N 241 
MET HG3  H N N 242 
MET HE1  H N N 243 
MET HE2  H N N 244 
MET HE3  H N N 245 
MET HXT  H N N 246 
PHE N    N N N 247 
PHE CA   C N S 248 
PHE C    C N N 249 
PHE O    O N N 250 
PHE CB   C N N 251 
PHE CG   C Y N 252 
PHE CD1  C Y N 253 
PHE CD2  C Y N 254 
PHE CE1  C Y N 255 
PHE CE2  C Y N 256 
PHE CZ   C Y N 257 
PHE OXT  O N N 258 
PHE H    H N N 259 
PHE H2   H N N 260 
PHE HA   H N N 261 
PHE HB2  H N N 262 
PHE HB3  H N N 263 
PHE HD1  H N N 264 
PHE HD2  H N N 265 
PHE HE1  H N N 266 
PHE HE2  H N N 267 
PHE HZ   H N N 268 
PHE HXT  H N N 269 
PRO N    N N N 270 
PRO CA   C N S 271 
PRO C    C N N 272 
PRO O    O N N 273 
PRO CB   C N N 274 
PRO CG   C N N 275 
PRO CD   C N N 276 
PRO OXT  O N N 277 
PRO H    H N N 278 
PRO HA   H N N 279 
PRO HB2  H N N 280 
PRO HB3  H N N 281 
PRO HG2  H N N 282 
PRO HG3  H N N 283 
PRO HD2  H N N 284 
PRO HD3  H N N 285 
PRO HXT  H N N 286 
SER N    N N N 287 
SER CA   C N S 288 
SER C    C N N 289 
SER O    O N N 290 
SER CB   C N N 291 
SER OG   O N N 292 
SER OXT  O N N 293 
SER H    H N N 294 
SER H2   H N N 295 
SER HA   H N N 296 
SER HB2  H N N 297 
SER HB3  H N N 298 
SER HG   H N N 299 
SER HXT  H N N 300 
THR N    N N N 301 
THR CA   C N S 302 
THR C    C N N 303 
THR O    O N N 304 
THR CB   C N R 305 
THR OG1  O N N 306 
THR CG2  C N N 307 
THR OXT  O N N 308 
THR H    H N N 309 
THR H2   H N N 310 
THR HA   H N N 311 
THR HB   H N N 312 
THR HG1  H N N 313 
THR HG21 H N N 314 
THR HG22 H N N 315 
THR HG23 H N N 316 
THR HXT  H N N 317 
TRP N    N N N 318 
TRP CA   C N S 319 
TRP C    C N N 320 
TRP O    O N N 321 
TRP CB   C N N 322 
TRP CG   C Y N 323 
TRP CD1  C Y N 324 
TRP CD2  C Y N 325 
TRP NE1  N Y N 326 
TRP CE2  C Y N 327 
TRP CE3  C Y N 328 
TRP CZ2  C Y N 329 
TRP CZ3  C Y N 330 
TRP CH2  C Y N 331 
TRP OXT  O N N 332 
TRP H    H N N 333 
TRP H2   H N N 334 
TRP HA   H N N 335 
TRP HB2  H N N 336 
TRP HB3  H N N 337 
TRP HD1  H N N 338 
TRP HE1  H N N 339 
TRP HE3  H N N 340 
TRP HZ2  H N N 341 
TRP HZ3  H N N 342 
TRP HH2  H N N 343 
TRP HXT  H N N 344 
TYR N    N N N 345 
TYR CA   C N S 346 
TYR C    C N N 347 
TYR O    O N N 348 
TYR CB   C N N 349 
TYR CG   C Y N 350 
TYR CD1  C Y N 351 
TYR CD2  C Y N 352 
TYR CE1  C Y N 353 
TYR CE2  C Y N 354 
TYR CZ   C Y N 355 
TYR OH   O N N 356 
TYR OXT  O N N 357 
TYR H    H N N 358 
TYR H2   H N N 359 
TYR HA   H N N 360 
TYR HB2  H N N 361 
TYR HB3  H N N 362 
TYR HD1  H N N 363 
TYR HD2  H N N 364 
TYR HE1  H N N 365 
TYR HE2  H N N 366 
TYR HH   H N N 367 
TYR HXT  H N N 368 
VAL N    N N N 369 
VAL CA   C N S 370 
VAL C    C N N 371 
VAL O    O N N 372 
VAL CB   C N N 373 
VAL CG1  C N N 374 
VAL CG2  C N N 375 
VAL OXT  O N N 376 
VAL H    H N N 377 
VAL H2   H N N 378 
VAL HA   H N N 379 
VAL HB   H N N 380 
VAL HG11 H N N 381 
VAL HG12 H N N 382 
VAL HG13 H N N 383 
VAL HG21 H N N 384 
VAL HG22 H N N 385 
VAL HG23 H N N 386 
VAL HXT  H N N 387 
# 
loop_
_chem_comp_bond.comp_id 
_chem_comp_bond.atom_id_1 
_chem_comp_bond.atom_id_2 
_chem_comp_bond.value_order 
_chem_comp_bond.pdbx_aromatic_flag 
_chem_comp_bond.pdbx_stereo_config 
_chem_comp_bond.pdbx_ordinal 
ALA N   CA   sing N N 1   
ALA N   H    sing N N 2   
ALA N   H2   sing N N 3   
ALA CA  C    sing N N 4   
ALA CA  CB   sing N N 5   
ALA CA  HA   sing N N 6   
ALA C   O    doub N N 7   
ALA C   OXT  sing N N 8   
ALA CB  HB1  sing N N 9   
ALA CB  HB2  sing N N 10  
ALA CB  HB3  sing N N 11  
ALA OXT HXT  sing N N 12  
ARG N   CA   sing N N 13  
ARG N   H    sing N N 14  
ARG N   H2   sing N N 15  
ARG CA  C    sing N N 16  
ARG CA  CB   sing N N 17  
ARG CA  HA   sing N N 18  
ARG C   O    doub N N 19  
ARG C   OXT  sing N N 20  
ARG CB  CG   sing N N 21  
ARG CB  HB2  sing N N 22  
ARG CB  HB3  sing N N 23  
ARG CG  CD   sing N N 24  
ARG CG  HG2  sing N N 25  
ARG CG  HG3  sing N N 26  
ARG CD  NE   sing N N 27  
ARG CD  HD2  sing N N 28  
ARG CD  HD3  sing N N 29  
ARG NE  CZ   sing N N 30  
ARG NE  HE   sing N N 31  
ARG CZ  NH1  sing N N 32  
ARG CZ  NH2  doub N N 33  
ARG NH1 HH11 sing N N 34  
ARG NH1 HH12 sing N N 35  
ARG NH2 HH21 sing N N 36  
ARG NH2 HH22 sing N N 37  
ARG OXT HXT  sing N N 38  
ASN N   CA   sing N N 39  
ASN N   H    sing N N 40  
ASN N   H2   sing N N 41  
ASN CA  C    sing N N 42  
ASN CA  CB   sing N N 43  
ASN CA  HA   sing N N 44  
ASN C   O    doub N N 45  
ASN C   OXT  sing N N 46  
ASN CB  CG   sing N N 47  
ASN CB  HB2  sing N N 48  
ASN CB  HB3  sing N N 49  
ASN CG  OD1  doub N N 50  
ASN CG  ND2  sing N N 51  
ASN ND2 HD21 sing N N 52  
ASN ND2 HD22 sing N N 53  
ASN OXT HXT  sing N N 54  
ASP N   CA   sing N N 55  
ASP N   H    sing N N 56  
ASP N   H2   sing N N 57  
ASP CA  C    sing N N 58  
ASP CA  CB   sing N N 59  
ASP CA  HA   sing N N 60  
ASP C   O    doub N N 61  
ASP C   OXT  sing N N 62  
ASP CB  CG   sing N N 63  
ASP CB  HB2  sing N N 64  
ASP CB  HB3  sing N N 65  
ASP CG  OD1  doub N N 66  
ASP CG  OD2  sing N N 67  
ASP OD2 HD2  sing N N 68  
ASP OXT HXT  sing N N 69  
CYS N   CA   sing N N 70  
CYS N   H    sing N N 71  
CYS N   H2   sing N N 72  
CYS CA  C    sing N N 73  
CYS CA  CB   sing N N 74  
CYS CA  HA   sing N N 75  
CYS C   O    doub N N 76  
CYS C   OXT  sing N N 77  
CYS CB  SG   sing N N 78  
CYS CB  HB2  sing N N 79  
CYS CB  HB3  sing N N 80  
CYS SG  HG   sing N N 81  
CYS OXT HXT  sing N N 82  
GLN N   CA   sing N N 83  
GLN N   H    sing N N 84  
GLN N   H2   sing N N 85  
GLN CA  C    sing N N 86  
GLN CA  CB   sing N N 87  
GLN CA  HA   sing N N 88  
GLN C   O    doub N N 89  
GLN C   OXT  sing N N 90  
GLN CB  CG   sing N N 91  
GLN CB  HB2  sing N N 92  
GLN CB  HB3  sing N N 93  
GLN CG  CD   sing N N 94  
GLN CG  HG2  sing N N 95  
GLN CG  HG3  sing N N 96  
GLN CD  OE1  doub N N 97  
GLN CD  NE2  sing N N 98  
GLN NE2 HE21 sing N N 99  
GLN NE2 HE22 sing N N 100 
GLN OXT HXT  sing N N 101 
GLU N   CA   sing N N 102 
GLU N   H    sing N N 103 
GLU N   H2   sing N N 104 
GLU CA  C    sing N N 105 
GLU CA  CB   sing N N 106 
GLU CA  HA   sing N N 107 
GLU C   O    doub N N 108 
GLU C   OXT  sing N N 109 
GLU CB  CG   sing N N 110 
GLU CB  HB2  sing N N 111 
GLU CB  HB3  sing N N 112 
GLU CG  CD   sing N N 113 
GLU CG  HG2  sing N N 114 
GLU CG  HG3  sing N N 115 
GLU CD  OE1  doub N N 116 
GLU CD  OE2  sing N N 117 
GLU OE2 HE2  sing N N 118 
GLU OXT HXT  sing N N 119 
GLY N   CA   sing N N 120 
GLY N   H    sing N N 121 
GLY N   H2   sing N N 122 
GLY CA  C    sing N N 123 
GLY CA  HA2  sing N N 124 
GLY CA  HA3  sing N N 125 
GLY C   O    doub N N 126 
GLY C   OXT  sing N N 127 
GLY OXT HXT  sing N N 128 
HIS N   CA   sing N N 129 
HIS N   H    sing N N 130 
HIS N   H2   sing N N 131 
HIS CA  C    sing N N 132 
HIS CA  CB   sing N N 133 
HIS CA  HA   sing N N 134 
HIS C   O    doub N N 135 
HIS C   OXT  sing N N 136 
HIS CB  CG   sing N N 137 
HIS CB  HB2  sing N N 138 
HIS CB  HB3  sing N N 139 
HIS CG  ND1  sing Y N 140 
HIS CG  CD2  doub Y N 141 
HIS ND1 CE1  doub Y N 142 
HIS ND1 HD1  sing N N 143 
HIS CD2 NE2  sing Y N 144 
HIS CD2 HD2  sing N N 145 
HIS CE1 NE2  sing Y N 146 
HIS CE1 HE1  sing N N 147 
HIS NE2 HE2  sing N N 148 
HIS OXT HXT  sing N N 149 
ILE N   CA   sing N N 150 
ILE N   H    sing N N 151 
ILE N   H2   sing N N 152 
ILE CA  C    sing N N 153 
ILE CA  CB   sing N N 154 
ILE CA  HA   sing N N 155 
ILE C   O    doub N N 156 
ILE C   OXT  sing N N 157 
ILE CB  CG1  sing N N 158 
ILE CB  CG2  sing N N 159 
ILE CB  HB   sing N N 160 
ILE CG1 CD1  sing N N 161 
ILE CG1 HG12 sing N N 162 
ILE CG1 HG13 sing N N 163 
ILE CG2 HG21 sing N N 164 
ILE CG2 HG22 sing N N 165 
ILE CG2 HG23 sing N N 166 
ILE CD1 HD11 sing N N 167 
ILE CD1 HD12 sing N N 168 
ILE CD1 HD13 sing N N 169 
ILE OXT HXT  sing N N 170 
LEU N   CA   sing N N 171 
LEU N   H    sing N N 172 
LEU N   H2   sing N N 173 
LEU CA  C    sing N N 174 
LEU CA  CB   sing N N 175 
LEU CA  HA   sing N N 176 
LEU C   O    doub N N 177 
LEU C   OXT  sing N N 178 
LEU CB  CG   sing N N 179 
LEU CB  HB2  sing N N 180 
LEU CB  HB3  sing N N 181 
LEU CG  CD1  sing N N 182 
LEU CG  CD2  sing N N 183 
LEU CG  HG   sing N N 184 
LEU CD1 HD11 sing N N 185 
LEU CD1 HD12 sing N N 186 
LEU CD1 HD13 sing N N 187 
LEU CD2 HD21 sing N N 188 
LEU CD2 HD22 sing N N 189 
LEU CD2 HD23 sing N N 190 
LEU OXT HXT  sing N N 191 
LYS N   CA   sing N N 192 
LYS N   H    sing N N 193 
LYS N   H2   sing N N 194 
LYS CA  C    sing N N 195 
LYS CA  CB   sing N N 196 
LYS CA  HA   sing N N 197 
LYS C   O    doub N N 198 
LYS C   OXT  sing N N 199 
LYS CB  CG   sing N N 200 
LYS CB  HB2  sing N N 201 
LYS CB  HB3  sing N N 202 
LYS CG  CD   sing N N 203 
LYS CG  HG2  sing N N 204 
LYS CG  HG3  sing N N 205 
LYS CD  CE   sing N N 206 
LYS CD  HD2  sing N N 207 
LYS CD  HD3  sing N N 208 
LYS CE  NZ   sing N N 209 
LYS CE  HE2  sing N N 210 
LYS CE  HE3  sing N N 211 
LYS NZ  HZ1  sing N N 212 
LYS NZ  HZ2  sing N N 213 
LYS NZ  HZ3  sing N N 214 
LYS OXT HXT  sing N N 215 
MET N   CA   sing N N 216 
MET N   H    sing N N 217 
MET N   H2   sing N N 218 
MET CA  C    sing N N 219 
MET CA  CB   sing N N 220 
MET CA  HA   sing N N 221 
MET C   O    doub N N 222 
MET C   OXT  sing N N 223 
MET CB  CG   sing N N 224 
MET CB  HB2  sing N N 225 
MET CB  HB3  sing N N 226 
MET CG  SD   sing N N 227 
MET CG  HG2  sing N N 228 
MET CG  HG3  sing N N 229 
MET SD  CE   sing N N 230 
MET CE  HE1  sing N N 231 
MET CE  HE2  sing N N 232 
MET CE  HE3  sing N N 233 
MET OXT HXT  sing N N 234 
PHE N   CA   sing N N 235 
PHE N   H    sing N N 236 
PHE N   H2   sing N N 237 
PHE CA  C    sing N N 238 
PHE CA  CB   sing N N 239 
PHE CA  HA   sing N N 240 
PHE C   O    doub N N 241 
PHE C   OXT  sing N N 242 
PHE CB  CG   sing N N 243 
PHE CB  HB2  sing N N 244 
PHE CB  HB3  sing N N 245 
PHE CG  CD1  doub Y N 246 
PHE CG  CD2  sing Y N 247 
PHE CD1 CE1  sing Y N 248 
PHE CD1 HD1  sing N N 249 
PHE CD2 CE2  doub Y N 250 
PHE CD2 HD2  sing N N 251 
PHE CE1 CZ   doub Y N 252 
PHE CE1 HE1  sing N N 253 
PHE CE2 CZ   sing Y N 254 
PHE CE2 HE2  sing N N 255 
PHE CZ  HZ   sing N N 256 
PHE OXT HXT  sing N N 257 
PRO N   CA   sing N N 258 
PRO N   CD   sing N N 259 
PRO N   H    sing N N 260 
PRO CA  C    sing N N 261 
PRO CA  CB   sing N N 262 
PRO CA  HA   sing N N 263 
PRO C   O    doub N N 264 
PRO C   OXT  sing N N 265 
PRO CB  CG   sing N N 266 
PRO CB  HB2  sing N N 267 
PRO CB  HB3  sing N N 268 
PRO CG  CD   sing N N 269 
PRO CG  HG2  sing N N 270 
PRO CG  HG3  sing N N 271 
PRO CD  HD2  sing N N 272 
PRO CD  HD3  sing N N 273 
PRO OXT HXT  sing N N 274 
SER N   CA   sing N N 275 
SER N   H    sing N N 276 
SER N   H2   sing N N 277 
SER CA  C    sing N N 278 
SER CA  CB   sing N N 279 
SER CA  HA   sing N N 280 
SER C   O    doub N N 281 
SER C   OXT  sing N N 282 
SER CB  OG   sing N N 283 
SER CB  HB2  sing N N 284 
SER CB  HB3  sing N N 285 
SER OG  HG   sing N N 286 
SER OXT HXT  sing N N 287 
THR N   CA   sing N N 288 
THR N   H    sing N N 289 
THR N   H2   sing N N 290 
THR CA  C    sing N N 291 
THR CA  CB   sing N N 292 
THR CA  HA   sing N N 293 
THR C   O    doub N N 294 
THR C   OXT  sing N N 295 
THR CB  OG1  sing N N 296 
THR CB  CG2  sing N N 297 
THR CB  HB   sing N N 298 
THR OG1 HG1  sing N N 299 
THR CG2 HG21 sing N N 300 
THR CG2 HG22 sing N N 301 
THR CG2 HG23 sing N N 302 
THR OXT HXT  sing N N 303 
TRP N   CA   sing N N 304 
TRP N   H    sing N N 305 
TRP N   H2   sing N N 306 
TRP CA  C    sing N N 307 
TRP CA  CB   sing N N 308 
TRP CA  HA   sing N N 309 
TRP C   O    doub N N 310 
TRP C   OXT  sing N N 311 
TRP CB  CG   sing N N 312 
TRP CB  HB2  sing N N 313 
TRP CB  HB3  sing N N 314 
TRP CG  CD1  doub Y N 315 
TRP CG  CD2  sing Y N 316 
TRP CD1 NE1  sing Y N 317 
TRP CD1 HD1  sing N N 318 
TRP CD2 CE2  doub Y N 319 
TRP CD2 CE3  sing Y N 320 
TRP NE1 CE2  sing Y N 321 
TRP NE1 HE1  sing N N 322 
TRP CE2 CZ2  sing Y N 323 
TRP CE3 CZ3  doub Y N 324 
TRP CE3 HE3  sing N N 325 
TRP CZ2 CH2  doub Y N 326 
TRP CZ2 HZ2  sing N N 327 
TRP CZ3 CH2  sing Y N 328 
TRP CZ3 HZ3  sing N N 329 
TRP CH2 HH2  sing N N 330 
TRP OXT HXT  sing N N 331 
TYR N   CA   sing N N 332 
TYR N   H    sing N N 333 
TYR N   H2   sing N N 334 
TYR CA  C    sing N N 335 
TYR CA  CB   sing N N 336 
TYR CA  HA   sing N N 337 
TYR C   O    doub N N 338 
TYR C   OXT  sing N N 339 
TYR CB  CG   sing N N 340 
TYR CB  HB2  sing N N 341 
TYR CB  HB3  sing N N 342 
TYR CG  CD1  doub Y N 343 
TYR CG  CD2  sing Y N 344 
TYR CD1 CE1  sing Y N 345 
TYR CD1 HD1  sing N N 346 
TYR CD2 CE2  doub Y N 347 
TYR CD2 HD2  sing N N 348 
TYR CE1 CZ   doub Y N 349 
TYR CE1 HE1  sing N N 350 
TYR CE2 CZ   sing Y N 351 
TYR CE2 HE2  sing N N 352 
TYR CZ  OH   sing N N 353 
TYR OH  HH   sing N N 354 
TYR OXT HXT  sing N N 355 
VAL N   CA   sing N N 356 
VAL N   H    sing N N 357 
VAL N   H2   sing N N 358 
VAL CA  C    sing N N 359 
VAL CA  CB   sing N N 360 
VAL CA  HA   sing N N 361 
VAL C   O    doub N N 362 
VAL C   OXT  sing N N 363 
VAL CB  CG1  sing N N 364 
VAL CB  CG2  sing N N 365 
VAL CB  HB   sing N N 366 
VAL CG1 HG11 sing N N 367 
VAL CG1 HG12 sing N N 368 
VAL CG1 HG13 sing N N 369 
VAL CG2 HG21 sing N N 370 
VAL CG2 HG22 sing N N 371 
VAL CG2 HG23 sing N N 372 
VAL OXT HXT  sing N N 373 
# 
_atom_sites.entry_id                    1XAT 
_atom_sites.fract_transf_matrix[1][1]   -0.00569427 
_atom_sites.fract_transf_matrix[1][2]   0.00049136 
_atom_sites.fract_transf_matrix[1][3]   0.00301089 
_atom_sites.fract_transf_matrix[2][1]   0.00304825 
_atom_sites.fract_transf_matrix[2][2]   0.00065987 
_atom_sites.fract_transf_matrix[2][3]   0.00565724 
_atom_sites.fract_transf_matrix[3][1]   0.00012274 
_atom_sites.fract_transf_matrix[3][2]   0.00640740 
_atom_sites.fract_transf_matrix[3][3]   -0.00081351 
_atom_sites.fract_transf_vector[1]      0.347736 
_atom_sites.fract_transf_vector[2]      0.204805 
_atom_sites.fract_transf_vector[3]      0.341530 
# 
loop_
_atom_type.symbol 
C 
N 
O 
S 
# 
loop_
_atom_site.group_PDB 
_atom_site.id 
_atom_site.type_symbol 
_atom_site.label_atom_id 
_atom_site.label_alt_id 
_atom_site.label_comp_id 
_atom_site.label_asym_id 
_atom_site.label_entity_id 
_atom_site.label_seq_id 
_atom_site.pdbx_PDB_ins_code 
_atom_site.Cartn_x 
_atom_site.Cartn_y 
_atom_site.Cartn_z 
_atom_site.occupancy 
_atom_site.B_iso_or_equiv 
_atom_site.pdbx_formal_charge 
_atom_site.auth_seq_id 
_atom_site.auth_comp_id 
_atom_site.auth_asym_id 
_atom_site.auth_atom_id 
_atom_site.pdbx_PDB_model_num 
ATOM 1    N N   . ASN A 1 3   ? 0.871   6.451   23.155  1.00 29.56 ? 3   ASN A N   1 
ATOM 2    C CA  . ASN A 1 3   ? 0.357   5.436   22.175  1.00 29.56 ? 3   ASN A CA  1 
ATOM 3    C C   . ASN A 1 3   ? -1.000  5.827   21.589  1.00 29.56 ? 3   ASN A C   1 
ATOM 4    O O   . ASN A 1 3   ? -1.997  5.913   22.308  1.00 29.56 ? 3   ASN A O   1 
ATOM 5    C CB  . ASN A 1 3   ? 0.242   4.064   22.848  1.00 29.56 ? 3   ASN A CB  1 
ATOM 6    C CG  . ASN A 1 3   ? 0.242   2.927   21.854  1.00 29.56 ? 3   ASN A CG  1 
ATOM 7    O OD1 . ASN A 1 3   ? 0.576   3.109   20.692  1.00 29.56 ? 3   ASN A OD1 1 
ATOM 8    N ND2 . ASN A 1 3   ? -0.136  1.746   22.308  1.00 29.56 ? 3   ASN A ND2 1 
ATOM 9    N N   . TYR A 1 4   ? -1.027  6.053   20.280  1.00 30.53 ? 4   TYR A N   1 
ATOM 10   C CA  . TYR A 1 4   ? -2.245  6.445   19.590  1.00 30.53 ? 4   TYR A CA  1 
ATOM 11   C C   . TYR A 1 4   ? -3.296  5.356   19.653  1.00 30.53 ? 4   TYR A C   1 
ATOM 12   O O   . TYR A 1 4   ? -4.471  5.606   19.379  1.00 30.53 ? 4   TYR A O   1 
ATOM 13   C CB  . TYR A 1 4   ? -1.941  6.753   18.131  1.00 30.53 ? 4   TYR A CB  1 
ATOM 14   C CG  . TYR A 1 4   ? -3.130  7.250   17.353  1.00 30.53 ? 4   TYR A CG  1 
ATOM 15   C CD1 . TYR A 1 4   ? -3.755  8.445   17.697  1.00 30.53 ? 4   TYR A CD1 1 
ATOM 16   C CD2 . TYR A 1 4   ? -3.603  6.553   16.245  1.00 30.53 ? 4   TYR A CD2 1 
ATOM 17   C CE1 . TYR A 1 4   ? -4.822  8.943   16.947  1.00 30.53 ? 4   TYR A CE1 1 
ATOM 18   C CE2 . TYR A 1 4   ? -4.669  7.037   15.485  1.00 30.53 ? 4   TYR A CE2 1 
ATOM 19   C CZ  . TYR A 1 4   ? -5.272  8.235   15.838  1.00 30.53 ? 4   TYR A CZ  1 
ATOM 20   O OH  . TYR A 1 4   ? -6.306  8.731   15.067  1.00 30.53 ? 4   TYR A OH  1 
ATOM 21   N N   . PHE A 1 5   ? -2.867  4.148   20.008  1.00 25.21 ? 5   PHE A N   1 
ATOM 22   C CA  . PHE A 1 5   ? -3.778  3.016   20.086  1.00 25.21 ? 5   PHE A CA  1 
ATOM 23   C C   . PHE A 1 5   ? -3.961  2.502   21.507  1.00 25.21 ? 5   PHE A C   1 
ATOM 24   O O   . PHE A 1 5   ? -3.020  2.460   22.297  1.00 25.21 ? 5   PHE A O   1 
ATOM 25   C CB  . PHE A 1 5   ? -3.284  1.889   19.190  1.00 25.21 ? 5   PHE A CB  1 
ATOM 26   C CG  . PHE A 1 5   ? -3.219  2.268   17.744  1.00 25.21 ? 5   PHE A CG  1 
ATOM 27   C CD1 . PHE A 1 5   ? -4.351  2.214   16.950  1.00 25.21 ? 5   PHE A CD1 1 
ATOM 28   C CD2 . PHE A 1 5   ? -2.024  2.690   17.186  1.00 25.21 ? 5   PHE A CD2 1 
ATOM 29   C CE1 . PHE A 1 5   ? -4.294  2.577   15.607  1.00 25.21 ? 5   PHE A CE1 1 
ATOM 30   C CE2 . PHE A 1 5   ? -1.957  3.056   15.845  1.00 25.21 ? 5   PHE A CE2 1 
ATOM 31   C CZ  . PHE A 1 5   ? -3.095  2.997   15.053  1.00 25.21 ? 5   PHE A CZ  1 
ATOM 32   N N   . GLU A 1 6   ? -5.184  2.095   21.809  1.00 46.11 ? 6   GLU A N   1 
ATOM 33   C CA  . GLU A 1 6   ? -5.536  1.602   23.128  1.00 46.11 ? 6   GLU A CA  1 
ATOM 34   C C   . GLU A 1 6   ? -5.236  0.122   23.397  1.00 46.11 ? 6   GLU A C   1 
ATOM 35   O O   . GLU A 1 6   ? -4.929  -0.256  24.529  1.00 46.11 ? 6   GLU A O   1 
ATOM 36   C CB  . GLU A 1 6   ? -7.015  1.878   23.351  1.00 46.11 ? 6   GLU A CB  1 
ATOM 37   C CG  . GLU A 1 6   ? -7.768  2.042   22.057  1.00 46.11 ? 6   GLU A CG  1 
ATOM 38   C CD  . GLU A 1 6   ? -8.252  3.443   21.864  1.00 46.11 ? 6   GLU A CD  1 
ATOM 39   O OE1 . GLU A 1 6   ? -8.828  4.010   22.806  1.00 46.11 ? 6   GLU A OE1 1 
ATOM 40   O OE2 . GLU A 1 6   ? -8.061  3.982   20.768  1.00 46.11 ? 6   GLU A OE2 1 
ATOM 41   N N   . SER A 1 7   ? -5.334  -0.718  22.372  1.00 34.93 ? 7   SER A N   1 
ATOM 42   C CA  . SER A 1 7   ? -5.082  -2.146  22.547  1.00 34.93 ? 7   SER A CA  1 
ATOM 43   C C   . SER A 1 7   ? -4.488  -2.758  21.298  1.00 34.93 ? 7   SER A C   1 
ATOM 44   O O   . SER A 1 7   ? -4.792  -2.332  20.186  1.00 34.93 ? 7   SER A O   1 
ATOM 45   C CB  . SER A 1 7   ? -6.381  -2.885  22.873  1.00 34.93 ? 7   SER A CB  1 
ATOM 46   O OG  . SER A 1 7   ? -6.606  -3.934  21.943  1.00 34.93 ? 7   SER A OG  1 
ATOM 47   N N   . PRO A 1 8   ? -3.644  -3.782  21.468  1.00 18.41 ? 8   PRO A N   1 
ATOM 48   C CA  . PRO A 1 8   ? -3.000  -4.474  20.352  1.00 18.41 ? 8   PRO A CA  1 
ATOM 49   C C   . PRO A 1 8   ? -4.072  -5.091  19.465  1.00 18.41 ? 8   PRO A C   1 
ATOM 50   O O   . PRO A 1 8   ? -3.836  -5.412  18.292  1.00 18.41 ? 8   PRO A O   1 
ATOM 51   C CB  . PRO A 1 8   ? -2.145  -5.534  21.039  1.00 18.41 ? 8   PRO A CB  1 
ATOM 52   C CG  . PRO A 1 8   ? -2.807  -5.736  22.341  1.00 18.41 ? 8   PRO A CG  1 
ATOM 53   C CD  . PRO A 1 8   ? -3.250  -4.374  22.750  1.00 18.41 ? 8   PRO A CD  1 
ATOM 54   N N   . PHE A 1 9   ? -5.260  -5.235  20.035  1.00 30.35 ? 9   PHE A N   1 
ATOM 55   C CA  . PHE A 1 9   ? -6.369  -5.821  19.315  1.00 30.35 ? 9   PHE A CA  1 
ATOM 56   C C   . PHE A 1 9   ? -7.405  -4.813  18.828  1.00 30.35 ? 9   PHE A C   1 
ATOM 57   O O   . PHE A 1 9   ? -8.549  -5.176  18.556  1.00 30.35 ? 9   PHE A O   1 
ATOM 58   C CB  . PHE A 1 9   ? -7.040  -6.852  20.204  1.00 30.35 ? 9   PHE A CB  1 
ATOM 59   C CG  . PHE A 1 9   ? -6.073  -7.741  20.929  1.00 30.35 ? 9   PHE A CG  1 
ATOM 60   C CD1 . PHE A 1 9   ? -5.598  -8.908  20.331  1.00 30.35 ? 9   PHE A CD1 1 
ATOM 61   C CD2 . PHE A 1 9   ? -5.655  -7.429  22.218  1.00 30.35 ? 9   PHE A CD2 1 
ATOM 62   C CE1 . PHE A 1 9   ? -4.725  -9.752  21.007  1.00 30.35 ? 9   PHE A CE1 1 
ATOM 63   C CE2 . PHE A 1 9   ? -4.783  -8.265  22.903  1.00 30.35 ? 9   PHE A CE2 1 
ATOM 64   C CZ  . PHE A 1 9   ? -4.316  -9.430  22.298  1.00 30.35 ? 9   PHE A CZ  1 
ATOM 65   N N   . ARG A 1 10  ? -7.011  -3.551  18.705  1.00 36.80 ? 10  ARG A N   1 
ATOM 66   C CA  . ARG A 1 10  ? -7.945  -2.522  18.251  1.00 36.80 ? 10  ARG A CA  1 
ATOM 67   C C   . ARG A 1 10  ? -7.281  -1.468  17.393  1.00 36.80 ? 10  ARG A C   1 
ATOM 68   O O   . ARG A 1 10  ? -6.569  -0.599  17.902  1.00 36.80 ? 10  ARG A O   1 
ATOM 69   C CB  . ARG A 1 10  ? -8.620  -1.855  19.445  1.00 36.80 ? 10  ARG A CB  1 
ATOM 70   N N   . GLY A 1 11  ? -7.533  -1.544  16.090  1.00 20.43 ? 11  GLY A N   1 
ATOM 71   C CA  . GLY A 1 11  ? -6.961  -0.586  15.157  1.00 20.43 ? 11  GLY A CA  1 
ATOM 72   C C   . GLY A 1 11  ? -7.938  0.516   14.797  1.00 20.43 ? 11  GLY A C   1 
ATOM 73   O O   . GLY A 1 11  ? -9.108  0.460   15.162  1.00 20.43 ? 11  GLY A O   1 
ATOM 74   N N   . LYS A 1 12  ? -7.464  1.524   14.079  1.00 31.81 ? 12  LYS A N   1 
ATOM 75   C CA  . LYS A 1 12  ? -8.327  2.622   13.694  1.00 31.81 ? 12  LYS A CA  1 
ATOM 76   C C   . LYS A 1 12  ? -8.346  2.826   12.196  1.00 31.81 ? 12  LYS A C   1 
ATOM 77   O O   . LYS A 1 12  ? -7.417  2.463   11.501  1.00 31.81 ? 12  LYS A O   1 
ATOM 78   C CB  . LYS A 1 12  ? -7.889  3.895   14.404  1.00 31.81 ? 12  LYS A CB  1 
ATOM 79   C CG  . LYS A 1 12  ? -8.261  3.903   15.876  1.00 31.81 ? 12  LYS A CG  1 
ATOM 80   C CD  . LYS A 1 12  ? -7.073  4.244   16.737  1.00 31.81 ? 12  LYS A CD  1 
ATOM 81   C CE  . LYS A 1 12  ? -7.442  4.171   18.195  1.00 31.81 ? 12  LYS A CE  1 
ATOM 82   N NZ  . LYS A 1 12  ? -7.552  5.534   18.816  1.00 31.81 ? 12  LYS A NZ  1 
ATOM 83   N N   . LEU A 1 13  ? -9.427  3.408   11.704  1.00 23.15 ? 13  LEU A N   1 
ATOM 84   C CA  . LEU A 1 13  ? -9.598  3.655   10.280  1.00 23.15 ? 13  LEU A CA  1 
ATOM 85   C C   . LEU A 1 13  ? -8.552  4.577   9.717   1.00 23.15 ? 13  LEU A C   1 
ATOM 86   O O   . LEU A 1 13  ? -8.067  5.478   10.401  1.00 23.15 ? 13  LEU A O   1 
ATOM 87   C CB  . LEU A 1 13  ? -10.971 4.266   10.006  1.00 23.15 ? 13  LEU A CB  1 
ATOM 88   C CG  . LEU A 1 13  ? -12.167 3.368   10.310  1.00 23.15 ? 13  LEU A CG  1 
ATOM 89   C CD1 . LEU A 1 13  ? -13.438 4.089   9.961   1.00 23.15 ? 13  LEU A CD1 1 
ATOM 90   C CD2 . LEU A 1 13  ? -12.064 2.081   9.509   1.00 23.15 ? 13  LEU A CD2 1 
ATOM 91   N N   . LEU A 1 14  ? -8.201  4.356   8.457   1.00 14.92 ? 14  LEU A N   1 
ATOM 92   C CA  . LEU A 1 14  ? -7.214  5.211   7.828   1.00 14.92 ? 14  LEU A CA  1 
ATOM 93   C C   . LEU A 1 14  ? -7.852  6.581   7.723   1.00 14.92 ? 14  LEU A C   1 
ATOM 94   O O   . LEU A 1 14  ? -7.239  7.589   8.052   1.00 14.92 ? 14  LEU A O   1 
ATOM 95   C CB  . LEU A 1 14  ? -6.854  4.699   6.440   1.00 14.92 ? 14  LEU A CB  1 
ATOM 96   C CG  . LEU A 1 14  ? -5.900  3.515   6.411   1.00 14.92 ? 14  LEU A CG  1 
ATOM 97   C CD1 . LEU A 1 14  ? -5.515  3.229   4.979   1.00 14.92 ? 14  LEU A CD1 1 
ATOM 98   C CD2 . LEU A 1 14  ? -4.679  3.818   7.240   1.00 14.92 ? 14  LEU A CD2 1 
ATOM 99   N N   . SER A 1 15  ? -9.106  6.598   7.293   1.00 44.62 ? 15  SER A N   1 
ATOM 100  C CA  . SER A 1 15  ? -9.842  7.841   7.130   1.00 44.62 ? 15  SER A CA  1 
ATOM 101  C C   . SER A 1 15  ? -9.923  8.679   8.399   1.00 44.62 ? 15  SER A C   1 
ATOM 102  O O   . SER A 1 15  ? -10.051 9.895   8.330   1.00 44.62 ? 15  SER A O   1 
ATOM 103  C CB  . SER A 1 15  ? -11.255 7.554   6.623   1.00 44.62 ? 15  SER A CB  1 
ATOM 104  O OG  . SER A 1 15  ? -11.399 6.200   6.222   1.00 44.62 ? 15  SER A OG  1 
ATOM 105  N N   . GLU A 1 16  ? -9.853  8.027   9.555   1.00 31.93 ? 16  GLU A N   1 
ATOM 106  C CA  . GLU A 1 16  ? -9.944  8.730   10.828  1.00 31.93 ? 16  GLU A CA  1 
ATOM 107  C C   . GLU A 1 16  ? -8.599  9.076   11.437  1.00 31.93 ? 16  GLU A C   1 
ATOM 108  O O   . GLU A 1 16  ? -8.532  9.426   12.614  1.00 31.93 ? 16  GLU A O   1 
ATOM 109  C CB  . GLU A 1 16  ? -10.767 7.889   11.811  1.00 31.93 ? 16  GLU A CB  1 
ATOM 110  N N   . GLN A 1 17  ? -7.526  8.981   10.670  1.00 19.39 ? 17  GLN A N   1 
ATOM 111  C CA  . GLN A 1 17  ? -6.197  9.282   11.190  1.00 19.39 ? 17  GLN A CA  1 
ATOM 112  C C   . GLN A 1 17  ? -5.192  9.781   10.156  1.00 19.39 ? 17  GLN A C   1 
ATOM 113  O O   . GLN A 1 17  ? -4.177  10.368  10.512  1.00 19.39 ? 17  GLN A O   1 
ATOM 114  C CB  . GLN A 1 17  ? -5.617  8.056   11.900  1.00 19.39 ? 17  GLN A CB  1 
ATOM 115  C CG  . GLN A 1 17  ? -5.291  6.909   10.966  1.00 19.39 ? 17  GLN A CG  1 
ATOM 116  C CD  . GLN A 1 17  ? -4.857  5.673   11.720  1.00 19.39 ? 17  GLN A CD  1 
ATOM 117  O OE1 . GLN A 1 17  ? -3.663  5.434   11.909  1.00 19.39 ? 17  GLN A OE1 1 
ATOM 118  N NE2 . GLN A 1 17  ? -5.825  4.880   12.165  1.00 19.39 ? 17  GLN A NE2 1 
ATOM 119  N N   . VAL A 1 18  ? -5.453  9.537   8.882   1.00 16.11 ? 18  VAL A N   1 
ATOM 120  C CA  . VAL A 1 18  ? -4.549  10.020  7.846   1.00 16.11 ? 18  VAL A CA  1 
ATOM 121  C C   . VAL A 1 18  ? -4.619  11.537  7.917   1.00 16.11 ? 18  VAL A C   1 
ATOM 122  O O   . VAL A 1 18  ? -5.640  12.097  8.309   1.00 16.11 ? 18  VAL A O   1 
ATOM 123  C CB  . VAL A 1 18  ? -4.989  9.552   6.445   1.00 16.11 ? 18  VAL A CB  1 
ATOM 124  C CG1 . VAL A 1 18  ? -4.146  10.239  5.380   1.00 16.11 ? 18  VAL A CG1 1 
ATOM 125  C CG2 . VAL A 1 18  ? -4.848  8.030   6.336   1.00 16.11 ? 18  VAL A CG2 1 
ATOM 126  N N   . SER A 1 19  ? -3.545  12.213  7.541   1.00 34.08 ? 19  SER A N   1 
ATOM 127  C CA  . SER A 1 19  ? -3.545  13.659  7.614   1.00 34.08 ? 19  SER A CA  1 
ATOM 128  C C   . SER A 1 19  ? -2.708  14.319  6.533   1.00 34.08 ? 19  SER A C   1 
ATOM 129  O O   . SER A 1 19  ? -2.949  15.467  6.177   1.00 34.08 ? 19  SER A O   1 
ATOM 130  C CB  . SER A 1 19  ? -3.049  14.096  8.981   1.00 34.08 ? 19  SER A CB  1 
ATOM 131  O OG  . SER A 1 19  ? -2.450  15.368  8.880   1.00 34.08 ? 19  SER A OG  1 
ATOM 132  N N   . ASN A 1 20  ? -1.704  13.621  6.022   1.00 15.88 ? 20  ASN A N   1 
ATOM 133  C CA  . ASN A 1 20  ? -0.912  14.212  4.963   1.00 15.88 ? 20  ASN A CA  1 
ATOM 134  C C   . ASN A 1 20  ? -1.843  14.237  3.758   1.00 15.88 ? 20  ASN A C   1 
ATOM 135  O O   . ASN A 1 20  ? -2.472  13.242  3.427   1.00 15.88 ? 20  ASN A O   1 
ATOM 136  C CB  . ASN A 1 20  ? 0.321   13.368  4.664   1.00 15.88 ? 20  ASN A CB  1 
ATOM 137  C CG  . ASN A 1 20  ? 1.148   13.942  3.541   1.00 15.88 ? 20  ASN A CG  1 
ATOM 138  O OD1 . ASN A 1 20  ? 0.606   14.478  2.568   1.00 15.88 ? 20  ASN A OD1 1 
ATOM 139  N ND2 . ASN A 1 20  ? 2.470   13.836  3.662   1.00 15.88 ? 20  ASN A ND2 1 
ATOM 140  N N   . PRO A 1 21  ? -1.938  15.381  3.084   1.00 27.27 ? 21  PRO A N   1 
ATOM 141  C CA  . PRO A 1 21  ? -2.811  15.521  1.915   1.00 27.27 ? 21  PRO A CA  1 
ATOM 142  C C   . PRO A 1 21  ? -2.415  14.621  0.751   1.00 27.27 ? 21  PRO A C   1 
ATOM 143  O O   . PRO A 1 21  ? -3.228  14.361  -0.143  1.00 27.27 ? 21  PRO A O   1 
ATOM 144  C CB  . PRO A 1 21  ? -2.700  16.997  1.543   1.00 27.27 ? 21  PRO A CB  1 
ATOM 145  C CG  . PRO A 1 21  ? -1.968  17.654  2.676   1.00 27.27 ? 21  PRO A CG  1 
ATOM 146  C CD  . PRO A 1 21  ? -1.178  16.605  3.369   1.00 27.27 ? 21  PRO A CD  1 
ATOM 147  N N   . ASN A 1 22  ? -1.164  14.156  0.762   1.00 20.10 ? 22  ASN A N   1 
ATOM 148  C CA  . ASN A 1 22  ? -0.650  13.289  -0.294  1.00 20.10 ? 22  ASN A CA  1 
ATOM 149  C C   . ASN A 1 22  ? -0.818  11.817  0.029   1.00 20.10 ? 22  ASN A C   1 
ATOM 150  O O   . ASN A 1 22  ? -0.056  10.971  -0.434  1.00 20.10 ? 22  ASN A O   1 
ATOM 151  C CB  . ASN A 1 22  ? 0.822   13.580  -0.556  1.00 20.10 ? 22  ASN A CB  1 
ATOM 152  C CG  . ASN A 1 22  ? 1.024   14.827  -1.366  1.00 20.10 ? 22  ASN A CG  1 
ATOM 153  O OD1 . ASN A 1 22  ? 0.640   14.898  -2.539  1.00 20.10 ? 22  ASN A OD1 1 
ATOM 154  N ND2 . ASN A 1 22  ? 1.630   15.831  -0.744  1.00 20.10 ? 22  ASN A ND2 1 
ATOM 155  N N   . ILE A 1 23  ? -1.810  11.519  0.851   1.00 20.34 ? 23  ILE A N   1 
ATOM 156  C CA  . ILE A 1 23  ? -2.119  10.151  1.210   1.00 20.34 ? 23  ILE A CA  1 
ATOM 157  C C   . ILE A 1 23  ? -3.607  10.000  0.924   1.00 20.34 ? 23  ILE A C   1 
ATOM 158  O O   . ILE A 1 23  ? -4.436  10.673  1.549   1.00 20.34 ? 23  ILE A O   1 
ATOM 159  C CB  . ILE A 1 23  ? -1.897  9.880   2.697   1.00 20.34 ? 23  ILE A CB  1 
ATOM 160  C CG1 . ILE A 1 23  ? -0.412  9.872   3.017   1.00 20.34 ? 23  ILE A CG1 1 
ATOM 161  C CG2 . ILE A 1 23  ? -2.505  8.540   3.060   1.00 20.34 ? 23  ILE A CG2 1 
ATOM 162  C CD1 . ILE A 1 23  ? -0.120  9.376   4.411   1.00 20.34 ? 23  ILE A CD1 1 
ATOM 163  N N   . ARG A 1 24  ? -3.953  9.137   -0.025  1.00 25.25 ? 24  ARG A N   1 
ATOM 164  C CA  . ARG A 1 24  ? -5.351  8.933   -0.365  1.00 25.25 ? 24  ARG A CA  1 
ATOM 165  C C   . ARG A 1 24  ? -5.785  7.517   0.027   1.00 25.25 ? 24  ARG A C   1 
ATOM 166  O O   . ARG A 1 24  ? -5.533  6.549   -0.695  1.00 25.25 ? 24  ARG A O   1 
ATOM 167  C CB  . ARG A 1 24  ? -5.571  9.190   -1.868  1.00 25.25 ? 24  ARG A CB  1 
ATOM 168  N N   . VAL A 1 25  ? -6.427  7.396   1.187   1.00 10.73 ? 25  VAL A N   1 
ATOM 169  C CA  . VAL A 1 25  ? -6.886  6.096   1.657   1.00 10.73 ? 25  VAL A CA  1 
ATOM 170  C C   . VAL A 1 25  ? -8.340  5.852   1.275   1.00 10.73 ? 25  VAL A C   1 
ATOM 171  O O   . VAL A 1 25  ? -9.110  6.794   1.111   1.00 10.73 ? 25  VAL A O   1 
ATOM 172  C CB  . VAL A 1 25  ? -6.744  5.980   3.173   1.00 10.73 ? 25  VAL A CB  1 
ATOM 173  C CG1 . VAL A 1 25  ? -5.342  6.351   3.576   1.00 10.73 ? 25  VAL A CG1 1 
ATOM 174  C CG2 . VAL A 1 25  ? -7.727  6.885   3.849   1.00 10.73 ? 25  VAL A CG2 1 
ATOM 175  N N   . GLY A 1 26  ? -8.699  4.580   1.136   1.00 31.99 ? 26  GLY A N   1 
ATOM 176  C CA  . GLY A 1 26  ? -10.053 4.209   0.771   1.00 31.99 ? 26  GLY A CA  1 
ATOM 177  C C   . GLY A 1 26  ? -10.904 3.823   1.960   1.00 31.99 ? 26  GLY A C   1 
ATOM 178  O O   . GLY A 1 26  ? -10.430 3.786   3.097   1.00 31.99 ? 26  GLY A O   1 
ATOM 179  N N   . ARG A 1 27  ? -12.165 3.505   1.699   1.00 26.67 ? 27  ARG A N   1 
ATOM 180  C CA  . ARG A 1 27  ? -13.100 3.157   2.762   1.00 26.67 ? 27  ARG A CA  1 
ATOM 181  C C   . ARG A 1 27  ? -12.836 1.835   3.452   1.00 26.67 ? 27  ARG A C   1 
ATOM 182  O O   . ARG A 1 27  ? -12.384 0.873   2.844   1.00 26.67 ? 27  ARG A O   1 
ATOM 183  C CB  . ARG A 1 27  ? -14.526 3.158   2.224   1.00 26.67 ? 27  ARG A CB  1 
ATOM 184  C CG  . ARG A 1 27  ? -14.883 1.911   1.452   1.00 26.67 ? 27  ARG A CG  1 
ATOM 185  C CD  . ARG A 1 27  ? -16.297 1.976   0.929   1.00 26.67 ? 27  ARG A CD  1 
ATOM 186  N NE  . ARG A 1 27  ? -16.538 0.986   -0.113  1.00 26.67 ? 27  ARG A NE  1 
ATOM 187  C CZ  . ARG A 1 27  ? -17.739 0.499   -0.408  1.00 26.67 ? 27  ARG A CZ  1 
ATOM 188  N NH1 . ARG A 1 27  ? -18.805 0.916   0.267   1.00 26.67 ? 27  ARG A NH1 1 
ATOM 189  N NH2 . ARG A 1 27  ? -17.871 -0.403  -1.376  1.00 26.67 ? 27  ARG A NH2 1 
ATOM 190  N N   . TYR A 1 28  ? -13.126 1.808   4.742   1.00 25.15 ? 28  TYR A N   1 
ATOM 191  C CA  . TYR A 1 28  ? -12.960 0.620   5.549   1.00 25.15 ? 28  TYR A CA  1 
ATOM 192  C C   . TYR A 1 28  ? -11.549 0.125   5.762   1.00 25.15 ? 28  TYR A C   1 
ATOM 193  O O   . TYR A 1 28  ? -11.335 -0.713  6.625   1.00 25.15 ? 28  TYR A O   1 
ATOM 194  C CB  . TYR A 1 28  ? -13.832 -0.481  4.990   1.00 25.15 ? 28  TYR A CB  1 
ATOM 195  C CG  . TYR A 1 28  ? -15.286 -0.211  5.261   1.00 25.15 ? 28  TYR A CG  1 
ATOM 196  C CD1 . TYR A 1 28  ? -15.811 -0.354  6.546   1.00 25.15 ? 28  TYR A CD1 1 
ATOM 197  C CD2 . TYR A 1 28  ? -16.137 0.224   4.245   1.00 25.15 ? 28  TYR A CD2 1 
ATOM 198  C CE1 . TYR A 1 28  ? -17.147 -0.069  6.817   1.00 25.15 ? 28  TYR A CE1 1 
ATOM 199  C CE2 . TYR A 1 28  ? -17.481 0.515   4.501   1.00 25.15 ? 28  TYR A CE2 1 
ATOM 200  C CZ  . TYR A 1 28  ? -17.979 0.367   5.789   1.00 25.15 ? 28  TYR A CZ  1 
ATOM 201  O OH  . TYR A 1 28  ? -19.306 0.659   6.040   1.00 25.15 ? 28  TYR A OH  1 
ATOM 202  N N   . SER A 1 29  ? -10.585 0.634   5.002   1.00 8.31  ? 29  SER A N   1 
ATOM 203  C CA  . SER A 1 29  ? -9.190  0.229   5.184   1.00 8.31  ? 29  SER A CA  1 
ATOM 204  C C   . SER A 1 29  ? -8.741  0.693   6.560   1.00 8.31  ? 29  SER A C   1 
ATOM 205  O O   . SER A 1 29  ? -8.988  1.831   6.943   1.00 8.31  ? 29  SER A O   1 
ATOM 206  C CB  . SER A 1 29  ? -8.306  0.875   4.131   1.00 8.31  ? 29  SER A CB  1 
ATOM 207  O OG  . SER A 1 29  ? -8.546  0.308   2.858   1.00 8.31  ? 29  SER A OG  1 
ATOM 208  N N   . TYR A 1 30  ? -8.071  -0.172  7.305   1.00 22.61 ? 30  TYR A N   1 
ATOM 209  C CA  . TYR A 1 30  ? -7.632  0.198   8.636   1.00 22.61 ? 30  TYR A CA  1 
ATOM 210  C C   . TYR A 1 30  ? -6.176  -0.163  8.943   1.00 22.61 ? 30  TYR A C   1 
ATOM 211  O O   . TYR A 1 30  ? -5.557  -0.970  8.258   1.00 22.61 ? 30  TYR A O   1 
ATOM 212  C CB  . TYR A 1 30  ? -8.544  -0.460  9.657   1.00 22.61 ? 30  TYR A CB  1 
ATOM 213  C CG  . TYR A 1 30  ? -8.278  -1.933  9.806   1.00 22.61 ? 30  TYR A CG  1 
ATOM 214  C CD1 . TYR A 1 30  ? -8.883  -2.859  8.957   1.00 22.61 ? 30  TYR A CD1 1 
ATOM 215  C CD2 . TYR A 1 30  ? -7.389  -2.407  10.771  1.00 22.61 ? 30  TYR A CD2 1 
ATOM 216  C CE1 . TYR A 1 30  ? -8.610  -4.230  9.060   1.00 22.61 ? 30  TYR A CE1 1 
ATOM 217  C CE2 . TYR A 1 30  ? -7.102  -3.770  10.889  1.00 22.61 ? 30  TYR A CE2 1 
ATOM 218  C CZ  . TYR A 1 30  ? -7.715  -4.680  10.028  1.00 22.61 ? 30  TYR A CZ  1 
ATOM 219  O OH  . TYR A 1 30  ? -7.420  -6.030  10.123  1.00 22.61 ? 30  TYR A OH  1 
ATOM 220  N N   . TYR A 1 31  ? -5.647  0.450   9.994   1.00 17.25 ? 31  TYR A N   1 
ATOM 221  C CA  . TYR A 1 31  ? -4.278  0.229   10.437  1.00 17.25 ? 31  TYR A CA  1 
ATOM 222  C C   . TYR A 1 31  ? -4.267  0.070   11.947  1.00 17.25 ? 31  TYR A C   1 
ATOM 223  O O   . TYR A 1 31  ? -4.942  0.802   12.660  1.00 17.25 ? 31  TYR A O   1 
ATOM 224  C CB  . TYR A 1 31  ? -3.397  1.415   10.047  1.00 17.25 ? 31  TYR A CB  1 
ATOM 225  C CG  . TYR A 1 31  ? -2.034  1.414   10.699  1.00 17.25 ? 31  TYR A CG  1 
ATOM 226  C CD1 . TYR A 1 31  ? -1.037  0.526   10.289  1.00 17.25 ? 31  TYR A CD1 1 
ATOM 227  C CD2 . TYR A 1 31  ? -1.738  2.295   11.742  1.00 17.25 ? 31  TYR A CD2 1 
ATOM 228  C CE1 . TYR A 1 31  ? 0.236   0.516   10.914  1.00 17.25 ? 31  TYR A CE1 1 
ATOM 229  C CE2 . TYR A 1 31  ? -0.473  2.295   12.373  1.00 17.25 ? 31  TYR A CE2 1 
ATOM 230  C CZ  . TYR A 1 31  ? 0.508   1.404   11.956  1.00 17.25 ? 31  TYR A CZ  1 
ATOM 231  O OH  . TYR A 1 31  ? 1.738   1.404   12.586  1.00 17.25 ? 31  TYR A OH  1 
ATOM 232  N N   . SER A 1 32  ? -3.505  -0.901  12.429  1.00 35.30 ? 32  SER A N   1 
ATOM 233  C CA  . SER A 1 32  ? -3.397  -1.153  13.858  1.00 35.30 ? 32  SER A CA  1 
ATOM 234  C C   . SER A 1 32  ? -1.921  -1.080  14.237  1.00 35.30 ? 32  SER A C   1 
ATOM 235  O O   . SER A 1 32  ? -1.168  -2.017  13.979  1.00 35.30 ? 32  SER A O   1 
ATOM 236  C CB  . SER A 1 32  ? -3.943  -2.537  14.179  1.00 35.30 ? 32  SER A CB  1 
ATOM 237  O OG  . SER A 1 32  ? -3.230  -3.101  15.264  1.00 35.30 ? 32  SER A OG  1 
ATOM 238  N N   . GLY A 1 33  ? -1.511  0.028   14.847  1.00 22.86 ? 33  GLY A N   1 
ATOM 239  C CA  . GLY A 1 33  ? -0.112  0.192   15.205  1.00 22.86 ? 33  GLY A CA  1 
ATOM 240  C C   . GLY A 1 33  ? 0.212   0.307   16.676  1.00 22.86 ? 33  GLY A C   1 
ATOM 241  O O   . GLY A 1 33  ? 1.149   1.005   17.045  1.00 22.86 ? 33  GLY A O   1 
ATOM 242  N N   . TYR A 1 34  ? -0.544  -0.383  17.517  1.00 21.27 ? 34  TYR A N   1 
ATOM 243  C CA  . TYR A 1 34  ? -0.291  -0.322  18.946  1.00 21.27 ? 34  TYR A CA  1 
ATOM 244  C C   . TYR A 1 34  ? 1.171   -0.630  19.264  1.00 21.27 ? 34  TYR A C   1 
ATOM 245  O O   . TYR A 1 34  ? 1.732   -0.070  20.204  1.00 21.27 ? 34  TYR A O   1 
ATOM 246  C CB  . TYR A 1 34  ? -1.196  -1.312  19.693  1.00 21.27 ? 34  TYR A CB  1 
ATOM 247  C CG  . TYR A 1 34  ? -0.832  -1.496  21.152  1.00 21.27 ? 34  TYR A CG  1 
ATOM 248  C CD1 . TYR A 1 34  ? 0.195   -2.356  21.531  1.00 21.27 ? 34  TYR A CD1 1 
ATOM 249  C CD2 . TYR A 1 34  ? -1.473  -0.772  22.149  1.00 21.27 ? 34  TYR A CD2 1 
ATOM 250  C CE1 . TYR A 1 34  ? 0.580   -2.484  22.856  1.00 21.27 ? 34  TYR A CE1 1 
ATOM 251  C CE2 . TYR A 1 34  ? -1.095  -0.894  23.479  1.00 21.27 ? 34  TYR A CE2 1 
ATOM 252  C CZ  . TYR A 1 34  ? -0.064  -1.749  23.823  1.00 21.27 ? 34  TYR A CZ  1 
ATOM 253  O OH  . TYR A 1 34  ? 0.350   -1.856  25.131  1.00 21.27 ? 34  TYR A OH  1 
ATOM 254  N N   . TYR A 1 35  ? 1.791   -1.510  18.480  1.00 8.60  ? 35  TYR A N   1 
ATOM 255  C CA  . TYR A 1 35  ? 3.172   -1.905  18.735  1.00 8.60  ? 35  TYR A CA  1 
ATOM 256  C C   . TYR A 1 35  ? 4.216   -0.976  18.172  1.00 8.60  ? 35  TYR A C   1 
ATOM 257  O O   . TYR A 1 35  ? 5.413   -1.242  18.273  1.00 8.60  ? 35  TYR A O   1 
ATOM 258  C CB  . TYR A 1 35  ? 3.417   -3.333  18.254  1.00 8.60  ? 35  TYR A CB  1 
ATOM 259  C CG  . TYR A 1 35  ? 2.778   -4.317  19.179  1.00 8.60  ? 35  TYR A CG  1 
ATOM 260  C CD1 . TYR A 1 35  ? 3.159   -4.385  20.504  1.00 8.60  ? 35  TYR A CD1 1 
ATOM 261  C CD2 . TYR A 1 35  ? 1.725   -5.118  18.761  1.00 8.60  ? 35  TYR A CD2 1 
ATOM 262  C CE1 . TYR A 1 35  ? 2.505   -5.209  21.390  1.00 8.60  ? 35  TYR A CE1 1 
ATOM 263  C CE2 . TYR A 1 35  ? 1.062   -5.949  19.637  1.00 8.60  ? 35  TYR A CE2 1 
ATOM 264  C CZ  . TYR A 1 35  ? 1.456   -5.989  20.948  1.00 8.60  ? 35  TYR A CZ  1 
ATOM 265  O OH  . TYR A 1 35  ? 0.786   -6.788  21.839  1.00 8.60  ? 35  TYR A OH  1 
ATOM 266  N N   . HIS A 1 36  ? 3.764   0.121   17.586  1.00 24.79 ? 36  HIS A N   1 
ATOM 267  C CA  . HIS A 1 36  ? 4.678   1.110   17.044  1.00 24.79 ? 36  HIS A CA  1 
ATOM 268  C C   . HIS A 1 36  ? 4.188   2.476   17.471  1.00 24.79 ? 36  HIS A C   1 
ATOM 269  O O   . HIS A 1 36  ? 4.814   3.497   17.229  1.00 24.79 ? 36  HIS A O   1 
ATOM 270  C CB  . HIS A 1 36  ? 4.767   0.963   15.538  1.00 24.79 ? 36  HIS A CB  1 
ATOM 271  C CG  . HIS A 1 36  ? 5.571   -0.233  15.120  1.00 24.79 ? 36  HIS A CG  1 
ATOM 272  N ND1 . HIS A 1 36  ? 5.005   -1.464  14.893  1.00 24.79 ? 36  HIS A ND1 1 
ATOM 273  C CD2 . HIS A 1 36  ? 6.902   -0.388  14.943  1.00 24.79 ? 36  HIS A CD2 1 
ATOM 274  C CE1 . HIS A 1 36  ? 5.951   -2.335  14.591  1.00 24.79 ? 36  HIS A CE1 1 
ATOM 275  N NE2 . HIS A 1 36  ? 7.116   -1.704  14.616  1.00 24.79 ? 36  HIS A NE2 1 
ATOM 276  N N   . GLY A 1 37  ? 3.050   2.455   18.144  1.00 19.90 ? 37  GLY A N   1 
ATOM 277  C CA  . GLY A 1 37  ? 2.457   3.649   18.700  1.00 19.90 ? 37  GLY A CA  1 
ATOM 278  C C   . GLY A 1 37  ? 2.151   4.881   17.885  1.00 19.90 ? 37  GLY A C   1 
ATOM 279  O O   . GLY A 1 37  ? 1.539   5.801   18.411  1.00 19.90 ? 37  GLY A O   1 
ATOM 280  N N   . HIS A 1 38  ? 2.537   4.945   16.628  1.00 53.18 ? 38  HIS A N   1 
ATOM 281  C CA  . HIS A 1 38  ? 2.237   6.157   15.900  1.00 53.18 ? 38  HIS A CA  1 
ATOM 282  C C   . HIS A 1 38  ? 1.060   5.975   14.958  1.00 53.18 ? 38  HIS A C   1 
ATOM 283  O O   . HIS A 1 38  ? 0.842   4.879   14.450  1.00 53.18 ? 38  HIS A O   1 
ATOM 284  C CB  . HIS A 1 38  ? 3.480   6.631   15.151  1.00 53.18 ? 38  HIS A CB  1 
ATOM 285  C CG  . HIS A 1 38  ? 4.003   5.647   14.148  1.00 53.18 ? 38  HIS A CG  1 
ATOM 286  N ND1 . HIS A 1 38  ? 5.010   4.750   14.446  1.00 53.18 ? 38  HIS A ND1 1 
ATOM 287  C CD2 . HIS A 1 38  ? 3.718   5.473   12.839  1.00 53.18 ? 38  HIS A CD2 1 
ATOM 288  C CE1 . HIS A 1 38  ? 5.327   4.069   13.352  1.00 53.18 ? 38  HIS A CE1 1 
ATOM 289  N NE2 . HIS A 1 38  ? 4.554   4.494   12.365  1.00 53.18 ? 38  HIS A NE2 1 
ATOM 290  N N   . SER A 1 39  ? 0.296   7.049   14.755  1.00 22.94 ? 39  SER A N   1 
ATOM 291  C CA  . SER A 1 39  ? -0.847  7.038   13.845  1.00 22.94 ? 39  SER A CA  1 
ATOM 292  C C   . SER A 1 39  ? -0.328  6.784   12.422  1.00 22.94 ? 39  SER A C   1 
ATOM 293  O O   . SER A 1 39  ? 0.858   6.962   12.139  1.00 22.94 ? 39  SER A O   1 
ATOM 294  C CB  . SER A 1 39  ? -1.578  8.379   13.897  1.00 22.94 ? 39  SER A CB  1 
ATOM 295  O OG  . SER A 1 39  ? -0.971  9.320   13.023  1.00 22.94 ? 39  SER A OG  1 
ATOM 296  N N   . PHE A 1 40  ? -1.220  6.396   11.518  1.00 10.05 ? 40  PHE A N   1 
ATOM 297  C CA  . PHE A 1 40  ? -0.803  6.072   10.164  1.00 10.05 ? 40  PHE A CA  1 
ATOM 298  C C   . PHE A 1 40  ? -0.003  7.085   9.365   1.00 10.05 ? 40  PHE A C   1 
ATOM 299  O O   . PHE A 1 40  ? 0.673   6.713   8.414   1.00 10.05 ? 40  PHE A O   1 
ATOM 300  C CB  . PHE A 1 40  ? -2.001  5.655   9.324   1.00 10.05 ? 40  PHE A CB  1 
ATOM 301  C CG  . PHE A 1 40  ? -1.614  4.984   8.035   1.00 10.05 ? 40  PHE A CG  1 
ATOM 302  C CD1 . PHE A 1 40  ? -1.064  3.702   8.042   1.00 10.05 ? 40  PHE A CD1 1 
ATOM 303  C CD2 . PHE A 1 40  ? -1.775  5.639   6.818   1.00 10.05 ? 40  PHE A CD2 1 
ATOM 304  C CE1 . PHE A 1 40  ? -0.682  3.089   6.855   1.00 10.05 ? 40  PHE A CE1 1 
ATOM 305  C CE2 . PHE A 1 40  ? -1.393  5.031   5.628   1.00 10.05 ? 40  PHE A CE2 1 
ATOM 306  C CZ  . PHE A 1 40  ? -0.846  3.756   5.648   1.00 10.05 ? 40  PHE A CZ  1 
ATOM 307  N N   . ASP A 1 41  ? -0.063  8.355   9.724   1.00 28.42 ? 41  ASP A N   1 
ATOM 308  C CA  . ASP A 1 41  ? 0.655   9.353   8.946   1.00 28.42 ? 41  ASP A CA  1 
ATOM 309  C C   . ASP A 1 41  ? 2.160   9.155   8.893   1.00 28.42 ? 41  ASP A C   1 
ATOM 310  O O   . ASP A 1 41  ? 2.792   9.449   7.881   1.00 28.42 ? 41  ASP A O   1 
ATOM 311  C CB  . ASP A 1 41  ? 0.339   10.747  9.483   1.00 28.42 ? 41  ASP A CB  1 
ATOM 312  C CG  . ASP A 1 41  ? -0.693  11.470  8.652   1.00 28.42 ? 41  ASP A CG  1 
ATOM 313  O OD1 . ASP A 1 41  ? -1.895  11.269  8.906   1.00 28.42 ? 41  ASP A OD1 1 
ATOM 314  O OD2 . ASP A 1 41  ? -0.301  12.235  7.748   1.00 28.42 ? 41  ASP A OD2 1 
ATOM 315  N N   . ASP A 1 42  ? 2.736   8.662   9.980   1.00 43.92 ? 42  ASP A N   1 
ATOM 316  C CA  . ASP A 1 42  ? 4.174   8.469   10.034  1.00 43.92 ? 42  ASP A CA  1 
ATOM 317  C C   . ASP A 1 42  ? 4.631   7.186   9.362   1.00 43.92 ? 42  ASP A C   1 
ATOM 318  O O   . ASP A 1 42  ? 5.819   6.860   9.390   1.00 43.92 ? 42  ASP A O   1 
ATOM 319  C CB  . ASP A 1 42  ? 4.662   8.489   11.481  1.00 43.92 ? 42  ASP A CB  1 
ATOM 320  C CG  . ASP A 1 42  ? 4.673   9.887   12.079  1.00 43.92 ? 42  ASP A CG  1 
ATOM 321  O OD1 . ASP A 1 42  ? 3.578   10.382  12.430  1.00 43.92 ? 42  ASP A OD1 1 
ATOM 322  O OD2 . ASP A 1 42  ? 5.769   10.487  12.202  1.00 43.92 ? 42  ASP A OD2 1 
ATOM 323  N N   . CYS A 1 43  ? 3.694   6.453   8.762   1.00 18.23 ? 43  CYS A N   1 
ATOM 324  C CA  . CYS A 1 43  ? 4.034   5.214   8.072   1.00 18.23 ? 43  CYS A CA  1 
ATOM 325  C C   . CYS A 1 43  ? 4.554   5.578   6.695   1.00 18.23 ? 43  CYS A C   1 
ATOM 326  O O   . CYS A 1 43  ? 5.288   4.810   6.072   1.00 18.23 ? 43  CYS A O   1 
ATOM 327  C CB  . CYS A 1 43  ? 2.815   4.315   7.930   1.00 18.23 ? 43  CYS A CB  1 
ATOM 328  S SG  . CYS A 1 43  ? 2.310   3.548   9.444   1.00 18.23 ? 43  CYS A SG  1 
ATOM 329  N N   . ALA A 1 44  ? 4.155   6.752   6.221   1.00 8.43  ? 44  ALA A N   1 
ATOM 330  C CA  . ALA A 1 44  ? 4.585   7.251   4.928   1.00 8.43  ? 44  ALA A CA  1 
ATOM 331  C C   . ALA A 1 44  ? 5.886   7.997   5.192   1.00 8.43  ? 44  ALA A C   1 
ATOM 332  O O   . ALA A 1 44  ? 5.858   9.136   5.636   1.00 8.43  ? 44  ALA A O   1 
ATOM 333  C CB  . ALA A 1 44  ? 3.529   8.196   4.366   1.00 8.43  ? 44  ALA A CB  1 
ATOM 334  N N   . ARG A 1 45  ? 7.024   7.363   4.937   1.00 12.55 ? 45  ARG A N   1 
ATOM 335  C CA  . ARG A 1 45  ? 8.299   8.013   5.197   1.00 12.55 ? 45  ARG A CA  1 
ATOM 336  C C   . ARG A 1 45  ? 8.694   9.017   4.131   1.00 12.55 ? 45  ARG A C   1 
ATOM 337  O O   . ARG A 1 45  ? 8.583   8.752   2.940   1.00 12.55 ? 45  ARG A O   1 
ATOM 338  C CB  . ARG A 1 45  ? 9.402   6.973   5.335   1.00 12.55 ? 45  ARG A CB  1 
ATOM 339  C CG  . ARG A 1 45  ? 8.991   5.742   6.115   1.00 12.55 ? 45  ARG A CG  1 
ATOM 340  C CD  . ARG A 1 45  ? 9.553   5.816   7.505   1.00 12.55 ? 45  ARG A CD  1 
ATOM 341  N NE  . ARG A 1 45  ? 9.488   4.546   8.220   1.00 12.55 ? 45  ARG A NE  1 
ATOM 342  C CZ  . ARG A 1 45  ? 10.561  3.887   8.642   1.00 12.55 ? 45  ARG A CZ  1 
ATOM 343  N NH1 . ARG A 1 45  ? 11.779  4.375   8.420   1.00 12.55 ? 45  ARG A NH1 1 
ATOM 344  N NH2 . ARG A 1 45  ? 10.416  2.760   9.320   1.00 12.55 ? 45  ARG A NH2 1 
ATOM 345  N N   . TYR A 1 46  ? 9.158   10.176  4.582   1.00 11.72 ? 46  TYR A N   1 
ATOM 346  C CA  . TYR A 1 46  ? 9.598   11.248  3.703   1.00 11.72 ? 46  TYR A CA  1 
ATOM 347  C C   . TYR A 1 46  ? 8.558   11.738  2.732   1.00 11.72 ? 46  TYR A C   1 
ATOM 348  O O   . TYR A 1 46  ? 8.889   12.066  1.603   1.00 11.72 ? 46  TYR A O   1 
ATOM 349  C CB  . TYR A 1 46  ? 10.821  10.804  2.922   1.00 11.72 ? 46  TYR A CB  1 
ATOM 350  C CG  . TYR A 1 46  ? 11.751  9.967   3.745   1.00 11.72 ? 46  TYR A CG  1 
ATOM 351  C CD1 . TYR A 1 46  ? 12.462  10.526  4.798   1.00 11.72 ? 46  TYR A CD1 1 
ATOM 352  C CD2 . TYR A 1 46  ? 11.924  8.619   3.478   1.00 11.72 ? 46  TYR A CD2 1 
ATOM 353  C CE1 . TYR A 1 46  ? 13.312  9.774   5.557   1.00 11.72 ? 46  TYR A CE1 1 
ATOM 354  C CE2 . TYR A 1 46  ? 12.771  7.858   4.229   1.00 11.72 ? 46  TYR A CE2 1 
ATOM 355  C CZ  . TYR A 1 46  ? 13.466  8.440   5.269   1.00 11.72 ? 46  TYR A CZ  1 
ATOM 356  O OH  . TYR A 1 46  ? 14.338  7.691   6.025   1.00 11.72 ? 46  TYR A OH  1 
ATOM 357  N N   . LEU A 1 47  ? 7.300   11.783  3.142   1.00 13.22 ? 47  LEU A N   1 
ATOM 358  C CA  . LEU A 1 47  ? 6.269   12.273  2.242   1.00 13.22 ? 47  LEU A CA  1 
ATOM 359  C C   . LEU A 1 47  ? 5.981   13.730  2.614   1.00 13.22 ? 47  LEU A C   1 
ATOM 360  O O   . LEU A 1 47  ? 5.655   14.030  3.764   1.00 13.22 ? 47  LEU A O   1 
ATOM 361  C CB  . LEU A 1 47  ? 5.007   11.417  2.367   1.00 13.22 ? 47  LEU A CB  1 
ATOM 362  C CG  . LEU A 1 47  ? 3.846   11.747  1.423   1.00 13.22 ? 47  LEU A CG  1 
ATOM 363  C CD1 . LEU A 1 47  ? 4.255   11.596  -0.019  1.00 13.22 ? 47  LEU A CD1 1 
ATOM 364  C CD2 . LEU A 1 47  ? 2.694   10.817  1.719   1.00 13.22 ? 47  LEU A CD2 1 
ATOM 365  N N   . MET A 1 48  ? 6.123   14.639  1.657   1.00 29.87 ? 48  MET A N   1 
ATOM 366  C CA  . MET A 1 48  ? 5.871   16.038  1.939   1.00 29.87 ? 48  MET A CA  1 
ATOM 367  C C   . MET A 1 48  ? 4.404   16.381  1.875   1.00 29.87 ? 48  MET A C   1 
ATOM 368  O O   . MET A 1 48  ? 3.728   16.148  0.875   1.00 29.87 ? 48  MET A O   1 
ATOM 369  C CB  . MET A 1 48  ? 6.616   16.908  0.950   1.00 29.87 ? 48  MET A CB  1 
ATOM 370  C CG  . MET A 1 48  ? 8.014   16.460  0.728   1.00 29.87 ? 48  MET A CG  1 
ATOM 371  S SD  . MET A 1 48  ? 9.013   17.867  0.315   1.00 29.87 ? 48  MET A SD  1 
ATOM 372  C CE  . MET A 1 48  ? 10.042  17.115  -0.942  1.00 29.87 ? 48  MET A CE  1 
ATOM 373  N N   . PRO A 1 49  ? 3.878   16.928  2.966   1.00 20.87 ? 49  PRO A N   1 
ATOM 374  C CA  . PRO A 1 49  ? 2.466   17.308  2.993   1.00 20.87 ? 49  PRO A CA  1 
ATOM 375  C C   . PRO A 1 49  ? 2.323   18.648  2.285   1.00 20.87 ? 49  PRO A C   1 
ATOM 376  O O   . PRO A 1 49  ? 1.218   19.079  1.958   1.00 20.87 ? 49  PRO A O   1 
ATOM 377  C CB  . PRO A 1 49  ? 2.140   17.398  4.476   1.00 20.87 ? 49  PRO A CB  1 
ATOM 378  C CG  . PRO A 1 49  ? 3.451   17.698  5.129   1.00 20.87 ? 49  PRO A CG  1 
ATOM 379  C CD  . PRO A 1 49  ? 4.561   17.207  4.235   1.00 20.87 ? 49  PRO A CD  1 
ATOM 380  N N   . ASP A 1 50  ? 3.453   19.303  2.042   1.00 44.14 ? 50  ASP A N   1 
ATOM 381  C CA  . ASP A 1 50  ? 3.491   20.607  1.386   1.00 44.14 ? 50  ASP A CA  1 
ATOM 382  C C   . ASP A 1 50  ? 3.290   20.586  -0.120  1.00 44.14 ? 50  ASP A C   1 
ATOM 383  O O   . ASP A 1 50  ? 2.329   21.157  -0.640  1.00 44.14 ? 50  ASP A O   1 
ATOM 384  C CB  . ASP A 1 50  ? 4.809   21.304  1.727   1.00 44.14 ? 50  ASP A CB  1 
ATOM 385  N N   . ARG A 1 51  ? 4.184   19.906  -0.819  1.00 34.21 ? 51  ARG A N   1 
ATOM 386  C CA  . ARG A 1 51  ? 4.201   19.833  -2.276  1.00 34.21 ? 51  ARG A CA  1 
ATOM 387  C C   . ARG A 1 51  ? 3.187   18.978  -3.044  1.00 34.21 ? 51  ARG A C   1 
ATOM 388  O O   . ARG A 1 51  ? 2.940   17.824  -2.723  1.00 34.21 ? 51  ARG A O   1 
ATOM 389  C CB  . ARG A 1 51  ? 5.615   19.463  -2.746  1.00 34.21 ? 51  ARG A CB  1 
ATOM 390  N N   . ASP A 1 52  ? 2.613   19.561  -4.090  1.00 28.27 ? 52  ASP A N   1 
ATOM 391  C CA  . ASP A 1 52  ? 1.669   18.850  -4.937  1.00 28.27 ? 52  ASP A CA  1 
ATOM 392  C C   . ASP A 1 52  ? 2.511   18.154  -6.007  1.00 28.27 ? 52  ASP A C   1 
ATOM 393  O O   . ASP A 1 52  ? 2.031   17.269  -6.716  1.00 28.27 ? 52  ASP A O   1 
ATOM 394  C CB  . ASP A 1 52  ? 0.700   19.832  -5.594  1.00 28.27 ? 52  ASP A CB  1 
ATOM 395  N N   . ASP A 1 53  ? 3.777   18.570  -6.092  1.00 38.85 ? 53  ASP A N   1 
ATOM 396  C CA  . ASP A 1 53  ? 4.731   18.051  -7.075  1.00 38.85 ? 53  ASP A CA  1 
ATOM 397  C C   . ASP A 1 53  ? 5.280   16.649  -6.786  1.00 38.85 ? 53  ASP A C   1 
ATOM 398  O O   . ASP A 1 53  ? 5.789   15.982  -7.688  1.00 38.85 ? 53  ASP A O   1 
ATOM 399  C CB  . ASP A 1 53  ? 5.903   19.044  -7.231  1.00 38.85 ? 53  ASP A CB  1 
ATOM 400  N N   . VAL A 1 54  ? 5.166   16.194  -5.543  1.00 14.38 ? 54  VAL A N   1 
ATOM 401  C CA  . VAL A 1 54  ? 5.702   14.889  -5.160  1.00 14.38 ? 54  VAL A CA  1 
ATOM 402  C C   . VAL A 1 54  ? 4.850   13.669  -5.487  1.00 14.38 ? 54  VAL A C   1 
ATOM 403  O O   . VAL A 1 54  ? 3.709   13.782  -5.932  1.00 14.38 ? 54  VAL A O   1 
ATOM 404  C CB  . VAL A 1 54  ? 5.992   14.844  -3.659  1.00 14.38 ? 54  VAL A CB  1 
ATOM 405  C CG1 . VAL A 1 54  ? 6.956   15.939  -3.295  1.00 14.38 ? 54  VAL A CG1 1 
ATOM 406  C CG2 . VAL A 1 54  ? 4.690   14.984  -2.879  1.00 14.38 ? 54  VAL A CG2 1 
ATOM 407  N N   . ASP A 1 55  ? 5.437   12.498  -5.248  1.00 31.89 ? 55  ASP A N   1 
ATOM 408  C CA  . ASP A 1 55  ? 4.781   11.219  -5.467  1.00 31.89 ? 55  ASP A CA  1 
ATOM 409  C C   . ASP A 1 55  ? 3.790   11.061  -4.324  1.00 31.89 ? 55  ASP A C   1 
ATOM 410  O O   . ASP A 1 55  ? 4.004   11.600  -3.238  1.00 31.89 ? 55  ASP A O   1 
ATOM 411  C CB  . ASP A 1 55  ? 5.802   10.079  -5.397  1.00 31.89 ? 55  ASP A CB  1 
ATOM 412  C CG  . ASP A 1 55  ? 6.694   10.007  -6.616  1.00 31.89 ? 55  ASP A CG  1 
ATOM 413  O OD1 . ASP A 1 55  ? 6.190   10.217  -7.734  1.00 31.89 ? 55  ASP A OD1 1 
ATOM 414  O OD2 . ASP A 1 55  ? 7.901   9.731   -6.455  1.00 31.89 ? 55  ASP A OD2 1 
ATOM 415  N N   . LYS A 1 56  ? 2.718   10.313  -4.556  1.00 33.40 ? 56  LYS A N   1 
ATOM 416  C CA  . LYS A 1 56  ? 1.717   10.113  -3.525  1.00 33.40 ? 56  LYS A CA  1 
ATOM 417  C C   . LYS A 1 56  ? 1.479   8.652   -3.184  1.00 33.40 ? 56  LYS A C   1 
ATOM 418  O O   . LYS A 1 56  ? 1.686   7.765   -3.997  1.00 33.40 ? 56  LYS A O   1 
ATOM 419  C CB  . LYS A 1 56  ? 0.418   10.772  -3.956  1.00 33.40 ? 56  LYS A CB  1 
ATOM 420  C CG  . LYS A 1 56  ? 0.629   12.159  -4.503  1.00 33.40 ? 56  LYS A CG  1 
ATOM 421  C CD  . LYS A 1 56  ? -0.347  12.459  -5.623  1.00 33.40 ? 56  LYS A CD  1 
ATOM 422  C CE  . LYS A 1 56  ? -0.247  13.918  -6.063  1.00 33.40 ? 56  LYS A CE  1 
ATOM 423  N NZ  . LYS A 1 56  ? 1.177   14.390  -6.092  1.00 33.40 ? 56  LYS A NZ  1 
ATOM 424  N N   . LEU A 1 57  ? 1.052   8.415   -1.953  1.00 13.66 ? 57  LEU A N   1 
ATOM 425  C CA  . LEU A 1 57  ? 0.773   7.073   -1.469  1.00 13.66 ? 57  LEU A CA  1 
ATOM 426  C C   . LEU A 1 57  ? -0.724  6.899   -1.577  1.00 13.66 ? 57  LEU A C   1 
ATOM 427  O O   . LEU A 1 57  ? -1.475  7.656   -0.973  1.00 13.66 ? 57  LEU A O   1 
ATOM 428  C CB  . LEU A 1 57  ? 1.198   6.952   -0.009  1.00 13.66 ? 57  LEU A CB  1 
ATOM 429  C CG  . LEU A 1 57  ? 0.743   5.721   0.763   1.00 13.66 ? 57  LEU A CG  1 
ATOM 430  C CD1 . LEU A 1 57  ? 1.092   4.468   -0.012  1.00 13.66 ? 57  LEU A CD1 1 
ATOM 431  C CD2 . LEU A 1 57  ? 1.415   5.724   2.128   1.00 13.66 ? 57  LEU A CD2 1 
ATOM 432  N N   . VAL A 1 58  ? -1.160  5.909   -2.347  1.00 22.23 ? 58  VAL A N   1 
ATOM 433  C CA  . VAL A 1 58  ? -2.587  5.658   -2.531  1.00 22.23 ? 58  VAL A CA  1 
ATOM 434  C C   . VAL A 1 58  ? -2.979  4.261   -2.067  1.00 22.23 ? 58  VAL A C   1 
ATOM 435  O O   . VAL A 1 58  ? -2.426  3.264   -2.538  1.00 22.23 ? 58  VAL A O   1 
ATOM 436  C CB  . VAL A 1 58  ? -2.965  5.803   -3.991  1.00 22.23 ? 58  VAL A CB  1 
ATOM 437  C CG1 . VAL A 1 58  ? -4.420  5.478   -4.177  1.00 22.23 ? 58  VAL A CG1 1 
ATOM 438  C CG2 . VAL A 1 58  ? -2.665  7.200   -4.446  1.00 22.23 ? 58  VAL A CG2 1 
ATOM 439  N N   . ILE A 1 59  ? -3.947  4.189   -1.156  1.00 9.69  ? 59  ILE A N   1 
ATOM 440  C CA  . ILE A 1 59  ? -4.383  2.909   -0.618  1.00 9.69  ? 59  ILE A CA  1 
ATOM 441  C C   . ILE A 1 59  ? -5.833  2.596   -0.942  1.00 9.69  ? 59  ILE A C   1 
ATOM 442  O O   . ILE A 1 59  ? -6.729  3.377   -0.641  1.00 9.69  ? 59  ILE A O   1 
ATOM 443  C CB  . ILE A 1 59  ? -4.178  2.876   0.906   1.00 9.69  ? 59  ILE A CB  1 
ATOM 444  C CG1 . ILE A 1 59  ? -2.700  3.072   1.208   1.00 9.69  ? 59  ILE A CG1 1 
ATOM 445  C CG2 . ILE A 1 59  ? -4.654  1.553   1.481   1.00 9.69  ? 59  ILE A CG2 1 
ATOM 446  C CD1 . ILE A 1 59  ? -2.388  3.079   2.658   1.00 9.69  ? 59  ILE A CD1 1 
ATOM 447  N N   . GLY A 1 60  ? -6.055  1.444   -1.562  1.00 14.41 ? 60  GLY A N   1 
ATOM 448  C CA  . GLY A 1 60  ? -7.404  1.044   -1.905  1.00 14.41 ? 60  GLY A CA  1 
ATOM 449  C C   . GLY A 1 60  ? -8.317  0.868   -0.698  1.00 14.41 ? 60  GLY A C   1 
ATOM 450  O O   . GLY A 1 60  ? -7.948  1.197   0.440   1.00 14.41 ? 60  GLY A O   1 
ATOM 451  N N   . SER A 1 61  ? -9.516  0.340   -0.958  1.00 18.60 ? 61  SER A N   1 
ATOM 452  C CA  . SER A 1 61  ? -10.532 0.099   0.072   1.00 18.60 ? 61  SER A CA  1 
ATOM 453  C C   . SER A 1 61  ? -10.400 -1.303  0.674   1.00 18.60 ? 61  SER A C   1 
ATOM 454  O O   . SER A 1 61  ? -9.861  -2.210  0.045   1.00 18.60 ? 61  SER A O   1 
ATOM 455  C CB  . SER A 1 61  ? -11.932 0.275   -0.530  1.00 18.60 ? 61  SER A CB  1 
ATOM 456  N N   . PHE A 1 62  ? -10.883 -1.464  1.901   1.00 11.09 ? 62  PHE A N   1 
ATOM 457  C CA  . PHE A 1 62  ? -10.857 -2.746  2.605   1.00 11.09 ? 62  PHE A CA  1 
ATOM 458  C C   . PHE A 1 62  ? -9.481  -3.339  2.901   1.00 11.09 ? 62  PHE A C   1 
ATOM 459  O O   . PHE A 1 62  ? -9.338  -4.561  2.971   1.00 11.09 ? 62  PHE A O   1 
ATOM 460  C CB  . PHE A 1 62  ? -11.704 -3.778  1.844   1.00 11.09 ? 62  PHE A CB  1 
ATOM 461  C CG  . PHE A 1 62  ? -13.171 -3.463  1.843   1.00 11.09 ? 62  PHE A CG  1 
ATOM 462  C CD1 . PHE A 1 62  ? -13.964 -3.755  2.949   1.00 11.09 ? 62  PHE A CD1 1 
ATOM 463  C CD2 . PHE A 1 62  ? -13.760 -2.846  0.749   1.00 11.09 ? 62  PHE A CD2 1 
ATOM 464  C CE1 . PHE A 1 62  ? -15.323 -3.434  2.963   1.00 11.09 ? 62  PHE A CE1 1 
ATOM 465  C CE2 . PHE A 1 62  ? -15.112 -2.523  0.756   1.00 11.09 ? 62  PHE A CE2 1 
ATOM 466  C CZ  . PHE A 1 62  ? -15.891 -2.817  1.867   1.00 11.09 ? 62  PHE A CZ  1 
ATOM 467  N N   . CYS A 1 63  ? -8.477  -2.487  3.090   1.00 15.37 ? 63  CYS A N   1 
ATOM 468  C CA  . CYS A 1 63  ? -7.129  -2.962  3.393   1.00 15.37 ? 63  CYS A CA  1 
ATOM 469  C C   . CYS A 1 63  ? -6.914  -3.095  4.894   1.00 15.37 ? 63  CYS A C   1 
ATOM 470  O O   . CYS A 1 63  ? -7.340  -2.235  5.660   1.00 15.37 ? 63  CYS A O   1 
ATOM 471  C CB  . CYS A 1 63  ? -6.090  -1.998  2.839   1.00 15.37 ? 63  CYS A CB  1 
ATOM 472  S SG  . CYS A 1 63  ? -6.090  -1.882  1.058   1.00 15.37 ? 63  CYS A SG  1 
ATOM 473  N N   . SER A 1 64  ? -6.276  -4.184  5.313   1.00 17.12 ? 64  SER A N   1 
ATOM 474  C CA  . SER A 1 64  ? -5.968  -4.408  6.727   1.00 17.12 ? 64  SER A CA  1 
ATOM 475  C C   . SER A 1 64  ? -4.455  -4.242  6.781   1.00 17.12 ? 64  SER A C   1 
ATOM 476  O O   . SER A 1 64  ? -3.720  -5.030  6.181   1.00 17.12 ? 64  SER A O   1 
ATOM 477  C CB  . SER A 1 64  ? -6.351  -5.821  7.161   1.00 17.12 ? 64  SER A CB  1 
ATOM 478  O OG  . SER A 1 64  ? -7.473  -6.284  6.439   1.00 17.12 ? 64  SER A OG  1 
ATOM 479  N N   . ILE A 1 65  ? -3.993  -3.217  7.490   1.00 8.00  ? 65  ILE A N   1 
ATOM 480  C CA  . ILE A 1 65  ? -2.570  -2.924  7.565   1.00 8.00  ? 65  ILE A CA  1 
ATOM 481  C C   . ILE A 1 65  ? -1.927  -3.129  8.923   1.00 8.00  ? 65  ILE A C   1 
ATOM 482  O O   . ILE A 1 65  ? -2.270  -2.468  9.894   1.00 8.00  ? 65  ILE A O   1 
ATOM 483  C CB  . ILE A 1 65  ? -2.319  -1.491  7.113   1.00 8.00  ? 65  ILE A CB  1 
ATOM 484  C CG1 . ILE A 1 65  ? -2.803  -1.336  5.677   1.00 8.00  ? 65  ILE A CG1 1 
ATOM 485  C CG2 . ILE A 1 65  ? -0.855  -1.156  7.219   1.00 8.00  ? 65  ILE A CG2 1 
ATOM 486  C CD1 . ILE A 1 65  ? -2.820  0.076   5.186   1.00 8.00  ? 65  ILE A CD1 1 
ATOM 487  N N   . GLY A 1 66  ? -0.962  -4.039  8.958   1.00 8.38  ? 66  GLY A N   1 
ATOM 488  C CA  . GLY A 1 66  ? -0.252  -4.364  10.180  1.00 8.38  ? 66  GLY A CA  1 
ATOM 489  C C   . GLY A 1 66  ? 0.571   -3.247  10.785  1.00 8.38  ? 66  GLY A C   1 
ATOM 490  O O   . GLY A 1 66  ? 0.881   -2.264  10.126  1.00 8.38  ? 66  GLY A O   1 
ATOM 491  N N   . SER A 1 67  ? 0.931   -3.422  12.051  1.00 12.45 ? 67  SER A N   1 
ATOM 492  C CA  . SER A 1 67  ? 1.706   -2.446  12.804  1.00 12.45 ? 67  SER A CA  1 
ATOM 493  C C   . SER A 1 67  ? 3.040   -2.134  12.168  1.00 12.45 ? 67  SER A C   1 
ATOM 494  O O   . SER A 1 67  ? 3.626   -2.959  11.476  1.00 12.45 ? 67  SER A O   1 
ATOM 495  C CB  . SER A 1 67  ? 1.949   -2.966  14.226  1.00 12.45 ? 67  SER A CB  1 
ATOM 496  O OG  . SER A 1 67  ? 2.336   -1.929  15.118  1.00 12.45 ? 67  SER A OG  1 
ATOM 497  N N   . GLY A 1 68  ? 3.517   -0.927  12.409  1.00 8.00  ? 68  GLY A N   1 
ATOM 498  C CA  . GLY A 1 68  ? 4.809   -0.535  11.892  1.00 8.00  ? 68  GLY A CA  1 
ATOM 499  C C   . GLY A 1 68  ? 5.100   -0.711  10.418  1.00 8.00  ? 68  GLY A C   1 
ATOM 500  O O   . GLY A 1 68  ? 6.265   -0.713  10.035  1.00 8.00  ? 68  GLY A O   1 
ATOM 501  N N   . ALA A 1 69  ? 4.081   -0.867  9.583   1.00 11.06 ? 69  ALA A N   1 
ATOM 502  C CA  . ALA A 1 69  ? 4.340   -0.994  8.158   1.00 11.06 ? 69  ALA A CA  1 
ATOM 503  C C   . ALA A 1 69  ? 4.986   0.333   7.736   1.00 11.06 ? 69  ALA A C   1 
ATOM 504  O O   . ALA A 1 69  ? 4.863   1.344   8.444   1.00 11.06 ? 69  ALA A O   1 
ATOM 505  C CB  . ALA A 1 69  ? 3.056   -1.206  7.423   1.00 11.06 ? 69  ALA A CB  1 
ATOM 506  N N   . ALA A 1 70  ? 5.680   0.352   6.602   1.00 9.78  ? 70  ALA A N   1 
ATOM 507  C CA  . ALA A 1 70  ? 6.327   1.588   6.172   1.00 9.78  ? 70  ALA A CA  1 
ATOM 508  C C   . ALA A 1 70  ? 6.407   1.707   4.672   1.00 9.78  ? 70  ALA A C   1 
ATOM 509  O O   . ALA A 1 70  ? 6.769   0.755   3.988   1.00 9.78  ? 70  ALA A O   1 
ATOM 510  C CB  . ALA A 1 70  ? 7.717   1.668   6.755   1.00 9.78  ? 70  ALA A CB  1 
ATOM 511  N N   . PHE A 1 71  ? 6.075   2.881   4.159   1.00 8.00  ? 71  PHE A N   1 
ATOM 512  C CA  . PHE A 1 71  ? 6.128   3.103   2.734   1.00 8.00  ? 71  PHE A CA  1 
ATOM 513  C C   . PHE A 1 71  ? 7.176   4.176   2.457   1.00 8.00  ? 71  PHE A C   1 
ATOM 514  O O   . PHE A 1 71  ? 6.924   5.369   2.645   1.00 8.00  ? 71  PHE A O   1 
ATOM 515  C CB  . PHE A 1 71  ? 4.749   3.529   2.237   1.00 8.00  ? 71  PHE A CB  1 
ATOM 516  C CG  . PHE A 1 71  ? 3.641   2.606   2.660   1.00 8.00  ? 71  PHE A CG  1 
ATOM 517  C CD1 . PHE A 1 71  ? 2.986   2.796   3.859   1.00 8.00  ? 71  PHE A CD1 1 
ATOM 518  C CD2 . PHE A 1 71  ? 3.244   1.550   1.854   1.00 8.00  ? 71  PHE A CD2 1 
ATOM 519  C CE1 . PHE A 1 71  ? 1.951   1.951   4.254   1.00 8.00  ? 71  PHE A CE1 1 
ATOM 520  C CE2 . PHE A 1 71  ? 2.210   0.702   2.241   1.00 8.00  ? 71  PHE A CE2 1 
ATOM 521  C CZ  . PHE A 1 71  ? 1.565   0.907   3.444   1.00 8.00  ? 71  PHE A CZ  1 
ATOM 522  N N   . ILE A 1 72  ? 8.365   3.749   2.035   1.00 8.00  ? 72  ILE A N   1 
ATOM 523  C CA  . ILE A 1 72  ? 9.457   4.679   1.739   1.00 8.00  ? 72  ILE A CA  1 
ATOM 524  C C   . ILE A 1 72  ? 9.116   5.514   0.536   1.00 8.00  ? 72  ILE A C   1 
ATOM 525  O O   . ILE A 1 72  ? 8.865   4.974   -0.533  1.00 8.00  ? 72  ILE A O   1 
ATOM 526  C CB  . ILE A 1 72  ? 10.758  3.955   1.408   1.00 8.00  ? 72  ILE A CB  1 
ATOM 527  C CG1 . ILE A 1 72  ? 11.088  2.938   2.495   1.00 8.00  ? 72  ILE A CG1 1 
ATOM 528  C CG2 . ILE A 1 72  ? 11.875  4.965   1.265   1.00 8.00  ? 72  ILE A CG2 1 
ATOM 529  C CD1 . ILE A 1 72  ? 10.850  3.453   3.878   1.00 8.00  ? 72  ILE A CD1 1 
ATOM 530  N N   . MET A 1 73  ? 9.134   6.828   0.709   1.00 14.63 ? 73  MET A N   1 
ATOM 531  C CA  . MET A 1 73  ? 8.817   7.759   -0.366  1.00 14.63 ? 73  MET A CA  1 
ATOM 532  C C   . MET A 1 73  ? 9.981   8.676   -0.759  1.00 14.63 ? 73  MET A C   1 
ATOM 533  O O   . MET A 1 73  ? 11.140  8.458   -0.367  1.00 14.63 ? 73  MET A O   1 
ATOM 534  C CB  . MET A 1 73  ? 7.630   8.622   0.049   1.00 14.63 ? 73  MET A CB  1 
ATOM 535  C CG  . MET A 1 73  ? 6.472   7.837   0.627   1.00 14.63 ? 73  MET A CG  1 
ATOM 536  S SD  . MET A 1 73  ? 5.621   6.931   -0.655  1.00 14.63 ? 73  MET A SD  1 
ATOM 537  C CE  . MET A 1 73  ? 4.193   7.840   -0.807  1.00 14.63 ? 73  MET A CE  1 
ATOM 538  N N   . ALA A 1 74  ? 9.656   9.697   -1.554  1.00 12.32 ? 74  ALA A N   1 
ATOM 539  C CA  . ALA A 1 74  ? 10.623  10.691  -2.015  1.00 12.32 ? 74  ALA A CA  1 
ATOM 540  C C   . ALA A 1 74  ? 11.609  10.144  -3.024  1.00 12.32 ? 74  ALA A C   1 
ATOM 541  O O   . ALA A 1 74  ? 12.762  10.550  -3.041  1.00 12.32 ? 74  ALA A O   1 
ATOM 542  C CB  . ALA A 1 74  ? 11.375  11.267  -0.829  1.00 12.32 ? 74  ALA A CB  1 
ATOM 543  N N   . GLY A 1 75  ? 11.162  9.224   -3.867  1.00 17.01 ? 75  GLY A N   1 
ATOM 544  C CA  . GLY A 1 75  ? 12.059  8.669   -4.863  1.00 17.01 ? 75  GLY A CA  1 
ATOM 545  C C   . GLY A 1 75  ? 13.464  8.416   -4.342  1.00 17.01 ? 75  GLY A C   1 
ATOM 546  O O   . GLY A 1 75  ? 13.640  7.955   -3.212  1.00 17.01 ? 75  GLY A O   1 
ATOM 547  N N   . ASN A 1 76  ? 14.461  8.750   -5.158  1.00 17.92 ? 76  ASN A N   1 
ATOM 548  C CA  . ASN A 1 76  ? 15.868  8.532   -4.823  1.00 17.92 ? 76  ASN A CA  1 
ATOM 549  C C   . ASN A 1 76  ? 16.401  9.418   -3.730  1.00 17.92 ? 76  ASN A C   1 
ATOM 550  O O   . ASN A 1 76  ? 17.475  9.177   -3.204  1.00 17.92 ? 76  ASN A O   1 
ATOM 551  C CB  . ASN A 1 76  ? 16.743  8.699   -6.070  1.00 17.92 ? 76  ASN A CB  1 
ATOM 552  C CG  . ASN A 1 76  ? 16.611  10.067  -6.697  1.00 17.92 ? 76  ASN A CG  1 
ATOM 553  O OD1 . ASN A 1 76  ? 15.596  10.746  -6.525  1.00 17.92 ? 76  ASN A OD1 1 
ATOM 554  N ND2 . ASN A 1 76  ? 17.636  10.482  -7.430  1.00 17.92 ? 76  ASN A ND2 1 
ATOM 555  N N   . GLN A 1 77  ? 15.652  10.446  -3.384  1.00 21.63 ? 77  GLN A N   1 
ATOM 556  C CA  . GLN A 1 77  ? 16.090  11.355  -2.346  1.00 21.63 ? 77  GLN A CA  1 
ATOM 557  C C   . GLN A 1 77  ? 17.354  12.057  -2.800  1.00 21.63 ? 77  GLN A C   1 
ATOM 558  O O   . GLN A 1 77  ? 18.211  12.422  -2.009  1.00 21.63 ? 77  GLN A O   1 
ATOM 559  C CB  . GLN A 1 77  ? 16.300  10.584  -1.053  1.00 21.63 ? 77  GLN A CB  1 
ATOM 560  C CG  . GLN A 1 77  ? 14.965  10.185  -0.441  1.00 21.63 ? 77  GLN A CG  1 
ATOM 561  C CD  . GLN A 1 77  ? 15.094  9.487   0.892   1.00 21.63 ? 77  GLN A CD  1 
ATOM 562  O OE1 . GLN A 1 77  ? 15.358  10.124  1.921   1.00 21.63 ? 77  GLN A OE1 1 
ATOM 563  N NE2 . GLN A 1 77  ? 14.903  8.167   0.889   1.00 21.63 ? 77  GLN A NE2 1 
ATOM 564  N N   . GLY A 1 78  ? 17.450  12.243  -4.106  1.00 14.54 ? 78  GLY A N   1 
ATOM 565  C CA  . GLY A 1 78  ? 18.586  12.923  -4.681  1.00 14.54 ? 78  GLY A CA  1 
ATOM 566  C C   . GLY A 1 78  ? 19.862  12.116  -4.755  1.00 14.54 ? 78  GLY A C   1 
ATOM 567  O O   . GLY A 1 78  ? 20.927  12.700  -4.932  1.00 14.54 ? 78  GLY A O   1 
ATOM 568  N N   . HIS A 1 79  ? 19.758  10.791  -4.627  1.00 14.14 ? 79  HIS A N   1 
ATOM 569  C CA  . HIS A 1 79  ? 20.918  9.893   -4.681  1.00 14.14 ? 79  HIS A CA  1 
ATOM 570  C C   . HIS A 1 79  ? 20.999  9.193   -6.044  1.00 14.14 ? 79  HIS A C   1 
ATOM 571  O O   . HIS A 1 79  ? 20.169  8.340   -6.347  1.00 14.14 ? 79  HIS A O   1 
ATOM 572  C CB  . HIS A 1 79  ? 20.800  8.819   -3.599  1.00 14.14 ? 79  HIS A CB  1 
ATOM 573  C CG  . HIS A 1 79  ? 20.990  9.329   -2.204  1.00 14.14 ? 79  HIS A CG  1 
ATOM 574  N ND1 . HIS A 1 79  ? 22.228  9.416   -1.607  1.00 14.14 ? 79  HIS A ND1 1 
ATOM 575  C CD2 . HIS A 1 79  ? 20.097  9.732   -1.275  1.00 14.14 ? 79  HIS A CD2 1 
ATOM 576  C CE1 . HIS A 1 79  ? 22.091  9.852   -0.371  1.00 14.14 ? 79  HIS A CE1 1 
ATOM 577  N NE2 . HIS A 1 79  ? 20.807  10.054  -0.140  1.00 14.14 ? 79  HIS A NE2 1 
ATOM 578  N N   . ARG A 1 80  ? 21.988  9.533   -6.867  1.00 27.92 ? 80  ARG A N   1 
ATOM 579  C CA  . ARG A 1 80  ? 22.120  8.895   -8.179  1.00 27.92 ? 80  ARG A CA  1 
ATOM 580  C C   . ARG A 1 80  ? 23.233  7.862   -8.156  1.00 27.92 ? 80  ARG A C   1 
ATOM 581  O O   . ARG A 1 80  ? 24.404  8.217   -8.176  1.00 27.92 ? 80  ARG A O   1 
ATOM 582  C CB  . ARG A 1 80  ? 22.421  9.945   -9.244  1.00 27.92 ? 80  ARG A CB  1 
ATOM 583  C CG  . ARG A 1 80  ? 21.288  10.921  -9.448  1.00 27.92 ? 80  ARG A CG  1 
ATOM 584  C CD  . ARG A 1 80  ? 20.152  10.240  -10.148 1.00 27.92 ? 80  ARG A CD  1 
ATOM 585  N NE  . ARG A 1 80  ? 20.344  10.311  -11.581 1.00 27.92 ? 80  ARG A NE  1 
ATOM 586  C CZ  . ARG A 1 80  ? 19.894  11.303  -12.332 1.00 27.92 ? 80  ARG A CZ  1 
ATOM 587  N NH1 . ARG A 1 80  ? 19.223  12.304  -11.778 1.00 27.92 ? 80  ARG A NH1 1 
ATOM 588  N NH2 . ARG A 1 80  ? 20.122  11.297  -13.637 1.00 27.92 ? 80  ARG A NH2 1 
ATOM 589  N N   . ALA A 1 81  ? 22.872  6.585   -8.124  1.00 11.79 ? 81  ALA A N   1 
ATOM 590  C CA  . ALA A 1 81  ? 23.873  5.515   -8.073  1.00 11.79 ? 81  ALA A CA  1 
ATOM 591  C C   . ALA A 1 81  ? 24.753  5.411   -9.319  1.00 11.79 ? 81  ALA A C   1 
ATOM 592  O O   . ALA A 1 81  ? 25.852  4.850   -9.258  1.00 11.79 ? 81  ALA A O   1 
ATOM 593  C CB  . ALA A 1 81  ? 23.195  4.170   -7.807  1.00 11.79 ? 81  ALA A CB  1 
ATOM 594  N N   . GLU A 1 82  ? 24.277  5.951   -10.440 1.00 23.16 ? 82  GLU A N   1 
ATOM 595  C CA  . GLU A 1 82  ? 25.027  5.895   -11.687 1.00 23.16 ? 82  GLU A CA  1 
ATOM 596  C C   . GLU A 1 82  ? 25.948  7.083   -11.852 1.00 23.16 ? 82  GLU A C   1 
ATOM 597  O O   . GLU A 1 82  ? 26.587  7.243   -12.879 1.00 23.16 ? 82  GLU A O   1 
ATOM 598  C CB  . GLU A 1 82  ? 24.081  5.816   -12.877 1.00 23.16 ? 82  GLU A CB  1 
ATOM 599  C CG  . GLU A 1 82  ? 23.357  7.094   -13.146 1.00 23.16 ? 82  GLU A CG  1 
ATOM 600  C CD  . GLU A 1 82  ? 22.052  7.162   -12.396 1.00 23.16 ? 82  GLU A CD  1 
ATOM 601  O OE1 . GLU A 1 82  ? 21.840  6.323   -11.493 1.00 23.16 ? 82  GLU A OE1 1 
ATOM 602  O OE2 . GLU A 1 82  ? 21.230  8.051   -12.706 1.00 23.16 ? 82  GLU A OE2 1 
ATOM 603  N N   . TRP A 1 83  ? 26.006  7.929   -10.840 1.00 8.00  ? 83  TRP A N   1 
ATOM 604  C CA  . TRP A 1 83  ? 26.892  9.069   -10.898 1.00 8.00  ? 83  TRP A CA  1 
ATOM 605  C C   . TRP A 1 83  ? 28.135  8.639   -10.148 1.00 8.00  ? 83  TRP A C   1 
ATOM 606  O O   . TRP A 1 83  ? 28.123  7.608   -9.487  1.00 8.00  ? 83  TRP A O   1 
ATOM 607  C CB  . TRP A 1 83  ? 26.247  10.272  -10.233 1.00 8.00  ? 83  TRP A CB  1 
ATOM 608  C CG  . TRP A 1 83  ? 25.233  10.922  -11.097 1.00 8.00  ? 83  TRP A CG  1 
ATOM 609  C CD1 . TRP A 1 83  ? 24.860  10.533  -12.339 1.00 8.00  ? 83  TRP A CD1 1 
ATOM 610  C CD2 . TRP A 1 83  ? 24.473  12.091  -10.797 1.00 8.00  ? 83  TRP A CD2 1 
ATOM 611  N NE1 . TRP A 1 83  ? 23.912  11.390  -12.843 1.00 8.00  ? 83  TRP A NE1 1 
ATOM 612  C CE2 . TRP A 1 83  ? 23.658  12.357  -11.915 1.00 8.00  ? 83  TRP A CE2 1 
ATOM 613  C CE3 . TRP A 1 83  ? 24.403  12.944  -9.696  1.00 8.00  ? 83  TRP A CE3 1 
ATOM 614  C CZ2 . TRP A 1 83  ? 22.783  13.436  -11.964 1.00 8.00  ? 83  TRP A CZ2 1 
ATOM 615  C CZ3 . TRP A 1 83  ? 23.529  14.027  -9.745  1.00 8.00  ? 83  TRP A CZ3 1 
ATOM 616  C CH2 . TRP A 1 83  ? 22.732  14.259  -10.872 1.00 8.00  ? 83  TRP A CH2 1 
ATOM 617  N N   . ALA A 1 84  ? 29.203  9.419   -10.247 1.00 14.15 ? 84  ALA A N   1 
ATOM 618  C CA  . ALA A 1 84  ? 30.450  9.072   -9.589  1.00 14.15 ? 84  ALA A CA  1 
ATOM 619  C C   . ALA A 1 84  ? 30.356  9.134   -8.075  1.00 14.15 ? 84  ALA A C   1 
ATOM 620  O O   . ALA A 1 84  ? 31.192  8.558   -7.379  1.00 14.15 ? 84  ALA A O   1 
ATOM 621  C CB  . ALA A 1 84  ? 31.555  9.982   -10.078 1.00 14.15 ? 84  ALA A CB  1 
ATOM 622  N N   . SER A 1 85  ? 29.346  9.831   -7.562  1.00 22.31 ? 85  SER A N   1 
ATOM 623  C CA  . SER A 1 85  ? 29.160  9.954   -6.120  1.00 22.31 ? 85  SER A CA  1 
ATOM 624  C C   . SER A 1 85  ? 27.678  9.848   -5.744  1.00 22.31 ? 85  SER A C   1 
ATOM 625  O O   . SER A 1 85  ? 26.833  10.467  -6.386  1.00 22.31 ? 85  SER A O   1 
ATOM 626  C CB  . SER A 1 85  ? 29.721  11.291  -5.640  1.00 22.31 ? 85  SER A CB  1 
ATOM 627  O OG  . SER A 1 85  ? 29.714  11.351  -4.230  1.00 22.31 ? 85  SER A OG  1 
ATOM 628  N N   . THR A 1 86  ? 27.357  9.064   -4.714  1.00 15.15 ? 86  THR A N   1 
ATOM 629  C CA  . THR A 1 86  ? 25.968  8.921   -4.281  1.00 15.15 ? 86  THR A CA  1 
ATOM 630  C C   . THR A 1 86  ? 25.683  9.916   -3.170  1.00 15.15 ? 86  THR A C   1 
ATOM 631  O O   . THR A 1 86  ? 24.732  9.756   -2.415  1.00 15.15 ? 86  THR A O   1 
ATOM 632  C CB  . THR A 1 86  ? 25.676  7.516   -3.728  1.00 15.15 ? 86  THR A CB  1 
ATOM 633  O OG1 . THR A 1 86  ? 26.536  7.248   -2.608  1.00 15.15 ? 86  THR A OG1 1 
ATOM 634  C CG2 . THR A 1 86  ? 25.869  6.469   -4.807  1.00 15.15 ? 86  THR A CG2 1 
ATOM 635  N N   . PHE A 1 87  ? 26.515  10.945  -3.064  1.00 19.07 ? 87  PHE A N   1 
ATOM 636  C CA  . PHE A 1 87  ? 26.344  11.965  -2.034  1.00 19.07 ? 87  PHE A CA  1 
ATOM 637  C C   . PHE A 1 87  ? 25.468  13.114  -2.533  1.00 19.07 ? 87  PHE A C   1 
ATOM 638  O O   . PHE A 1 87  ? 25.762  13.733  -3.548  1.00 19.07 ? 87  PHE A O   1 
ATOM 639  C CB  . PHE A 1 87  ? 27.706  12.502  -1.615  1.00 19.07 ? 87  PHE A CB  1 
ATOM 640  C CG  . PHE A 1 87  ? 27.668  13.320  -0.370  1.00 19.07 ? 87  PHE A CG  1 
ATOM 641  C CD1 . PHE A 1 87  ? 27.437  14.688  -0.436  1.00 19.07 ? 87  PHE A CD1 1 
ATOM 642  C CD2 . PHE A 1 87  ? 27.836  12.725  0.874   1.00 19.07 ? 87  PHE A CD2 1 
ATOM 643  C CE1 . PHE A 1 87  ? 27.372  15.456  0.722   1.00 19.07 ? 87  PHE A CE1 1 
ATOM 644  C CE2 . PHE A 1 87  ? 27.771  13.483  2.035   1.00 19.07 ? 87  PHE A CE2 1 
ATOM 645  C CZ  . PHE A 1 87  ? 27.536  14.854  1.958   1.00 19.07 ? 87  PHE A CZ  1 
ATOM 646  N N   . PRO A 1 88  ? 24.391  13.427  -1.815  1.00 12.07 ? 88  PRO A N   1 
ATOM 647  C CA  . PRO A 1 88  ? 23.510  14.513  -2.248  1.00 12.07 ? 88  PRO A CA  1 
ATOM 648  C C   . PRO A 1 88  ? 24.068  15.929  -2.104  1.00 12.07 ? 88  PRO A C   1 
ATOM 649  O O   . PRO A 1 88  ? 23.461  16.783  -1.450  1.00 12.07 ? 88  PRO A O   1 
ATOM 650  C CB  . PRO A 1 88  ? 22.236  14.309  -1.431  1.00 12.07 ? 88  PRO A CB  1 
ATOM 651  C CG  . PRO A 1 88  ? 22.548  13.258  -0.409  1.00 12.07 ? 88  PRO A CG  1 
ATOM 652  C CD  . PRO A 1 88  ? 23.955  12.797  -0.562  1.00 12.07 ? 88  PRO A CD  1 
ATOM 653  N N   . PHE A 1 89  ? 25.210  16.185  -2.739  1.00 10.77 ? 89  PHE A N   1 
ATOM 654  C CA  . PHE A 1 89  ? 25.848  17.500  -2.698  1.00 10.77 ? 89  PHE A CA  1 
ATOM 655  C C   . PHE A 1 89  ? 24.821  18.621  -2.843  1.00 10.77 ? 89  PHE A C   1 
ATOM 656  O O   . PHE A 1 89  ? 24.760  19.521  -2.022  1.00 10.77 ? 89  PHE A O   1 
ATOM 657  C CB  . PHE A 1 89  ? 26.855  17.661  -3.837  1.00 10.77 ? 89  PHE A CB  1 
ATOM 658  C CG  . PHE A 1 89  ? 28.114  16.867  -3.674  1.00 10.77 ? 89  PHE A CG  1 
ATOM 659  C CD1 . PHE A 1 89  ? 28.979  17.103  -2.617  1.00 10.77 ? 89  PHE A CD1 1 
ATOM 660  C CD2 . PHE A 1 89  ? 28.460  15.913  -4.616  1.00 10.77 ? 89  PHE A CD2 1 
ATOM 661  C CE1 . PHE A 1 89  ? 30.175  16.395  -2.508  1.00 10.77 ? 89  PHE A CE1 1 
ATOM 662  C CE2 . PHE A 1 89  ? 29.651  15.203  -4.518  1.00 10.77 ? 89  PHE A CE2 1 
ATOM 663  C CZ  . PHE A 1 89  ? 30.508  15.441  -3.467  1.00 10.77 ? 89  PHE A CZ  1 
ATOM 664  N N   . HIS A 1 90  ? 24.012  18.558  -3.891  1.00 29.92 ? 90  HIS A N   1 
ATOM 665  C CA  . HIS A 1 90  ? 23.037  19.608  -4.145  1.00 29.92 ? 90  HIS A CA  1 
ATOM 666  C C   . HIS A 1 90  ? 22.237  20.009  -2.939  1.00 29.92 ? 90  HIS A C   1 
ATOM 667  O O   . HIS A 1 90  ? 21.858  21.160  -2.805  1.00 29.92 ? 90  HIS A O   1 
ATOM 668  C CB  . HIS A 1 90  ? 22.068  19.196  -5.251  1.00 29.92 ? 90  HIS A CB  1 
ATOM 669  C CG  . HIS A 1 90  ? 21.005  20.220  -5.523  1.00 29.92 ? 90  HIS A CG  1 
ATOM 670  N ND1 . HIS A 1 90  ? 21.180  21.251  -6.419  1.00 29.92 ? 90  HIS A ND1 1 
ATOM 671  C CD2 . HIS A 1 90  ? 19.771  20.389  -4.991  1.00 29.92 ? 90  HIS A CD2 1 
ATOM 672  C CE1 . HIS A 1 90  ? 20.103  22.017  -6.425  1.00 29.92 ? 90  HIS A CE1 1 
ATOM 673  N NE2 . HIS A 1 90  ? 19.230  21.518  -5.565  1.00 29.92 ? 90  HIS A NE2 1 
ATOM 674  N N   . PHE A 1 91  ? 21.979  19.059  -2.057  1.00 16.92 ? 91  PHE A N   1 
ATOM 675  C CA  . PHE A 1 91  ? 21.182  19.359  -0.896  1.00 16.92 ? 91  PHE A CA  1 
ATOM 676  C C   . PHE A 1 91  ? 21.980  19.862  0.282   1.00 16.92 ? 91  PHE A C   1 
ATOM 677  O O   . PHE A 1 91  ? 21.408  20.438  1.198   1.00 16.92 ? 91  PHE A O   1 
ATOM 678  C CB  . PHE A 1 91  ? 20.351  18.140  -0.529  1.00 16.92 ? 91  PHE A CB  1 
ATOM 679  C CG  . PHE A 1 91  ? 19.376  17.767  -1.589  1.00 16.92 ? 91  PHE A CG  1 
ATOM 680  C CD1 . PHE A 1 91  ? 18.133  18.374  -1.646  1.00 16.92 ? 91  PHE A CD1 1 
ATOM 681  C CD2 . PHE A 1 91  ? 19.720  16.861  -2.577  1.00 16.92 ? 91  PHE A CD2 1 
ATOM 682  C CE1 . PHE A 1 91  ? 17.245  18.087  -2.679  1.00 16.92 ? 91  PHE A CE1 1 
ATOM 683  C CE2 . PHE A 1 91  ? 18.835  16.566  -3.618  1.00 16.92 ? 91  PHE A CE2 1 
ATOM 684  C CZ  . PHE A 1 91  ? 17.598  17.183  -3.667  1.00 16.92 ? 91  PHE A CZ  1 
ATOM 685  N N   . MET A 1 92  ? 23.294  19.667  0.260   1.00 37.99 ? 92  MET A N   1 
ATOM 686  C CA  . MET A 1 92  ? 24.153  20.131  1.342   1.00 37.99 ? 92  MET A CA  1 
ATOM 687  C C   . MET A 1 92  ? 24.485  21.609  1.218   1.00 37.99 ? 92  MET A C   1 
ATOM 688  O O   . MET A 1 92  ? 25.643  21.992  0.971   1.00 37.99 ? 92  MET A O   1 
ATOM 689  C CB  . MET A 1 92  ? 25.429  19.282  1.388   1.00 37.99 ? 92  MET A CB  1 
ATOM 690  N N   . HIS A 1 93  ? 23.463  22.451  1.383   1.00 39.48 ? 93  HIS A N   1 
ATOM 691  C CA  . HIS A 1 93  ? 23.519  23.917  1.311   1.00 39.48 ? 93  HIS A CA  1 
ATOM 692  C C   . HIS A 1 93  ? 24.741  24.594  1.896   1.00 39.48 ? 93  HIS A C   1 
ATOM 693  O O   . HIS A 1 93  ? 25.622  25.063  1.159   1.00 39.48 ? 93  HIS A O   1 
ATOM 694  C CB  . HIS A 1 93  ? 22.266  24.510  1.945   1.00 39.48 ? 93  HIS A CB  1 
ATOM 695  N N   . GLU A 1 94  ? 24.789  24.650  3.220   1.00 48.08 ? 94  GLU A N   1 
ATOM 696  C CA  . GLU A 1 94  ? 25.876  25.271  3.959   1.00 48.08 ? 94  GLU A CA  1 
ATOM 697  C C   . GLU A 1 94  ? 27.168  25.304  3.154   1.00 48.08 ? 94  GLU A C   1 
ATOM 698  O O   . GLU A 1 94  ? 27.640  26.377  2.782   1.00 48.08 ? 94  GLU A O   1 
ATOM 699  C CB  . GLU A 1 94  ? 26.112  24.534  5.279   1.00 48.08 ? 94  GLU A CB  1 
ATOM 700  N N   . GLU A 1 95  ? 27.726  24.128  2.875   1.00 31.80 ? 95  GLU A N   1 
ATOM 701  C CA  . GLU A 1 95  ? 28.953  24.039  2.108   1.00 31.80 ? 95  GLU A CA  1 
ATOM 702  C C   . GLU A 1 95  ? 28.843  24.835  0.820   1.00 31.80 ? 95  GLU A C   1 
ATOM 703  O O   . GLU A 1 95  ? 28.133  24.455  -0.113  1.00 31.80 ? 95  GLU A O   1 
ATOM 704  C CB  . GLU A 1 95  ? 29.274  22.590  1.778   1.00 31.80 ? 95  GLU A CB  1 
ATOM 705  C CG  . GLU A 1 95  ? 30.730  22.393  1.481   1.00 31.80 ? 95  GLU A CG  1 
ATOM 706  C CD  . GLU A 1 95  ? 31.579  23.408  2.198   1.00 31.80 ? 95  GLU A CD  1 
ATOM 707  O OE1 . GLU A 1 95  ? 31.647  23.340  3.445   1.00 31.80 ? 95  GLU A OE1 1 
ATOM 708  O OE2 . GLU A 1 95  ? 32.166  24.272  1.514   1.00 31.80 ? 95  GLU A OE2 1 
ATOM 709  N N   . PRO A 1 96  ? 29.544  25.968  0.756   1.00 46.25 ? 96  PRO A N   1 
ATOM 710  C CA  . PRO A 1 96  ? 29.482  26.784  -0.455  1.00 46.25 ? 96  PRO A CA  1 
ATOM 711  C C   . PRO A 1 96  ? 30.160  26.062  -1.612  1.00 46.25 ? 96  PRO A C   1 
ATOM 712  O O   . PRO A 1 96  ? 29.794  26.244  -2.775  1.00 46.25 ? 96  PRO A O   1 
ATOM 713  C CB  . PRO A 1 96  ? 30.206  28.077  -0.075  1.00 46.25 ? 96  PRO A CB  1 
ATOM 714  C CG  . PRO A 1 96  ? 30.515  27.974  1.392   1.00 46.25 ? 96  PRO A CG  1 
ATOM 715  C CD  . PRO A 1 96  ? 30.430  26.540  1.781   1.00 46.25 ? 96  PRO A CD  1 
ATOM 716  N N   . ALA A 1 97  ? 31.146  25.234  -1.286  1.00 17.39 ? 97  ALA A N   1 
ATOM 717  C CA  . ALA A 1 97  ? 31.863  24.485  -2.305  1.00 17.39 ? 97  ALA A CA  1 
ATOM 718  C C   . ALA A 1 97  ? 30.907  23.621  -3.121  1.00 17.39 ? 97  ALA A C   1 
ATOM 719  O O   . ALA A 1 97  ? 31.097  23.433  -4.326  1.00 17.39 ? 97  ALA A O   1 
ATOM 720  C CB  . ALA A 1 97  ? 32.919  23.619  -1.661  1.00 17.39 ? 97  ALA A CB  1 
ATOM 721  N N   . PHE A 1 98  ? 29.872  23.100  -2.471  1.00 19.22 ? 98  PHE A N   1 
ATOM 722  C CA  . PHE A 1 98  ? 28.908  22.252  -3.167  1.00 19.22 ? 98  PHE A CA  1 
ATOM 723  C C   . PHE A 1 98  ? 27.806  23.031  -3.894  1.00 19.22 ? 98  PHE A C   1 
ATOM 724  O O   . PHE A 1 98  ? 26.765  22.468  -4.239  1.00 19.22 ? 98  PHE A O   1 
ATOM 725  C CB  . PHE A 1 98  ? 28.255  21.269  -2.184  1.00 19.22 ? 98  PHE A CB  1 
ATOM 726  C CG  . PHE A 1 98  ? 29.232  20.425  -1.414  1.00 19.22 ? 98  PHE A CG  1 
ATOM 727  C CD1 . PHE A 1 98  ? 30.506  20.177  -1.906  1.00 19.22 ? 98  PHE A CD1 1 
ATOM 728  C CD2 . PHE A 1 98  ? 28.875  19.887  -0.188  1.00 19.22 ? 98  PHE A CD2 1 
ATOM 729  C CE1 . PHE A 1 98  ? 31.409  19.407  -1.184  1.00 19.22 ? 98  PHE A CE1 1 
ATOM 730  C CE2 . PHE A 1 98  ? 29.769  19.118  0.540   1.00 19.22 ? 98  PHE A CE2 1 
ATOM 731  C CZ  . PHE A 1 98  ? 31.042  18.877  0.040   1.00 19.22 ? 98  PHE A CZ  1 
ATOM 732  N N   . ALA A 1 99  ? 28.031  24.314  -4.147  1.00 30.04 ? 99  ALA A N   1 
ATOM 733  C CA  . ALA A 1 99  ? 27.025  25.134  -4.812  1.00 30.04 ? 99  ALA A CA  1 
ATOM 734  C C   . ALA A 1 99  ? 26.675  24.720  -6.241  1.00 30.04 ? 99  ALA A C   1 
ATOM 735  O O   . ALA A 1 99  ? 25.505  24.730  -6.625  1.00 30.04 ? 99  ALA A O   1 
ATOM 736  C CB  . ALA A 1 99  ? 27.464  26.589  -4.799  1.00 30.04 ? 99  ALA A CB  1 
ATOM 737  N N   . GLY A 1 100 ? 27.681  24.355  -7.028  1.00 38.88 ? 100 GLY A N   1 
ATOM 738  C CA  . GLY A 1 100 ? 27.426  23.995  -8.416  1.00 38.88 ? 100 GLY A CA  1 
ATOM 739  C C   . GLY A 1 100 ? 26.735  22.676  -8.659  1.00 38.88 ? 100 GLY A C   1 
ATOM 740  O O   . GLY A 1 100 ? 26.331  22.389  -9.788  1.00 38.88 ? 100 GLY A O   1 
ATOM 741  N N   . ALA A 1 101 ? 26.594  21.880  -7.604  1.00 27.98 ? 101 ALA A N   1 
ATOM 742  C CA  . ALA A 1 101 ? 25.971  20.566  -7.696  1.00 27.98 ? 101 ALA A CA  1 
ATOM 743  C C   . ALA A 1 101 ? 24.618  20.614  -8.387  1.00 27.98 ? 101 ALA A C   1 
ATOM 744  O O   . ALA A 1 101 ? 23.828  21.533  -8.161  1.00 27.98 ? 101 ALA A O   1 
ATOM 745  C CB  . ALA A 1 101 ? 25.816  19.985  -6.314  1.00 27.98 ? 101 ALA A CB  1 
ATOM 746  N N   . VAL A 1 102 ? 24.361  19.626  -9.237  1.00 24.14 ? 102 VAL A N   1 
ATOM 747  C CA  . VAL A 1 102 ? 23.096  19.542  -9.943  1.00 24.14 ? 102 VAL A CA  1 
ATOM 748  C C   . VAL A 1 102 ? 22.177  18.672  -9.108  1.00 24.14 ? 102 VAL A C   1 
ATOM 749  O O   . VAL A 1 102 ? 22.642  17.797  -8.386  1.00 24.14 ? 102 VAL A O   1 
ATOM 750  C CB  . VAL A 1 102 ? 23.260  18.874  -11.300 1.00 24.14 ? 102 VAL A CB  1 
ATOM 751  C CG1 . VAL A 1 102 ? 21.923  18.799  -11.995 1.00 24.14 ? 102 VAL A CG1 1 
ATOM 752  C CG2 . VAL A 1 102 ? 24.248  19.644  -12.139 1.00 24.14 ? 102 VAL A CG2 1 
ATOM 753  N N   . ASN A 1 103 ? 20.876  18.899  -9.209  1.00 26.77 ? 103 ASN A N   1 
ATOM 754  C CA  . ASN A 1 103 ? 19.920  18.112  -8.443  1.00 26.77 ? 103 ASN A CA  1 
ATOM 755  C C   . ASN A 1 103 ? 19.733  16.692  -8.981  1.00 26.77 ? 103 ASN A C   1 
ATOM 756  O O   . ASN A 1 103 ? 19.061  16.478  -9.990  1.00 26.77 ? 103 ASN A O   1 
ATOM 757  C CB  . ASN A 1 103 ? 18.571  18.816  -8.410  1.00 26.77 ? 103 ASN A CB  1 
ATOM 758  C CG  . ASN A 1 103 ? 17.613  18.160  -7.452  1.00 26.77 ? 103 ASN A CG  1 
ATOM 759  O OD1 . ASN A 1 103 ? 17.471  16.938  -7.442  1.00 26.77 ? 103 ASN A OD1 1 
ATOM 760  N ND2 . ASN A 1 103 ? 16.953  18.965  -6.632  1.00 26.77 ? 103 ASN A ND2 1 
ATOM 761  N N   . GLY A 1 104 ? 20.308  15.718  -8.280  1.00 19.32 ? 104 GLY A N   1 
ATOM 762  C CA  . GLY A 1 104 ? 20.204  14.337  -8.712  1.00 19.32 ? 104 GLY A CA  1 
ATOM 763  C C   . GLY A 1 104 ? 18.887  13.675  -8.385  1.00 19.32 ? 104 GLY A C   1 
ATOM 764  O O   . GLY A 1 104 ? 18.710  12.495  -8.663  1.00 19.32 ? 104 GLY A O   1 
ATOM 765  N N   . TYR A 1 105 ? 17.959  14.430  -7.809  1.00 27.01 ? 105 TYR A N   1 
ATOM 766  C CA  . TYR A 1 105 ? 16.655  13.896  -7.436  1.00 27.01 ? 105 TYR A CA  1 
ATOM 767  C C   . TYR A 1 105 ? 15.828  13.426  -8.626  1.00 27.01 ? 105 TYR A C   1 
ATOM 768  O O   . TYR A 1 105 ? 15.910  13.994  -9.704  1.00 27.01 ? 105 TYR A O   1 
ATOM 769  C CB  . TYR A 1 105 ? 15.869  14.942  -6.664  1.00 27.01 ? 105 TYR A CB  1 
ATOM 770  C CG  . TYR A 1 105 ? 14.441  14.548  -6.473  1.00 27.01 ? 105 TYR A CG  1 
ATOM 771  C CD1 . TYR A 1 105 ? 14.062  13.745  -5.402  1.00 27.01 ? 105 TYR A CD1 1 
ATOM 772  C CD2 . TYR A 1 105 ? 13.470  14.917  -7.401  1.00 27.01 ? 105 TYR A CD2 1 
ATOM 773  C CE1 . TYR A 1 105 ? 12.749  13.312  -5.255  1.00 27.01 ? 105 TYR A CE1 1 
ATOM 774  C CE2 . TYR A 1 105 ? 12.151  14.491  -7.270  1.00 27.01 ? 105 TYR A CE2 1 
ATOM 775  C CZ  . TYR A 1 105 ? 11.796  13.685  -6.198  1.00 27.01 ? 105 TYR A CZ  1 
ATOM 776  O OH  . TYR A 1 105 ? 10.492  13.236  -6.081  1.00 27.01 ? 105 TYR A OH  1 
ATOM 777  N N   . GLN A 1 106 ? 15.004  12.407  -8.402  1.00 46.00 ? 106 GLN A N   1 
ATOM 778  C CA  . GLN A 1 106 ? 14.153  11.818  -9.438  1.00 46.00 ? 106 GLN A CA  1 
ATOM 779  C C   . GLN A 1 106 ? 12.877  11.207  -8.849  1.00 46.00 ? 106 GLN A C   1 
ATOM 780  O O   . GLN A 1 106 ? 12.946  10.377  -7.948  1.00 46.00 ? 106 GLN A O   1 
ATOM 781  C CB  . GLN A 1 106 ? 14.898  10.685  -10.127 1.00 46.00 ? 106 GLN A CB  1 
ATOM 782  C CG  . GLN A 1 106 ? 15.675  11.029  -11.375 1.00 46.00 ? 106 GLN A CG  1 
ATOM 783  C CD  . GLN A 1 106 ? 16.350  9.796   -11.956 1.00 46.00 ? 106 GLN A CD  1 
ATOM 784  O OE1 . GLN A 1 106 ? 16.365  8.727   -11.329 1.00 46.00 ? 106 GLN A OE1 1 
ATOM 785  N NE2 . GLN A 1 106 ? 16.910  9.932   -13.156 1.00 46.00 ? 106 GLN A NE2 1 
ATOM 786  N N   . PRO A 1 107 ? 11.699  11.601  -9.345  1.00 21.08 ? 107 PRO A N   1 
ATOM 787  C CA  . PRO A 1 107 ? 10.495  10.987  -8.775  1.00 21.08 ? 107 PRO A CA  1 
ATOM 788  C C   . PRO A 1 107 ? 10.489  9.517   -9.157  1.00 21.08 ? 107 PRO A C   1 
ATOM 789  O O   . PRO A 1 107 ? 11.298  9.084   -9.979  1.00 21.08 ? 107 PRO A O   1 
ATOM 790  C CB  . PRO A 1 107 ? 9.339   11.744  -9.416  1.00 21.08 ? 107 PRO A CB  1 
ATOM 791  C CG  . PRO A 1 107 ? 9.912   12.459  -10.578 1.00 21.08 ? 107 PRO A CG  1 
ATOM 792  C CD  . PRO A 1 107 ? 11.397  12.594  -10.384 1.00 21.08 ? 107 PRO A CD  1 
ATOM 793  N N   . ALA A 1 108 ? 9.583   8.749   -8.566  1.00 12.47 ? 108 ALA A N   1 
ATOM 794  C CA  . ALA A 1 108 ? 9.518   7.318   -8.850  1.00 12.47 ? 108 ALA A CA  1 
ATOM 795  C C   . ALA A 1 108 ? 8.116   6.843   -9.205  1.00 12.47 ? 108 ALA A C   1 
ATOM 796  O O   . ALA A 1 108 ? 7.917   5.691   -9.614  1.00 12.47 ? 108 ALA A O   1 
ATOM 797  C CB  . ALA A 1 108 ? 10.036  6.541   -7.659  1.00 12.47 ? 108 ALA A CB  1 
ATOM 798  N N   . GLY A 1 109 ? 7.151   7.738   -9.042  1.00 24.89 ? 109 GLY A N   1 
ATOM 799  C CA  . GLY A 1 109 ? 5.776   7.404   -9.344  1.00 24.89 ? 109 GLY A CA  1 
ATOM 800  C C   . GLY A 1 109 ? 4.997   7.090   -8.083  1.00 24.89 ? 109 GLY A C   1 
ATOM 801  O O   . GLY A 1 109 ? 5.562   6.596   -7.105  1.00 24.89 ? 109 GLY A O   1 
ATOM 802  N N   . ASP A 1 110 ? 3.703   7.384   -8.092  1.00 28.98 ? 110 ASP A N   1 
ATOM 803  C CA  . ASP A 1 110 ? 2.882   7.110   -6.932  1.00 28.98 ? 110 ASP A CA  1 
ATOM 804  C C   . ASP A 1 110 ? 3.029   5.659   -6.534  1.00 28.98 ? 110 ASP A C   1 
ATOM 805  O O   . ASP A 1 110 ? 3.291   4.795   -7.365  1.00 28.98 ? 110 ASP A O   1 
ATOM 806  C CB  . ASP A 1 110 ? 1.416   7.390   -7.235  1.00 28.98 ? 110 ASP A CB  1 
ATOM 807  C CG  . ASP A 1 110 ? 1.133   8.863   -7.422  1.00 28.98 ? 110 ASP A CG  1 
ATOM 808  O OD1 . ASP A 1 110 ? 1.972   9.696   -7.007  1.00 28.98 ? 110 ASP A OD1 1 
ATOM 809  O OD2 . ASP A 1 110 ? 0.066   9.185   -7.987  1.00 28.98 ? 110 ASP A OD2 1 
ATOM 810  N N   . THR A 1 111 ? 2.886   5.413   -5.241  1.00 17.59 ? 111 THR A N   1 
ATOM 811  C CA  . THR A 1 111 ? 2.942   4.067   -4.698  1.00 17.59 ? 111 THR A CA  1 
ATOM 812  C C   . THR A 1 111 ? 1.463   3.709   -4.587  1.00 17.59 ? 111 THR A C   1 
ATOM 813  O O   . THR A 1 111 ? 0.685   4.422   -3.946  1.00 17.59 ? 111 THR A O   1 
ATOM 814  C CB  . THR A 1 111 ? 3.594   4.043   -3.299  1.00 17.59 ? 111 THR A CB  1 
ATOM 815  O OG1 . THR A 1 111 ? 5.001   4.311   -3.416  1.00 17.59 ? 111 THR A OG1 1 
ATOM 816  C CG2 . THR A 1 111 ? 3.396   2.688   -2.650  1.00 17.59 ? 111 THR A CG2 1 
ATOM 817  N N   . LEU A 1 112 ? 1.070   2.622   -5.235  1.00 11.10 ? 112 LEU A N   1 
ATOM 818  C CA  . LEU A 1 112 ? -0.314  2.218   -5.225  1.00 11.10 ? 112 LEU A CA  1 
ATOM 819  C C   . LEU A 1 112 ? -0.543  0.878   -4.560  1.00 11.10 ? 112 LEU A C   1 
ATOM 820  O O   . LEU A 1 112 ? 0.049   -0.129  -4.938  1.00 11.10 ? 112 LEU A O   1 
ATOM 821  C CB  . LEU A 1 112 ? -0.844  2.160   -6.656  1.00 11.10 ? 112 LEU A CB  1 
ATOM 822  C CG  . LEU A 1 112 ? -0.748  3.468   -7.433  1.00 11.10 ? 112 LEU A CG  1 
ATOM 823  C CD1 . LEU A 1 112 ? -0.547  3.176   -8.906  1.00 11.10 ? 112 LEU A CD1 1 
ATOM 824  C CD2 . LEU A 1 112 ? -2.017  4.271   -7.220  1.00 11.10 ? 112 LEU A CD2 1 
ATOM 825  N N   . ILE A 1 113 ? -1.405  0.881   -3.552  1.00 8.75  ? 113 ILE A N   1 
ATOM 826  C CA  . ILE A 1 113 ? -1.776  -0.336  -2.852  1.00 8.75  ? 113 ILE A CA  1 
ATOM 827  C C   . ILE A 1 113 ? -3.234  -0.573  -3.227  1.00 8.75  ? 113 ILE A C   1 
ATOM 828  O O   . ILE A 1 113 ? -4.105  0.253   -2.945  1.00 8.75  ? 113 ILE A O   1 
ATOM 829  C CB  . ILE A 1 113 ? -1.673  -0.182  -1.330  1.00 8.75  ? 113 ILE A CB  1 
ATOM 830  C CG1 . ILE A 1 113 ? -0.234  0.157   -0.929  1.00 8.75  ? 113 ILE A CG1 1 
ATOM 831  C CG2 . ILE A 1 113 ? -2.126  -1.470  -0.660  1.00 8.75  ? 113 ILE A CG2 1 
ATOM 832  C CD1 . ILE A 1 113 ? 0.812   -0.688  -1.620  1.00 8.75  ? 113 ILE A CD1 1 
ATOM 833  N N   . GLY A 1 114 ? -3.492  -1.701  -3.873  1.00 8.00  ? 114 GLY A N   1 
ATOM 834  C CA  . GLY A 1 114 ? -4.843  -2.012  -4.304  1.00 8.00  ? 114 GLY A CA  1 
ATOM 835  C C   . GLY A 1 114 ? -5.868  -2.249  -3.217  1.00 8.00  ? 114 GLY A C   1 
ATOM 836  O O   . GLY A 1 114 ? -5.621  -2.035  -2.027  1.00 8.00  ? 114 GLY A O   1 
ATOM 837  N N   . HIS A 1 115 ? -7.043  -2.687  -3.641  1.00 13.87 ? 115 HIS A N   1 
ATOM 838  C CA  . HIS A 1 115 ? -8.116  -2.976  -2.720  1.00 13.87 ? 115 HIS A CA  1 
ATOM 839  C C   . HIS A 1 115 ? -7.812  -4.296  -2.057  1.00 13.87 ? 115 HIS A C   1 
ATOM 840  O O   . HIS A 1 115 ? -7.123  -5.152  -2.616  1.00 13.87 ? 115 HIS A O   1 
ATOM 841  C CB  . HIS A 1 115 ? -9.439  -3.088  -3.466  1.00 13.87 ? 115 HIS A CB  1 
ATOM 842  C CG  . HIS A 1 115 ? -9.905  -1.795  -4.050  1.00 13.87 ? 115 HIS A CG  1 
ATOM 843  N ND1 . HIS A 1 115 ? -9.719  -1.466  -5.379  1.00 13.87 ? 115 HIS A ND1 1 
ATOM 844  C CD2 . HIS A 1 115 ? -10.563 -0.754  -3.496  1.00 13.87 ? 115 HIS A CD2 1 
ATOM 845  C CE1 . HIS A 1 115 ? -10.242 -0.278  -5.612  1.00 13.87 ? 115 HIS A CE1 1 
ATOM 846  N NE2 . HIS A 1 115 ? -10.761 0.179   -4.488  1.00 13.87 ? 115 HIS A NE2 1 
ATOM 847  N N   . GLU A 1 116 ? -8.331  -4.447  -0.854  1.00 17.00 ? 116 GLU A N   1 
ATOM 848  C CA  . GLU A 1 116 ? -8.165  -5.665  -0.104  1.00 17.00 ? 116 GLU A CA  1 
ATOM 849  C C   . GLU A 1 116 ? -6.744  -6.200  -0.033  1.00 17.00 ? 116 GLU A C   1 
ATOM 850  O O   . GLU A 1 116 ? -6.525  -7.403  -0.212  1.00 17.00 ? 116 GLU A O   1 
ATOM 851  C CB  . GLU A 1 116 ? -9.077  -6.741  -0.675  1.00 17.00 ? 116 GLU A CB  1 
ATOM 852  C CG  . GLU A 1 116 ? -9.341  -7.877  0.273   1.00 17.00 ? 116 GLU A CG  1 
ATOM 853  C CD  . GLU A 1 116 ? -9.562  -9.174  -0.457  1.00 17.00 ? 116 GLU A CD  1 
ATOM 854  O OE1 . GLU A 1 116 ? -10.122 -9.128  -1.573  1.00 17.00 ? 116 GLU A OE1 1 
ATOM 855  O OE2 . GLU A 1 116 ? -9.178  -10.238 0.073   1.00 17.00 ? 116 GLU A OE2 1 
ATOM 856  N N   . VAL A 1 117 ? -5.776  -5.321  0.220   1.00 8.00  ? 117 VAL A N   1 
ATOM 857  C CA  . VAL A 1 117 ? -4.394  -5.767  0.365   1.00 8.00  ? 117 VAL A CA  1 
ATOM 858  C C   . VAL A 1 117 ? -4.156  -5.999  1.853   1.00 8.00  ? 117 VAL A C   1 
ATOM 859  O O   . VAL A 1 117 ? -4.395  -5.121  2.672   1.00 8.00  ? 117 VAL A O   1 
ATOM 860  C CB  . VAL A 1 117 ? -3.391  -4.717  -0.125  1.00 8.00  ? 117 VAL A CB  1 
ATOM 861  C CG1 . VAL A 1 117 ? -1.980  -5.236  0.042   1.00 8.00  ? 117 VAL A CG1 1 
ATOM 862  C CG2 . VAL A 1 117 ? -3.659  -4.385  -1.574  1.00 8.00  ? 117 VAL A CG2 1 
ATOM 863  N N   . TRP A 1 118 ? -3.719  -7.193  2.206   1.00 13.41 ? 118 TRP A N   1 
ATOM 864  C CA  . TRP A 1 118 ? -3.457  -7.506  3.600   1.00 13.41 ? 118 TRP A CA  1 
ATOM 865  C C   . TRP A 1 118 ? -1.949  -7.378  3.802   1.00 13.41 ? 118 TRP A C   1 
ATOM 866  O O   . TRP A 1 118 ? -1.171  -8.192  3.306   1.00 13.41 ? 118 TRP A O   1 
ATOM 867  C CB  . TRP A 1 118 ? -3.941  -8.923  3.897   1.00 13.41 ? 118 TRP A CB  1 
ATOM 868  C CG  . TRP A 1 118 ? -3.662  -9.390  5.267   1.00 13.41 ? 118 TRP A CG  1 
ATOM 869  C CD1 . TRP A 1 118 ? -3.346  -8.620  6.335   1.00 13.41 ? 118 TRP A CD1 1 
ATOM 870  C CD2 . TRP A 1 118 ? -3.632  -10.748 5.724   1.00 13.41 ? 118 TRP A CD2 1 
ATOM 871  N NE1 . TRP A 1 118 ? -3.113  -9.406  7.439   1.00 13.41 ? 118 TRP A NE1 1 
ATOM 872  C CE2 . TRP A 1 118 ? -3.281  -10.718 7.092   1.00 13.41 ? 118 TRP A CE2 1 
ATOM 873  C CE3 . TRP A 1 118 ? -3.865  -11.988 5.109   1.00 13.41 ? 118 TRP A CE3 1 
ATOM 874  C CZ2 . TRP A 1 118 ? -3.154  -11.881 7.862   1.00 13.41 ? 118 TRP A CZ2 1 
ATOM 875  C CZ3 . TRP A 1 118 ? -3.735  -13.150 5.879   1.00 13.41 ? 118 TRP A CZ3 1 
ATOM 876  C CH2 . TRP A 1 118 ? -3.383  -13.083 7.241   1.00 13.41 ? 118 TRP A CH2 1 
ATOM 877  N N   . ILE A 1 119 ? -1.540  -6.342  4.527   1.00 8.00  ? 119 ILE A N   1 
ATOM 878  C CA  . ILE A 1 119 ? -0.124  -6.071  4.770   1.00 8.00  ? 119 ILE A CA  1 
ATOM 879  C C   . ILE A 1 119 ? 0.355   -6.482  6.160   1.00 8.00  ? 119 ILE A C   1 
ATOM 880  O O   . ILE A 1 119 ? -0.186  -6.055  7.176   1.00 8.00  ? 119 ILE A O   1 
ATOM 881  C CB  . ILE A 1 119 ? 0.165   -4.576  4.580   1.00 8.00  ? 119 ILE A CB  1 
ATOM 882  C CG1 . ILE A 1 119 ? -0.248  -4.144  3.177   1.00 8.00  ? 119 ILE A CG1 1 
ATOM 883  C CG2 . ILE A 1 119 ? 1.634   -4.290  4.844   1.00 8.00  ? 119 ILE A CG2 1 
ATOM 884  C CD1 . ILE A 1 119 ? -0.149  -2.664  2.977   1.00 8.00  ? 119 ILE A CD1 1 
ATOM 885  N N   . GLY A 1 120 ? 1.392   -7.306  6.184   1.00 11.23 ? 120 GLY A N   1 
ATOM 886  C CA  . GLY A 1 120 ? 1.929   -7.785  7.446   1.00 11.23 ? 120 GLY A CA  1 
ATOM 887  C C   . GLY A 1 120 ? 2.634   -6.729  8.263   1.00 11.23 ? 120 GLY A C   1 
ATOM 888  O O   . GLY A 1 120 ? 3.061   -5.705  7.721   1.00 11.23 ? 120 GLY A O   1 
ATOM 889  N N   . THR A 1 121 ? 2.762   -6.980  9.565   1.00 9.79  ? 121 THR A N   1 
ATOM 890  C CA  . THR A 1 121 ? 3.416   -6.032  10.449  1.00 9.79  ? 121 THR A CA  1 
ATOM 891  C C   . THR A 1 121 ? 4.831   -5.818  9.976   1.00 9.79  ? 121 THR A C   1 
ATOM 892  O O   . THR A 1 121 ? 5.487   -6.735  9.516   1.00 9.79  ? 121 THR A O   1 
ATOM 893  C CB  . THR A 1 121 ? 3.440   -6.526  11.922  1.00 9.79  ? 121 THR A CB  1 
ATOM 894  O OG1 . THR A 1 121 ? 4.220   -5.631  12.730  1.00 9.79  ? 121 THR A OG1 1 
ATOM 895  C CG2 . THR A 1 121 ? 4.035   -7.901  12.004  1.00 9.79  ? 121 THR A CG2 1 
ATOM 896  N N   . GLU A 1 122 ? 5.279   -4.583  10.065  1.00 10.38 ? 122 GLU A N   1 
ATOM 897  C CA  . GLU A 1 122 ? 6.621   -4.233  9.675   1.00 10.38 ? 122 GLU A CA  1 
ATOM 898  C C   . GLU A 1 122 ? 7.040   -4.516  8.242   1.00 10.38 ? 122 GLU A C   1 
ATOM 899  O O   . GLU A 1 122 ? 8.228   -4.530  7.930   1.00 10.38 ? 122 GLU A O   1 
ATOM 900  C CB  . GLU A 1 122 ? 7.588   -4.863  10.659  1.00 10.38 ? 122 GLU A CB  1 
ATOM 901  C CG  . GLU A 1 122 ? 7.441   -4.236  12.024  1.00 10.38 ? 122 GLU A CG  1 
ATOM 902  C CD  . GLU A 1 122 ? 8.483   -4.702  12.997  1.00 10.38 ? 122 GLU A CD  1 
ATOM 903  O OE1 . GLU A 1 122 ? 9.658   -4.867  12.599  1.00 10.38 ? 122 GLU A OE1 1 
ATOM 904  O OE2 . GLU A 1 122 ? 8.113   -4.902  14.170  1.00 10.38 ? 122 GLU A OE2 1 
ATOM 905  N N   . ALA A 1 123 ? 6.066   -4.727  7.367   1.00 13.64 ? 123 ALA A N   1 
ATOM 906  C CA  . ALA A 1 123 ? 6.371   -4.937  5.961   1.00 13.64 ? 123 ALA A CA  1 
ATOM 907  C C   . ALA A 1 123 ? 6.832   -3.566  5.449   1.00 13.64 ? 123 ALA A C   1 
ATOM 908  O O   . ALA A 1 123 ? 6.270   -2.537  5.846   1.00 13.64 ? 123 ALA A O   1 
ATOM 909  C CB  . ALA A 1 123 ? 5.130   -5.373  5.235   1.00 13.64 ? 123 ALA A CB  1 
ATOM 910  N N   . MET A 1 124 ? 7.851   -3.536  4.590   1.00 11.50 ? 124 MET A N   1 
ATOM 911  C CA  . MET A 1 124 ? 8.355   -2.267  4.059   1.00 11.50 ? 124 MET A CA  1 
ATOM 912  C C   . MET A 1 124 ? 8.302   -2.224  2.548   1.00 11.50 ? 124 MET A C   1 
ATOM 913  O O   . MET A 1 124 ? 8.803   -3.117  1.879   1.00 11.50 ? 124 MET A O   1 
ATOM 914  C CB  . MET A 1 124 ? 9.791   -2.025  4.509   1.00 11.50 ? 124 MET A CB  1 
ATOM 915  C CG  . MET A 1 124 ? 10.325  -0.683  4.081   1.00 11.50 ? 124 MET A CG  1 
ATOM 916  S SD  . MET A 1 124 ? 11.952  -0.363  4.735   1.00 11.50 ? 124 MET A SD  1 
ATOM 917  C CE  . MET A 1 124 ? 11.595  0.042   6.382   1.00 11.50 ? 124 MET A CE  1 
ATOM 918  N N   . PHE A 1 125 ? 7.694   -1.170  2.016   1.00 8.93  ? 125 PHE A N   1 
ATOM 919  C CA  . PHE A 1 125 ? 7.559   -0.998  0.568   1.00 8.93  ? 125 PHE A CA  1 
ATOM 920  C C   . PHE A 1 125 ? 8.521   0.055   0.039   1.00 8.93  ? 125 PHE A C   1 
ATOM 921  O O   . PHE A 1 125 ? 8.576   1.169   0.551   1.00 8.93  ? 125 PHE A O   1 
ATOM 922  C CB  . PHE A 1 125 ? 6.128   -0.573  0.205   1.00 8.93  ? 125 PHE A CB  1 
ATOM 923  C CG  . PHE A 1 125 ? 5.070   -1.506  0.707   1.00 8.93  ? 125 PHE A CG  1 
ATOM 924  C CD1 . PHE A 1 125 ? 4.682   -1.473  2.032   1.00 8.93  ? 125 PHE A CD1 1 
ATOM 925  C CD2 . PHE A 1 125 ? 4.477   -2.433  -0.140  1.00 8.93  ? 125 PHE A CD2 1 
ATOM 926  C CE1 . PHE A 1 125 ? 3.717   -2.353  2.512   1.00 8.93  ? 125 PHE A CE1 1 
ATOM 927  C CE2 . PHE A 1 125 ? 3.516   -3.312  0.334   1.00 8.93  ? 125 PHE A CE2 1 
ATOM 928  C CZ  . PHE A 1 125 ? 3.136   -3.271  1.665   1.00 8.93  ? 125 PHE A CZ  1 
ATOM 929  N N   . MET A 1 126 ? 9.272   -0.298  -0.995  1.00 12.86 ? 126 MET A N   1 
ATOM 930  C CA  . MET A 1 126 ? 10.207  0.628   -1.598  1.00 12.86 ? 126 MET A CA  1 
ATOM 931  C C   . MET A 1 126 ? 9.427   1.605   -2.487  1.00 12.86 ? 126 MET A C   1 
ATOM 932  O O   . MET A 1 126 ? 8.254   1.389   -2.792  1.00 12.86 ? 126 MET A O   1 
ATOM 933  C CB  . MET A 1 126 ? 11.231  -0.153  -2.411  1.00 12.86 ? 126 MET A CB  1 
ATOM 934  C CG  . MET A 1 126 ? 12.182  -0.944  -1.553  1.00 12.86 ? 126 MET A CG  1 
ATOM 935  S SD  . MET A 1 126 ? 13.283  0.155   -0.617  1.00 12.86 ? 126 MET A SD  1 
ATOM 936  C CE  . MET A 1 126 ? 12.429  0.257   0.910   1.00 12.86 ? 126 MET A CE  1 
ATOM 937  N N   . PRO A 1 127 ? 10.065  2.713   -2.888  1.00 11.72 ? 127 PRO A N   1 
ATOM 938  C CA  . PRO A 1 127 ? 9.449   3.737   -3.736  1.00 11.72 ? 127 PRO A CA  1 
ATOM 939  C C   . PRO A 1 127 ? 8.893   3.240   -5.050  1.00 11.72 ? 127 PRO A C   1 
ATOM 940  O O   . PRO A 1 127 ? 9.499   2.406   -5.715  1.00 11.72 ? 127 PRO A O   1 
ATOM 941  C CB  . PRO A 1 127 ? 10.569  4.745   -3.955  1.00 11.72 ? 127 PRO A CB  1 
ATOM 942  C CG  . PRO A 1 127 ? 11.454  4.568   -2.788  1.00 11.72 ? 127 PRO A CG  1 
ATOM 943  C CD  . PRO A 1 127 ? 11.435  3.087   -2.512  1.00 11.72 ? 127 PRO A CD  1 
ATOM 944  N N   . GLY A 1 128 ? 7.724   3.761   -5.405  1.00 21.15 ? 128 GLY A N   1 
ATOM 945  C CA  . GLY A 1 128 ? 7.092   3.416   -6.664  1.00 21.15 ? 128 GLY A CA  1 
ATOM 946  C C   . GLY A 1 128 ? 6.509   2.036   -6.919  1.00 21.15 ? 128 GLY A C   1 
ATOM 947  O O   . GLY A 1 128 ? 6.132   1.749   -8.057  1.00 21.15 ? 128 GLY A O   1 
ATOM 948  N N   . VAL A 1 129 ? 6.422   1.172   -5.912  1.00 8.00  ? 129 VAL A N   1 
ATOM 949  C CA  . VAL A 1 129 ? 5.841   -0.143  -6.167  1.00 8.00  ? 129 VAL A CA  1 
ATOM 950  C C   . VAL A 1 129 ? 4.336   -0.044  -6.281  1.00 8.00  ? 129 VAL A C   1 
ATOM 951  O O   . VAL A 1 129 ? 3.721   0.932   -5.851  1.00 8.00  ? 129 VAL A O   1 
ATOM 952  C CB  . VAL A 1 129 ? 6.136   -1.155  -5.061  1.00 8.00  ? 129 VAL A CB  1 
ATOM 953  C CG1 . VAL A 1 129 ? 7.617   -1.380  -4.948  1.00 8.00  ? 129 VAL A CG1 1 
ATOM 954  C CG2 . VAL A 1 129 ? 5.553   -0.675  -3.765  1.00 8.00  ? 129 VAL A CG2 1 
ATOM 955  N N   . ARG A 1 130 ? 3.756   -1.081  -6.864  1.00 48.82 ? 130 ARG A N   1 
ATOM 956  C CA  . ARG A 1 130 ? 2.332   -1.158  -7.052  1.00 48.82 ? 130 ARG A CA  1 
ATOM 957  C C   . ARG A 1 130 ? 1.884   -2.548  -6.677  1.00 48.82 ? 130 ARG A C   1 
ATOM 958  O O   . ARG A 1 130 ? 2.160   -3.517  -7.368  1.00 48.82 ? 130 ARG A O   1 
ATOM 959  C CB  . ARG A 1 130 ? 1.990   -0.856  -8.499  1.00 48.82 ? 130 ARG A CB  1 
ATOM 960  C CG  . ARG A 1 130 ? 2.261   0.584   -8.869  1.00 48.82 ? 130 ARG A CG  1 
ATOM 961  C CD  . ARG A 1 130 ? 1.973   0.848   -10.328 1.00 48.82 ? 130 ARG A CD  1 
ATOM 962  N NE  . ARG A 1 130 ? 3.205   1.117   -11.058 1.00 48.82 ? 130 ARG A NE  1 
ATOM 963  C CZ  . ARG A 1 130 ? 3.432   0.729   -12.309 1.00 48.82 ? 130 ARG A CZ  1 
ATOM 964  N NH1 . ARG A 1 130 ? 2.503   0.045   -12.975 1.00 48.82 ? 130 ARG A NH1 1 
ATOM 965  N NH2 . ARG A 1 130 ? 4.598   1.015   -12.892 1.00 48.82 ? 130 ARG A NH2 1 
ATOM 966  N N   . VAL A 1 131 ? 1.213   -2.633  -5.541  1.00 8.00  ? 131 VAL A N   1 
ATOM 967  C CA  . VAL A 1 131 ? 0.699   -3.894  -5.046  1.00 8.00  ? 131 VAL A CA  1 
ATOM 968  C C   . VAL A 1 131 ? -0.721  -4.024  -5.571  1.00 8.00  ? 131 VAL A C   1 
ATOM 969  O O   . VAL A 1 131 ? -1.529  -3.107  -5.431  1.00 8.00  ? 131 VAL A O   1 
ATOM 970  C CB  . VAL A 1 131 ? 0.678   -3.918  -3.515  1.00 8.00  ? 131 VAL A CB  1 
ATOM 971  C CG1 . VAL A 1 131 ? 0.137   -5.250  -3.026  1.00 8.00  ? 131 VAL A CG1 1 
ATOM 972  C CG2 . VAL A 1 131 ? 2.073   -3.679  -2.986  1.00 8.00  ? 131 VAL A CG2 1 
ATOM 973  N N   . GLY A 1 132 ? -1.016  -5.165  -6.183  1.00 10.06 ? 132 GLY A N   1 
ATOM 974  C CA  . GLY A 1 132 ? -2.332  -5.390  -6.748  1.00 10.06 ? 132 GLY A CA  1 
ATOM 975  C C   . GLY A 1 132 ? -3.392  -5.857  -5.773  1.00 10.06 ? 132 GLY A C   1 
ATOM 976  O O   . GLY A 1 132 ? -3.076  -6.358  -4.688  1.00 10.06 ? 132 GLY A O   1 
ATOM 977  N N   . HIS A 1 133 ? -4.654  -5.694  -6.175  1.00 11.40 ? 133 HIS A N   1 
ATOM 978  C CA  . HIS A 1 133 ? -5.790  -6.083  -5.352  1.00 11.40 ? 133 HIS A CA  1 
ATOM 979  C C   . HIS A 1 133 ? -5.645  -7.490  -4.839  1.00 11.40 ? 133 HIS A C   1 
ATOM 980  O O   . HIS A 1 133 ? -5.105  -8.364  -5.520  1.00 11.40 ? 133 HIS A O   1 
ATOM 981  C CB  . HIS A 1 133 ? -7.088  -6.014  -6.141  1.00 11.40 ? 133 HIS A CB  1 
ATOM 982  C CG  . HIS A 1 133 ? -7.342  -4.686  -6.764  1.00 11.40 ? 133 HIS A CG  1 
ATOM 983  N ND1 . HIS A 1 133 ? -7.064  -4.422  -8.086  1.00 11.40 ? 133 HIS A ND1 1 
ATOM 984  C CD2 . HIS A 1 133 ? -7.837  -3.542  -6.246  1.00 11.40 ? 133 HIS A CD2 1 
ATOM 985  C CE1 . HIS A 1 133 ? -7.379  -3.170  -8.357  1.00 11.40 ? 133 HIS A CE1 1 
ATOM 986  N NE2 . HIS A 1 133 ? -7.851  -2.612  -7.257  1.00 11.40 ? 133 HIS A NE2 1 
ATOM 987  N N   . GLY A 1 134 ? -6.138  -7.700  -3.626  1.00 17.72 ? 134 GLY A N   1 
ATOM 988  C CA  . GLY A 1 134 ? -6.095  -9.018  -3.033  1.00 17.72 ? 134 GLY A CA  1 
ATOM 989  C C   . GLY A 1 134 ? -4.727  -9.485  -2.607  1.00 17.72 ? 134 GLY A C   1 
ATOM 990  O O   . GLY A 1 134 ? -4.630  -10.383 -1.769  1.00 17.72 ? 134 GLY A O   1 
ATOM 991  N N   . ALA A 1 135 ? -3.673  -8.897  -3.164  1.00 11.58 ? 135 ALA A N   1 
ATOM 992  C CA  . ALA A 1 135 ? -2.320  -9.308  -2.796  1.00 11.58 ? 135 ALA A CA  1 
ATOM 993  C C   . ALA A 1 135 ? -2.177  -9.434  -1.274  1.00 11.58 ? 135 ALA A C   1 
ATOM 994  O O   . ALA A 1 135 ? -2.888  -8.769  -0.521  1.00 11.58 ? 135 ALA A O   1 
ATOM 995  C CB  . ALA A 1 135 ? -1.320  -8.313  -3.336  1.00 11.58 ? 135 ALA A CB  1 
ATOM 996  N N   . ILE A 1 136 ? -1.284  -10.305 -0.819  1.00 8.00  ? 136 ILE A N   1 
ATOM 997  C CA  . ILE A 1 136 ? -1.054  -10.487 0.613   1.00 8.00  ? 136 ILE A CA  1 
ATOM 998  C C   . ILE A 1 136 ? 0.434   -10.257 0.862   1.00 8.00  ? 136 ILE A C   1 
ATOM 999  O O   . ILE A 1 136 ? 1.280   -11.009 0.366   1.00 8.00  ? 136 ILE A O   1 
ATOM 1000 C CB  . ILE A 1 136 ? -1.395  -11.916 1.078   1.00 8.00  ? 136 ILE A CB  1 
ATOM 1001 C CG1 . ILE A 1 136 ? -2.902  -12.114 1.149   1.00 8.00  ? 136 ILE A CG1 1 
ATOM 1002 C CG2 . ILE A 1 136 ? -0.813  -12.160 2.442   1.00 8.00  ? 136 ILE A CG2 1 
ATOM 1003 C CD1 . ILE A 1 136 ? -3.308  -13.407 1.826   1.00 8.00  ? 136 ILE A CD1 1 
ATOM 1004 N N   . ILE A 1 137 ? 0.772   -9.219  1.617   1.00 8.00  ? 137 ILE A N   1 
ATOM 1005 C CA  . ILE A 1 137 ? 2.181   -8.937  1.890   1.00 8.00  ? 137 ILE A CA  1 
ATOM 1006 C C   . ILE A 1 137 ? 2.575   -9.516  3.229   1.00 8.00  ? 137 ILE A C   1 
ATOM 1007 O O   . ILE A 1 137 ? 2.014   -9.157  4.256   1.00 8.00  ? 137 ILE A O   1 
ATOM 1008 C CB  . ILE A 1 137 ? 2.466   -7.427  1.915   1.00 8.00  ? 137 ILE A CB  1 
ATOM 1009 C CG1 . ILE A 1 137 ? 1.819   -6.757  0.700   1.00 8.00  ? 137 ILE A CG1 1 
ATOM 1010 C CG2 . ILE A 1 137 ? 3.961   -7.185  1.952   1.00 8.00  ? 137 ILE A CG2 1 
ATOM 1011 C CD1 . ILE A 1 137 ? 2.282   -7.282  -0.633  1.00 8.00  ? 137 ILE A CD1 1 
ATOM 1012 N N   . GLY A 1 138 ? 3.540   -10.417 3.217   1.00 8.00  ? 138 GLY A N   1 
ATOM 1013 C CA  . GLY A 1 138 ? 3.967   -11.023 4.462   1.00 8.00  ? 138 GLY A CA  1 
ATOM 1014 C C   . GLY A 1 138 ? 4.642   -10.027 5.383   1.00 8.00  ? 138 GLY A C   1 
ATOM 1015 O O   . GLY A 1 138 ? 5.058   -8.956  4.943   1.00 8.00  ? 138 GLY A O   1 
ATOM 1016 N N   . SER A 1 139 ? 4.752   -10.369 6.663   1.00 11.11 ? 139 SER A N   1 
ATOM 1017 C CA  . SER A 1 139 ? 5.393   -9.476  7.607   1.00 11.11 ? 139 SER A CA  1 
ATOM 1018 C C   . SER A 1 139 ? 6.855   -9.405  7.267   1.00 11.11 ? 139 SER A C   1 
ATOM 1019 O O   . SER A 1 139 ? 7.421   -10.328 6.682   1.00 11.11 ? 139 SER A O   1 
ATOM 1020 C CB  . SER A 1 139 ? 5.250   -9.983  9.035   1.00 11.11 ? 139 SER A CB  1 
ATOM 1021 O OG  . SER A 1 139 ? 4.153   -10.865 9.161   1.00 11.11 ? 139 SER A OG  1 
ATOM 1022 N N   . ARG A 1 140 ? 7.472   -8.294  7.629   1.00 10.26 ? 140 ARG A N   1 
ATOM 1023 C CA  . ARG A 1 140 ? 8.886   -8.101  7.373   1.00 10.26 ? 140 ARG A CA  1 
ATOM 1024 C C   . ARG A 1 140 ? 9.244   -8.199  5.885   1.00 10.26 ? 140 ARG A C   1 
ATOM 1025 O O   . ARG A 1 140 ? 10.406  -8.079  5.497   1.00 10.26 ? 140 ARG A O   1 
ATOM 1026 C CB  . ARG A 1 140 ? 9.682   -9.116  8.191   1.00 10.26 ? 140 ARG A CB  1 
ATOM 1027 C CG  . ARG A 1 140 ? 9.773   -8.757  9.660   1.00 10.26 ? 140 ARG A CG  1 
ATOM 1028 C CD  . ARG A 1 140 ? 10.552  -7.473  9.846   1.00 10.26 ? 140 ARG A CD  1 
ATOM 1029 N NE  . ARG A 1 140 ? 10.687  -7.122  11.253  1.00 10.26 ? 140 ARG A NE  1 
ATOM 1030 C CZ  . ARG A 1 140 ? 11.522  -7.728  12.082  1.00 10.26 ? 140 ARG A CZ  1 
ATOM 1031 N NH1 . ARG A 1 140 ? 12.289  -8.709  11.633  1.00 10.26 ? 140 ARG A NH1 1 
ATOM 1032 N NH2 . ARG A 1 140 ? 11.581  -7.358  13.352  1.00 10.26 ? 140 ARG A NH2 1 
ATOM 1033 N N   . ALA A 1 141 ? 8.237   -8.392  5.048   1.00 10.94 ? 141 ALA A N   1 
ATOM 1034 C CA  . ALA A 1 141 ? 8.475   -8.487  3.618   1.00 10.94 ? 141 ALA A CA  1 
ATOM 1035 C C   . ALA A 1 141 ? 8.964   -7.159  3.082   1.00 10.94 ? 141 ALA A C   1 
ATOM 1036 O O   . ALA A 1 141 ? 8.367   -6.125  3.355   1.00 10.94 ? 141 ALA A O   1 
ATOM 1037 C CB  . ALA A 1 141 ? 7.196   -8.877  2.899   1.00 10.94 ? 141 ALA A CB  1 
ATOM 1038 N N   . LEU A 1 142 ? 10.056  -7.185  2.329   1.00 9.09  ? 142 LEU A N   1 
ATOM 1039 C CA  . LEU A 1 142 ? 10.581  -5.970  1.720   1.00 9.09  ? 142 LEU A CA  1 
ATOM 1040 C C   . LEU A 1 142 ? 10.211  -5.982  0.231   1.00 9.09  ? 142 LEU A C   1 
ATOM 1041 O O   . LEU A 1 142 ? 10.875  -6.611  -0.591  1.00 9.09  ? 142 LEU A O   1 
ATOM 1042 C CB  . LEU A 1 142 ? 12.089  -5.903  1.884   1.00 9.09  ? 142 LEU A CB  1 
ATOM 1043 C CG  . LEU A 1 142 ? 12.696  -4.632  1.294   1.00 9.09  ? 142 LEU A CG  1 
ATOM 1044 C CD1 . LEU A 1 142 ? 12.591  -3.513  2.297   1.00 9.09  ? 142 LEU A CD1 1 
ATOM 1045 C CD2 . LEU A 1 142 ? 14.146  -4.865  0.953   1.00 9.09  ? 142 LEU A CD2 1 
ATOM 1046 N N   . VAL A 1 143 ? 9.126   -5.291  -0.095  1.00 8.60  ? 143 VAL A N   1 
ATOM 1047 C CA  . VAL A 1 143 ? 8.625   -5.220  -1.453  1.00 8.60  ? 143 VAL A CA  1 
ATOM 1048 C C   . VAL A 1 143 ? 9.443   -4.235  -2.273  1.00 8.60  ? 143 VAL A C   1 
ATOM 1049 O O   . VAL A 1 143 ? 9.432   -3.043  -2.000  1.00 8.60  ? 143 VAL A O   1 
ATOM 1050 C CB  . VAL A 1 143 ? 7.162   -4.786  -1.441  1.00 8.60  ? 143 VAL A CB  1 
ATOM 1051 C CG1 . VAL A 1 143 ? 6.630   -4.707  -2.842  1.00 8.60  ? 143 VAL A CG1 1 
ATOM 1052 C CG2 . VAL A 1 143 ? 6.356   -5.769  -0.627  1.00 8.60  ? 143 VAL A CG2 1 
ATOM 1053 N N   . THR A 1 144 ? 10.142  -4.736  -3.288  1.00 28.41 ? 144 THR A N   1 
ATOM 1054 C CA  . THR A 1 144 ? 10.975  -3.892  -4.146  1.00 28.41 ? 144 THR A CA  1 
ATOM 1055 C C   . THR A 1 144 ? 10.439  -3.762  -5.557  1.00 28.41 ? 144 THR A C   1 
ATOM 1056 O O   . THR A 1 144 ? 11.091  -3.162  -6.408  1.00 28.41 ? 144 THR A O   1 
ATOM 1057 C CB  . THR A 1 144 ? 12.369  -4.459  -4.300  1.00 28.41 ? 144 THR A CB  1 
ATOM 1058 O OG1 . THR A 1 144 ? 12.271  -5.810  -4.760  1.00 28.41 ? 144 THR A OG1 1 
ATOM 1059 C CG2 . THR A 1 144 ? 13.100  -4.429  -2.989  1.00 28.41 ? 144 THR A CG2 1 
ATOM 1060 N N   . GLY A 1 145 ? 9.274   -4.343  -5.814  1.00 30.90 ? 145 GLY A N   1 
ATOM 1061 C CA  . GLY A 1 145 ? 8.700   -4.272  -7.143  1.00 30.90 ? 145 GLY A CA  1 
ATOM 1062 C C   . GLY A 1 145 ? 7.210   -4.516  -7.127  1.00 30.90 ? 145 GLY A C   1 
ATOM 1063 O O   . GLY A 1 145 ? 6.632   -4.808  -6.086  1.00 30.90 ? 145 GLY A O   1 
ATOM 1064 N N   . ASP A 1 146 ? 6.588   -4.401  -8.289  1.00 26.05 ? 146 ASP A N   1 
ATOM 1065 C CA  . ASP A 1 146 ? 5.159   -4.596  -8.417  1.00 26.05 ? 146 ASP A CA  1 
ATOM 1066 C C   . ASP A 1 146 ? 4.732   -6.002  -8.005  1.00 26.05 ? 146 ASP A C   1 
ATOM 1067 O O   . ASP A 1 146 ? 5.462   -6.966  -8.229  1.00 26.05 ? 146 ASP A O   1 
ATOM 1068 C CB  . ASP A 1 146 ? 4.748   -4.314  -9.860  1.00 26.05 ? 146 ASP A CB  1 
ATOM 1069 C CG  . ASP A 1 146 ? 4.810   -2.835  -10.202 1.00 26.05 ? 146 ASP A CG  1 
ATOM 1070 O OD1 . ASP A 1 146 ? 5.137   -2.035  -9.298  1.00 26.05 ? 146 ASP A OD1 1 
ATOM 1071 O OD2 . ASP A 1 146 ? 4.527   -2.466  -11.367 1.00 26.05 ? 146 ASP A OD2 1 
ATOM 1072 N N   . VAL A 1 147 ? 3.552   -6.096  -7.386  1.00 11.42 ? 147 VAL A N   1 
ATOM 1073 C CA  . VAL A 1 147 ? 2.962   -7.368  -6.928  1.00 11.42 ? 147 VAL A CA  1 
ATOM 1074 C C   . VAL A 1 147 ? 1.636   -7.574  -7.653  1.00 11.42 ? 147 VAL A C   1 
ATOM 1075 O O   . VAL A 1 147 ? 0.862   -6.631  -7.792  1.00 11.42 ? 147 VAL A O   1 
ATOM 1076 C CB  . VAL A 1 147 ? 2.641   -7.361  -5.411  1.00 11.42 ? 147 VAL A CB  1 
ATOM 1077 C CG1 . VAL A 1 147 ? 2.147   -8.733  -4.986  1.00 11.42 ? 147 VAL A CG1 1 
ATOM 1078 C CG2 . VAL A 1 147 ? 3.868   -6.968  -4.604  1.00 11.42 ? 147 VAL A CG2 1 
ATOM 1079 N N   . GLU A 1 148 ? 1.360   -8.797  -8.095  1.00 45.78 ? 148 GLU A N   1 
ATOM 1080 C CA  . GLU A 1 148 ? 0.126   -9.071  -8.820  1.00 45.78 ? 148 GLU A CA  1 
ATOM 1081 C C   . GLU A 1 148 ? -1.082  -9.347  -7.970  1.00 45.78 ? 148 GLU A C   1 
ATOM 1082 O O   . GLU A 1 148 ? -0.978  -9.854  -6.855  1.00 45.78 ? 148 GLU A O   1 
ATOM 1083 C CB  . GLU A 1 148 ? 0.283   -10.263 -9.733  1.00 45.78 ? 148 GLU A CB  1 
ATOM 1084 C CG  . GLU A 1 148 ? 1.403   -10.185 -10.697 1.00 45.78 ? 148 GLU A CG  1 
ATOM 1085 C CD  . GLU A 1 148 ? 1.465   -11.445 -11.527 1.00 45.78 ? 148 GLU A CD  1 
ATOM 1086 O OE1 . GLU A 1 148 ? 1.810   -12.519 -10.968 1.00 45.78 ? 148 GLU A OE1 1 
ATOM 1087 O OE2 . GLU A 1 148 ? 1.150   -11.361 -12.736 1.00 45.78 ? 148 GLU A OE2 1 
ATOM 1088 N N   . PRO A 1 149 ? -2.262  -9.051  -8.516  1.00 12.90 ? 149 PRO A N   1 
ATOM 1089 C CA  . PRO A 1 149 ? -3.492  -9.286  -7.769  1.00 12.90 ? 149 PRO A CA  1 
ATOM 1090 C C   . PRO A 1 149 ? -3.539  -10.708 -7.245  1.00 12.90 ? 149 PRO A C   1 
ATOM 1091 O O   . PRO A 1 149 ? -3.232  -11.675 -7.955  1.00 12.90 ? 149 PRO A O   1 
ATOM 1092 C CB  . PRO A 1 149 ? -4.617  -9.017  -8.771  1.00 12.90 ? 149 PRO A CB  1 
ATOM 1093 C CG  . PRO A 1 149 ? -3.998  -8.353  -9.917  1.00 12.90 ? 149 PRO A CG  1 
ATOM 1094 C CD  . PRO A 1 149 ? -2.503  -8.480  -9.848  1.00 12.90 ? 149 PRO A CD  1 
ATOM 1095 N N   . TYR A 1 150 ? -3.894  -10.808 -5.974  1.00 17.97 ? 150 TYR A N   1 
ATOM 1096 C CA  . TYR A 1 150 ? -4.034  -12.085 -5.312  1.00 17.97 ? 150 TYR A CA  1 
ATOM 1097 C C   . TYR A 1 150 ? -2.747  -12.878 -5.119  1.00 17.97 ? 150 TYR A C   1 
ATOM 1098 O O   . TYR A 1 150 ? -2.786  -14.078 -4.849  1.00 17.97 ? 150 TYR A O   1 
ATOM 1099 C CB  . TYR A 1 150 ? -5.091  -12.890 -6.062  1.00 17.97 ? 150 TYR A CB  1 
ATOM 1100 C CG  . TYR A 1 150 ? -6.442  -12.222 -5.979  1.00 17.97 ? 150 TYR A CG  1 
ATOM 1101 C CD1 . TYR A 1 150 ? -6.832  -11.247 -6.902  1.00 17.97 ? 150 TYR A CD1 1 
ATOM 1102 C CD2 . TYR A 1 150 ? -7.318  -12.532 -4.948  1.00 17.97 ? 150 TYR A CD2 1 
ATOM 1103 C CE1 . TYR A 1 150 ? -8.057  -10.601 -6.787  1.00 17.97 ? 150 TYR A CE1 1 
ATOM 1104 C CE2 . TYR A 1 150 ? -8.537  -11.895 -4.828  1.00 17.97 ? 150 TYR A CE2 1 
ATOM 1105 C CZ  . TYR A 1 150 ? -8.896  -10.938 -5.743  1.00 17.97 ? 150 TYR A CZ  1 
ATOM 1106 O OH  . TYR A 1 150 ? -10.098 -10.311 -5.571  1.00 17.97 ? 150 TYR A OH  1 
ATOM 1107 N N   . ALA A 1 151 ? -1.604  -12.207 -5.233  1.00 12.82 ? 151 ALA A N   1 
ATOM 1108 C CA  . ALA A 1 151 ? -0.322  -12.870 -5.021  1.00 12.82 ? 151 ALA A CA  1 
ATOM 1109 C C   . ALA A 1 151 ? 0.033   -12.849 -3.531  1.00 12.82 ? 151 ALA A C   1 
ATOM 1110 O O   . ALA A 1 151 ? -0.234  -11.867 -2.829  1.00 12.82 ? 151 ALA A O   1 
ATOM 1111 C CB  . ALA A 1 151 ? 0.776   -12.170 -5.818  1.00 12.82 ? 151 ALA A CB  1 
ATOM 1112 N N   . ILE A 1 152 ? 0.630   -13.931 -3.049  1.00 8.31  ? 152 ILE A N   1 
ATOM 1113 C CA  . ILE A 1 152 ? 1.043   -14.011 -1.648  1.00 8.31  ? 152 ILE A CA  1 
ATOM 1114 C C   . ILE A 1 152 ? 2.557   -13.863 -1.637  1.00 8.31  ? 152 ILE A C   1 
ATOM 1115 O O   . ILE A 1 152 ? 3.261   -14.782 -2.050  1.00 8.31  ? 152 ILE A O   1 
ATOM 1116 C CB  . ILE A 1 152 ? 0.698   -15.375 -1.044  1.00 8.31  ? 152 ILE A CB  1 
ATOM 1117 C CG1 . ILE A 1 152 ? -0.781  -15.439 -0.711  1.00 8.31  ? 152 ILE A CG1 1 
ATOM 1118 C CG2 . ILE A 1 152 ? 1.521   -15.621 0.192   1.00 8.31  ? 152 ILE A CG2 1 
ATOM 1119 C CD1 . ILE A 1 152 ? -1.196  -16.776 -0.209  1.00 8.31  ? 152 ILE A CD1 1 
ATOM 1120 N N   . VAL A 1 153 ? 3.069   -12.725 -1.175  1.00 10.75 ? 153 VAL A N   1 
ATOM 1121 C CA  . VAL A 1 153 ? 4.518   -12.538 -1.162  1.00 10.75 ? 153 VAL A CA  1 
ATOM 1122 C C   . VAL A 1 153 ? 5.116   -12.458 0.226   1.00 10.75 ? 153 VAL A C   1 
ATOM 1123 O O   . VAL A 1 153 ? 4.405   -12.304 1.215   1.00 10.75 ? 153 VAL A O   1 
ATOM 1124 C CB  . VAL A 1 153 ? 4.930   -11.273 -1.945  1.00 10.75 ? 153 VAL A CB  1 
ATOM 1125 C CG1 . VAL A 1 153 ? 4.127   -11.181 -3.212  1.00 10.75 ? 153 VAL A CG1 1 
ATOM 1126 C CG2 . VAL A 1 153 ? 4.726   -10.042 -1.106  1.00 10.75 ? 153 VAL A CG2 1 
ATOM 1127 N N   . GLY A 1 154 ? 6.437   -12.561 0.281   1.00 8.00  ? 154 GLY A N   1 
ATOM 1128 C CA  . GLY A 1 154 ? 7.136   -12.488 1.541   1.00 8.00  ? 154 GLY A CA  1 
ATOM 1129 C C   . GLY A 1 154 ? 8.618   -12.698 1.339   1.00 8.00  ? 154 GLY A C   1 
ATOM 1130 O O   . GLY A 1 154 ? 9.032   -13.397 0.418   1.00 8.00  ? 154 GLY A O   1 
ATOM 1131 N N   . GLY A 1 155 ? 9.419   -12.091 2.202   1.00 21.31 ? 155 GLY A N   1 
ATOM 1132 C CA  . GLY A 1 155 ? 10.851  -12.250 2.093   1.00 21.31 ? 155 GLY A CA  1 
ATOM 1133 C C   . GLY A 1 155 ? 11.578  -10.969 1.772   1.00 21.31 ? 155 GLY A C   1 
ATOM 1134 O O   . GLY A 1 155 ? 10.988  -9.988  1.326   1.00 21.31 ? 155 GLY A O   1 
ATOM 1135 N N   . ASN A 1 156 ? 12.880  -10.995 2.007   1.00 20.42 ? 156 ASN A N   1 
ATOM 1136 C CA  . ASN A 1 156 ? 13.749  -9.869  1.759   1.00 20.42 ? 156 ASN A CA  1 
ATOM 1137 C C   . ASN A 1 156 ? 14.801  -10.350 0.775   1.00 20.42 ? 156 ASN A C   1 
ATOM 1138 O O   . ASN A 1 156 ? 15.775  -10.977 1.169   1.00 20.42 ? 156 ASN A O   1 
ATOM 1139 C CB  . ASN A 1 156 ? 14.413  -9.471  3.060   1.00 20.42 ? 156 ASN A CB  1 
ATOM 1140 C CG  . ASN A 1 156 ? 15.009  -8.104  3.009   1.00 20.42 ? 156 ASN A CG  1 
ATOM 1141 O OD1 . ASN A 1 156 ? 15.277  -7.573  1.937   1.00 20.42 ? 156 ASN A OD1 1 
ATOM 1142 N ND2 . ASN A 1 156 ? 15.225  -7.513  4.175   1.00 20.42 ? 156 ASN A ND2 1 
ATOM 1143 N N   . PRO A 1 157 ? 14.622  -10.071 -0.519  1.00 11.16 ? 157 PRO A N   1 
ATOM 1144 C CA  . PRO A 1 157 ? 13.524  -9.338  -1.148  1.00 11.16 ? 157 PRO A CA  1 
ATOM 1145 C C   . PRO A 1 157 ? 12.254  -10.159 -1.236  1.00 11.16 ? 157 PRO A C   1 
ATOM 1146 O O   . PRO A 1 157 ? 12.307  -11.384 -1.300  1.00 11.16 ? 157 PRO A O   1 
ATOM 1147 C CB  . PRO A 1 157 ? 14.063  -8.998  -2.533  1.00 11.16 ? 157 PRO A CB  1 
ATOM 1148 C CG  . PRO A 1 157 ? 15.506  -9.450  -2.520  1.00 11.16 ? 157 PRO A CG  1 
ATOM 1149 C CD  . PRO A 1 157 ? 15.587  -10.528 -1.519  1.00 11.16 ? 157 PRO A CD  1 
ATOM 1150 N N   . ALA A 1 158 ? 11.113  -9.481  -1.248  1.00 15.29 ? 158 ALA A N   1 
ATOM 1151 C CA  . ALA A 1 158 ? 9.835   -10.166 -1.320  1.00 15.29 ? 158 ALA A CA  1 
ATOM 1152 C C   . ALA A 1 158 ? 9.663   -10.851 -2.661  1.00 15.29 ? 158 ALA A C   1 
ATOM 1153 O O   . ALA A 1 158 ? 9.958   -10.261 -3.700  1.00 15.29 ? 158 ALA A O   1 
ATOM 1154 C CB  . ALA A 1 158 ? 8.703   -9.165  -1.102  1.00 15.29 ? 158 ALA A CB  1 
ATOM 1155 N N   . ARG A 1 159 ? 9.196   -12.099 -2.628  1.00 49.94 ? 159 ARG A N   1 
ATOM 1156 C CA  . ARG A 1 159 ? 8.929   -12.858 -3.839  1.00 49.94 ? 159 ARG A CA  1 
ATOM 1157 C C   . ARG A 1 159 ? 7.657   -13.676 -3.692  1.00 49.94 ? 159 ARG A C   1 
ATOM 1158 O O   . ARG A 1 159 ? 7.399   -14.276 -2.656  1.00 49.94 ? 159 ARG A O   1 
ATOM 1159 C CB  . ARG A 1 159 ? 10.096  -13.769 -4.192  1.00 49.94 ? 159 ARG A CB  1 
ATOM 1160 C CG  . ARG A 1 159 ? 10.764  -14.393 -3.020  1.00 49.94 ? 159 ARG A CG  1 
ATOM 1161 C CD  . ARG A 1 159 ? 10.641  -15.907 -3.074  1.00 49.94 ? 159 ARG A CD  1 
ATOM 1162 N NE  . ARG A 1 159 ? 10.656  -16.477 -1.727  1.00 49.94 ? 159 ARG A NE  1 
ATOM 1163 C CZ  . ARG A 1 159 ? 11.583  -16.209 -0.805  1.00 49.94 ? 159 ARG A CZ  1 
ATOM 1164 N NH1 . ARG A 1 159 ? 12.596  -15.376 -1.065  1.00 49.94 ? 159 ARG A NH1 1 
ATOM 1165 N NH2 . ARG A 1 159 ? 11.494  -16.783 0.387   1.00 49.94 ? 159 ARG A NH2 1 
ATOM 1166 N N   . THR A 1 160 ? 6.856   -13.669 -4.748  1.00 29.43 ? 160 THR A N   1 
ATOM 1167 C CA  . THR A 1 160 ? 5.596   -14.387 -4.789  1.00 29.43 ? 160 THR A CA  1 
ATOM 1168 C C   . THR A 1 160 ? 5.764   -15.835 -4.379  1.00 29.43 ? 160 THR A C   1 
ATOM 1169 O O   . THR A 1 160 ? 6.650   -16.530 -4.856  1.00 29.43 ? 160 THR A O   1 
ATOM 1170 C CB  . THR A 1 160 ? 4.998   -14.376 -6.188  1.00 29.43 ? 160 THR A CB  1 
ATOM 1171 O OG1 . THR A 1 160 ? 4.785   -13.024 -6.613  1.00 29.43 ? 160 THR A OG1 1 
ATOM 1172 C CG2 . THR A 1 160 ? 3.683   -15.118 -6.190  1.00 29.43 ? 160 THR A CG2 1 
ATOM 1173 N N   . ILE A 1 161 ? 4.885   -16.290 -3.503  1.00 21.64 ? 161 ILE A N   1 
ATOM 1174 C CA  . ILE A 1 161 ? 4.924   -17.649 -3.004  1.00 21.64 ? 161 ILE A CA  1 
ATOM 1175 C C   . ILE A 1 161 ? 3.846   -18.479 -3.671  1.00 21.64 ? 161 ILE A C   1 
ATOM 1176 O O   . ILE A 1 161 ? 3.959   -19.695 -3.753  1.00 21.64 ? 161 ILE A O   1 
ATOM 1177 C CB  . ILE A 1 161 ? 4.678   -17.658 -1.502  1.00 21.64 ? 161 ILE A CB  1 
ATOM 1178 C CG1 . ILE A 1 161 ? 5.892   -17.099 -0.788  1.00 21.64 ? 161 ILE A CG1 1 
ATOM 1179 C CG2 . ILE A 1 161 ? 4.389   -19.062 -1.017  1.00 21.64 ? 161 ILE A CG2 1 
ATOM 1180 C CD1 . ILE A 1 161 ? 5.728   -17.097 0.701   1.00 21.64 ? 161 ILE A CD1 1 
ATOM 1181 N N   . ARG A 1 162 ? 2.797   -17.810 -4.136  1.00 38.81 ? 162 ARG A N   1 
ATOM 1182 C CA  . ARG A 1 162 ? 1.677   -18.466 -4.787  1.00 38.81 ? 162 ARG A CA  1 
ATOM 1183 C C   . ARG A 1 162 ? 0.538   -17.471 -4.815  1.00 38.81 ? 162 ARG A C   1 
ATOM 1184 O O   . ARG A 1 162 ? 0.584   -16.456 -4.135  1.00 38.81 ? 162 ARG A O   1 
ATOM 1185 C CB  . ARG A 1 162 ? 1.244   -19.691 -3.992  1.00 38.81 ? 162 ARG A CB  1 
ATOM 1186 C CG  . ARG A 1 162 ? 0.569   -19.338 -2.697  1.00 38.81 ? 162 ARG A CG  1 
ATOM 1187 C CD  . ARG A 1 162 ? 0.402   -20.546 -1.805  1.00 38.81 ? 162 ARG A CD  1 
ATOM 1188 N NE  . ARG A 1 162 ? -1.004  -20.764 -1.460  1.00 38.81 ? 162 ARG A NE  1 
ATOM 1189 C CZ  . ARG A 1 162 ? -1.511  -20.608 -0.236  1.00 38.81 ? 162 ARG A CZ  1 
ATOM 1190 N NH1 . ARG A 1 162 ? -0.720  -20.229 0.775   1.00 38.81 ? 162 ARG A NH1 1 
ATOM 1191 N NH2 . ARG A 1 162 ? -2.814  -20.831 -0.020  1.00 38.81 ? 162 ARG A NH2 1 
ATOM 1192 N N   . LYS A 1 163 ? -0.486  -17.756 -5.605  1.00 14.69 ? 163 LYS A N   1 
ATOM 1193 C CA  . LYS A 1 163 ? -1.627  -16.869 -5.676  1.00 14.69 ? 163 LYS A CA  1 
ATOM 1194 C C   . LYS A 1 163 ? -2.771  -17.458 -4.853  1.00 14.69 ? 163 LYS A C   1 
ATOM 1195 O O   . LYS A 1 163 ? -2.873  -18.670 -4.681  1.00 14.69 ? 163 LYS A O   1 
ATOM 1196 C CB  . LYS A 1 163 ? -2.028  -16.646 -7.131  1.00 14.69 ? 163 LYS A CB  1 
ATOM 1197 C CG  . LYS A 1 163 ? -1.198  -15.570 -7.809  1.00 14.69 ? 163 LYS A CG  1 
ATOM 1198 C CD  . LYS A 1 163 ? -1.200  -15.738 -9.322  1.00 14.69 ? 163 LYS A CD  1 
ATOM 1199 C CE  . LYS A 1 163 ? -0.593  -14.515 -10.019 1.00 14.69 ? 163 LYS A CE  1 
ATOM 1200 N NZ  . LYS A 1 163 ? -1.636  -13.499 -10.400 1.00 14.69 ? 163 LYS A NZ  1 
ATOM 1201 N N   . ARG A 1 164 ? -3.619  -16.587 -4.325  1.00 9.49  ? 164 ARG A N   1 
ATOM 1202 C CA  . ARG A 1 164 ? -4.722  -17.015 -3.483  1.00 9.49  ? 164 ARG A CA  1 
ATOM 1203 C C   . ARG A 1 164 ? -5.729  -17.897 -4.190  1.00 9.49  ? 164 ARG A C   1 
ATOM 1204 O O   . ARG A 1 164 ? -6.234  -18.846 -3.605  1.00 9.49  ? 164 ARG A O   1 
ATOM 1205 C CB  . ARG A 1 164 ? -5.437  -15.801 -2.899  1.00 9.49  ? 164 ARG A CB  1 
ATOM 1206 C CG  . ARG A 1 164 ? -4.682  -15.126 -1.779  1.00 9.49  ? 164 ARG A CG  1 
ATOM 1207 C CD  . ARG A 1 164 ? -5.371  -13.843 -1.364  1.00 9.49  ? 164 ARG A CD  1 
ATOM 1208 N NE  . ARG A 1 164 ? -6.756  -14.073 -0.975  1.00 9.49  ? 164 ARG A NE  1 
ATOM 1209 C CZ  . ARG A 1 164 ? -7.657  -13.110 -0.863  1.00 9.49  ? 164 ARG A CZ  1 
ATOM 1210 N NH1 . ARG A 1 164 ? -7.323  -11.857 -1.103  1.00 9.49  ? 164 ARG A NH1 1 
ATOM 1211 N NH2 . ARG A 1 164 ? -8.890  -13.401 -0.504  1.00 9.49  ? 164 ARG A NH2 1 
ATOM 1212 N N   . PHE A 1 165 ? -6.032  -17.592 -5.441  1.00 21.58 ? 165 PHE A N   1 
ATOM 1213 C CA  . PHE A 1 165 ? -7.008  -18.389 -6.165  1.00 21.58 ? 165 PHE A CA  1 
ATOM 1214 C C   . PHE A 1 165 ? -6.505  -18.765 -7.537  1.00 21.58 ? 165 PHE A C   1 
ATOM 1215 O O   . PHE A 1 165 ? -5.403  -18.381 -7.932  1.00 21.58 ? 165 PHE A O   1 
ATOM 1216 C CB  . PHE A 1 165 ? -8.317  -17.625 -6.324  1.00 21.58 ? 165 PHE A CB  1 
ATOM 1217 C CG  . PHE A 1 165 ? -8.937  -17.222 -5.037  1.00 21.58 ? 165 PHE A CG  1 
ATOM 1218 C CD1 . PHE A 1 165 ? -9.567  -18.158 -4.242  1.00 21.58 ? 165 PHE A CD1 1 
ATOM 1219 C CD2 . PHE A 1 165 ? -8.919  -15.900 -4.636  1.00 21.58 ? 165 PHE A CD2 1 
ATOM 1220 C CE1 . PHE A 1 165 ? -10.177 -17.784 -3.059  1.00 21.58 ? 165 PHE A CE1 1 
ATOM 1221 C CE2 . PHE A 1 165 ? -9.522  -15.510 -3.459  1.00 21.58 ? 165 PHE A CE2 1 
ATOM 1222 C CZ  . PHE A 1 165 ? -10.157 -16.454 -2.665  1.00 21.58 ? 165 PHE A CZ  1 
ATOM 1223 N N   . SER A 1 166 ? -7.326  -19.520 -8.258  1.00 35.44 ? 166 SER A N   1 
ATOM 1224 C CA  . SER A 1 166 ? -6.981  -19.942 -9.601  1.00 35.44 ? 166 SER A CA  1 
ATOM 1225 C C   . SER A 1 166 ? -6.919  -18.700 -10.473 1.00 35.44 ? 166 SER A C   1 
ATOM 1226 O O   . SER A 1 166 ? -7.333  -17.620 -10.051 1.00 35.44 ? 166 SER A O   1 
ATOM 1227 C CB  . SER A 1 166 ? -8.052  -20.881 -10.136 1.00 35.44 ? 166 SER A CB  1 
ATOM 1228 O OG  . SER A 1 166 ? -9.060  -20.140 -10.803 1.00 35.44 ? 166 SER A OG  1 
ATOM 1229 N N   . ASP A 1 167 ? -6.407  -18.854 -11.688 1.00 46.81 ? 167 ASP A N   1 
ATOM 1230 C CA  . ASP A 1 167 ? -6.310  -17.729 -12.602 1.00 46.81 ? 167 ASP A CA  1 
ATOM 1231 C C   . ASP A 1 167 ? -7.717  -17.334 -13.025 1.00 46.81 ? 167 ASP A C   1 
ATOM 1232 O O   . ASP A 1 167 ? -8.045  -16.152 -13.118 1.00 46.81 ? 167 ASP A O   1 
ATOM 1233 C CB  . ASP A 1 167 ? -5.451  -18.107 -13.814 1.00 46.81 ? 167 ASP A CB  1 
ATOM 1234 C CG  . ASP A 1 167 ? -3.948  -17.935 -13.548 1.00 46.81 ? 167 ASP A CG  1 
ATOM 1235 O OD1 . ASP A 1 167 ? -3.570  -17.642 -12.390 1.00 46.81 ? 167 ASP A OD1 1 
ATOM 1236 O OD2 . ASP A 1 167 ? -3.140  -18.089 -14.494 1.00 46.81 ? 167 ASP A OD2 1 
ATOM 1237 N N   . GLY A 1 168 ? -8.550  -18.339 -13.262 1.00 28.74 ? 168 GLY A N   1 
ATOM 1238 C CA  . GLY A 1 168 ? -9.925  -18.076 -13.641 1.00 28.74 ? 168 GLY A CA  1 
ATOM 1239 C C   . GLY A 1 168 ? -10.602 -17.377 -12.480 1.00 28.74 ? 168 GLY A C   1 
ATOM 1240 O O   . GLY A 1 168 ? -11.184 -16.300 -12.638 1.00 28.74 ? 168 GLY A O   1 
ATOM 1241 N N   . ASP A 1 169 ? -10.517 -18.003 -11.309 1.00 25.93 ? 169 ASP A N   1 
ATOM 1242 C CA  . ASP A 1 169 ? -11.084 -17.458 -10.084 1.00 25.93 ? 169 ASP A CA  1 
ATOM 1243 C C   . ASP A 1 169 ? -10.738 -15.978 -10.014 1.00 25.93 ? 169 ASP A C   1 
ATOM 1244 O O   . ASP A 1 169 ? -11.611 -15.114 -9.891  1.00 25.93 ? 169 ASP A O   1 
ATOM 1245 C CB  . ASP A 1 169 ? -10.460 -18.142 -8.881  1.00 25.93 ? 169 ASP A CB  1 
ATOM 1246 C CG  . ASP A 1 169 ? -11.172 -19.393 -8.501  1.00 25.93 ? 169 ASP A CG  1 
ATOM 1247 O OD1 . ASP A 1 169 ? -12.368 -19.501 -8.827  1.00 25.93 ? 169 ASP A OD1 1 
ATOM 1248 O OD2 . ASP A 1 169 ? -10.530 -20.266 -7.874  1.00 25.93 ? 169 ASP A OD2 1 
ATOM 1249 N N   . ILE A 1 170 ? -9.438  -15.710 -10.076 1.00 11.71 ? 170 ILE A N   1 
ATOM 1250 C CA  . ILE A 1 170 ? -8.930  -14.357 -10.026 1.00 11.71 ? 170 ILE A CA  1 
ATOM 1251 C C   . ILE A 1 170 ? -9.663  -13.511 -11.058 1.00 11.71 ? 170 ILE A C   1 
ATOM 1252 O O   . ILE A 1 170 ? -10.292 -12.504 -10.711 1.00 11.71 ? 170 ILE A O   1 
ATOM 1253 C CB  . ILE A 1 170 ? -7.430  -14.330 -10.323 1.00 11.71 ? 170 ILE A CB  1 
ATOM 1254 C CG1 . ILE A 1 170 ? -6.646  -14.728 -9.072  1.00 11.71 ? 170 ILE A CG1 1 
ATOM 1255 C CG2 . ILE A 1 170 ? -7.029  -12.959 -10.791 1.00 11.71 ? 170 ILE A CG2 1 
ATOM 1256 C CD1 . ILE A 1 170 ? -5.210  -15.141 -9.341  1.00 11.71 ? 170 ILE A CD1 1 
ATOM 1257 N N   . GLN A 1 171 ? -9.598  -13.929 -12.321 1.00 35.50 ? 171 GLN A N   1 
ATOM 1258 C CA  . GLN A 1 171 ? -10.254 -13.194 -13.398 1.00 35.50 ? 171 GLN A CA  1 
ATOM 1259 C C   . GLN A 1 171 ? -11.695 -12.802 -13.060 1.00 35.50 ? 171 GLN A C   1 
ATOM 1260 O O   . GLN A 1 171 ? -12.125 -11.696 -13.377 1.00 35.50 ? 171 GLN A O   1 
ATOM 1261 C CB  . GLN A 1 171 ? -10.216 -14.005 -14.689 1.00 35.50 ? 171 GLN A CB  1 
ATOM 1262 N N   . ASN A 1 172 ? -12.437 -13.700 -12.418 1.00 35.41 ? 172 ASN A N   1 
ATOM 1263 C CA  . ASN A 1 172 ? -13.823 -13.423 -12.046 1.00 35.41 ? 172 ASN A CA  1 
ATOM 1264 C C   . ASN A 1 172 ? -13.878 -12.358 -10.973 1.00 35.41 ? 172 ASN A C   1 
ATOM 1265 O O   . ASN A 1 172 ? -14.665 -11.413 -11.050 1.00 35.41 ? 172 ASN A O   1 
ATOM 1266 C CB  . ASN A 1 172 ? -14.490 -14.681 -11.500 1.00 35.41 ? 172 ASN A CB  1 
ATOM 1267 C CG  . ASN A 1 172 ? -14.939 -15.623 -12.592 1.00 35.41 ? 172 ASN A CG  1 
ATOM 1268 O OD1 . ASN A 1 172 ? -14.938 -15.267 -13.776 1.00 35.41 ? 172 ASN A OD1 1 
ATOM 1269 N ND2 . ASN A 1 172 ? -15.328 -16.839 -12.207 1.00 35.41 ? 172 ASN A ND2 1 
ATOM 1270 N N   . LEU A 1 173 ? -13.038 -12.536 -9.958  1.00 17.92 ? 173 LEU A N   1 
ATOM 1271 C CA  . LEU A 1 173 ? -12.975 -11.610 -8.837  1.00 17.92 ? 173 LEU A CA  1 
ATOM 1272 C C   . LEU A 1 173 ? -12.687 -10.217 -9.355  1.00 17.92 ? 173 LEU A C   1 
ATOM 1273 O O   . LEU A 1 173 ? -13.334 -9.238  -8.963  1.00 17.92 ? 173 LEU A O   1 
ATOM 1274 C CB  . LEU A 1 173 ? -11.880 -12.039 -7.874  1.00 17.92 ? 173 LEU A CB  1 
ATOM 1275 C CG  . LEU A 1 173 ? -12.288 -13.160 -6.934  1.00 17.92 ? 173 LEU A CG  1 
ATOM 1276 C CD1 . LEU A 1 173 ? -11.136 -14.135 -6.778  1.00 17.92 ? 173 LEU A CD1 1 
ATOM 1277 C CD2 . LEU A 1 173 ? -12.693 -12.570 -5.601  1.00 17.92 ? 173 LEU A CD2 1 
ATOM 1278 N N   . LEU A 1 174 ? -11.719 -10.131 -10.257 1.00 20.18 ? 174 LEU A N   1 
ATOM 1279 C CA  . LEU A 1 174 ? -11.350 -8.851  -10.816 1.00 20.18 ? 174 LEU A CA  1 
ATOM 1280 C C   . LEU A 1 174 ? -12.496 -8.206  -11.577 1.00 20.18 ? 174 LEU A C   1 
ATOM 1281 O O   . LEU A 1 174 ? -12.605 -6.978  -11.610 1.00 20.18 ? 174 LEU A O   1 
ATOM 1282 C CB  . LEU A 1 174 ? -10.141 -9.023  -11.717 1.00 20.18 ? 174 LEU A CB  1 
ATOM 1283 C CG  . LEU A 1 174 ? -8.886  -8.970  -10.859 1.00 20.18 ? 174 LEU A CG  1 
ATOM 1284 C CD1 . LEU A 1 174 ? -7.690  -9.480  -11.617 1.00 20.18 ? 174 LEU A CD1 1 
ATOM 1285 C CD2 . LEU A 1 174 ? -8.686  -7.537  -10.407 1.00 20.18 ? 174 LEU A CD2 1 
ATOM 1286 N N   . GLU A 1 175 ? -13.360 -9.031  -12.169 1.00 29.10 ? 175 GLU A N   1 
ATOM 1287 C CA  . GLU A 1 175 ? -14.490 -8.527  -12.945 1.00 29.10 ? 175 GLU A CA  1 
ATOM 1288 C C   . GLU A 1 175 ? -15.649 -8.027  -12.102 1.00 29.10 ? 175 GLU A C   1 
ATOM 1289 O O   . GLU A 1 175 ? -16.260 -7.019  -12.443 1.00 29.10 ? 175 GLU A O   1 
ATOM 1290 C CB  . GLU A 1 175 ? -14.994 -9.595  -13.928 1.00 29.10 ? 175 GLU A CB  1 
ATOM 1291 N N   . MET A 1 176 ? -15.967 -8.707  -11.007 1.00 25.76 ? 176 MET A N   1 
ATOM 1292 C CA  . MET A 1 176 ? -17.093 -8.241  -10.212 1.00 25.76 ? 176 MET A CA  1 
ATOM 1293 C C   . MET A 1 176 ? -16.718 -7.150  -9.219  1.00 25.76 ? 176 MET A C   1 
ATOM 1294 O O   . MET A 1 176 ? -17.588 -6.434  -8.722  1.00 25.76 ? 176 MET A O   1 
ATOM 1295 C CB  . MET A 1 176 ? -17.761 -9.398  -9.489  1.00 25.76 ? 176 MET A CB  1 
ATOM 1296 C CG  . MET A 1 176 ? -16.900 -10.050 -8.477  1.00 25.76 ? 176 MET A CG  1 
ATOM 1297 S SD  . MET A 1 176 ? -17.223 -11.785 -8.514  1.00 25.76 ? 176 MET A SD  1 
ATOM 1298 C CE  . MET A 1 176 ? -17.720 -12.046 -6.885  1.00 25.76 ? 176 MET A CE  1 
ATOM 1299 N N   . ALA A 1 177 ? -15.424 -7.015  -8.949  1.00 16.14 ? 177 ALA A N   1 
ATOM 1300 C CA  . ALA A 1 177 ? -14.909 -6.002  -8.022  1.00 16.14 ? 177 ALA A CA  1 
ATOM 1301 C C   . ALA A 1 177 ? -15.832 -5.670  -6.844  1.00 16.14 ? 177 ALA A C   1 
ATOM 1302 O O   . ALA A 1 177 ? -16.331 -4.551  -6.727  1.00 16.14 ? 177 ALA A O   1 
ATOM 1303 C CB  . ALA A 1 177 ? -14.579 -4.734  -8.790  1.00 16.14 ? 177 ALA A CB  1 
ATOM 1304 N N   . TRP A 1 178 ? -16.022 -6.631  -5.949  1.00 13.42 ? 178 TRP A N   1 
ATOM 1305 C CA  . TRP A 1 178 ? -16.907 -6.426  -4.821  1.00 13.42 ? 178 TRP A CA  1 
ATOM 1306 C C   . TRP A 1 178 ? -16.527 -5.253  -3.948  1.00 13.42 ? 178 TRP A C   1 
ATOM 1307 O O   . TRP A 1 178 ? -17.379 -4.680  -3.272  1.00 13.42 ? 178 TRP A O   1 
ATOM 1308 C CB  . TRP A 1 178 ? -17.001 -7.695  -3.970  1.00 13.42 ? 178 TRP A CB  1 
ATOM 1309 C CG  . TRP A 1 178 ? -15.765 -8.053  -3.238  1.00 13.42 ? 178 TRP A CG  1 
ATOM 1310 C CD1 . TRP A 1 178 ? -14.797 -8.911  -3.653  1.00 13.42 ? 178 TRP A CD1 1 
ATOM 1311 C CD2 . TRP A 1 178 ? -15.360 -7.579  -1.948  1.00 13.42 ? 178 TRP A CD2 1 
ATOM 1312 N NE1 . TRP A 1 178 ? -13.810 -9.011  -2.699  1.00 13.42 ? 178 TRP A NE1 1 
ATOM 1313 C CE2 . TRP A 1 178 ? -14.132 -8.201  -1.641  1.00 13.42 ? 178 TRP A CE2 1 
ATOM 1314 C CE3 . TRP A 1 178 ? -15.921 -6.692  -1.016  1.00 13.42 ? 178 TRP A CE3 1 
ATOM 1315 C CZ2 . TRP A 1 178 ? -13.450 -7.966  -0.446  1.00 13.42 ? 178 TRP A CZ2 1 
ATOM 1316 C CZ3 . TRP A 1 178 ? -15.242 -6.458  0.175   1.00 13.42 ? 178 TRP A CZ3 1 
ATOM 1317 C CH2 . TRP A 1 178 ? -14.018 -7.091  0.446   1.00 13.42 ? 178 TRP A CH2 1 
ATOM 1318 N N   . TRP A 1 179 ? -15.255 -4.876  -3.968  1.00 25.37 ? 179 TRP A N   1 
ATOM 1319 C CA  . TRP A 1 179 ? -14.802 -3.781  -3.125  1.00 25.37 ? 179 TRP A CA  1 
ATOM 1320 C C   . TRP A 1 179 ? -15.373 -2.446  -3.565  1.00 25.37 ? 179 TRP A C   1 
ATOM 1321 O O   . TRP A 1 179 ? -15.207 -1.433  -2.879  1.00 25.37 ? 179 TRP A O   1 
ATOM 1322 C CB  . TRP A 1 179 ? -13.270 -3.732  -3.085  1.00 25.37 ? 179 TRP A CB  1 
ATOM 1323 C CG  . TRP A 1 179 ? -12.643 -3.866  -4.405  1.00 25.37 ? 179 TRP A CG  1 
ATOM 1324 C CD1 . TRP A 1 179 ? -12.606 -2.928  -5.383  1.00 25.37 ? 179 TRP A CD1 1 
ATOM 1325 C CD2 . TRP A 1 179 ? -11.974 -5.019  -4.925  1.00 25.37 ? 179 TRP A CD2 1 
ATOM 1326 N NE1 . TRP A 1 179 ? -11.957 -3.417  -6.490  1.00 25.37 ? 179 TRP A NE1 1 
ATOM 1327 C CE2 . TRP A 1 179 ? -11.559 -4.701  -6.235  1.00 25.37 ? 179 TRP A CE2 1 
ATOM 1328 C CE3 . TRP A 1 179 ? -11.689 -6.288  -4.412  1.00 25.37 ? 179 TRP A CE3 1 
ATOM 1329 C CZ2 . TRP A 1 179 ? -10.870 -5.607  -7.044  1.00 25.37 ? 179 TRP A CZ2 1 
ATOM 1330 C CZ3 . TRP A 1 179 ? -11.005 -7.193  -5.218  1.00 25.37 ? 179 TRP A CZ3 1 
ATOM 1331 C CH2 . TRP A 1 179 ? -10.602 -6.845  -6.521  1.00 25.37 ? 179 TRP A CH2 1 
ATOM 1332 N N   . ASP A 1 180 ? -16.060 -2.452  -4.700  1.00 31.65 ? 180 ASP A N   1 
ATOM 1333 C CA  . ASP A 1 180 ? -16.677 -1.237  -5.221  1.00 31.65 ? 180 ASP A CA  1 
ATOM 1334 C C   . ASP A 1 180 ? -18.195 -1.335  -5.136  1.00 31.65 ? 180 ASP A C   1 
ATOM 1335 O O   . ASP A 1 180 ? -18.920 -0.406  -5.486  1.00 31.65 ? 180 ASP A O   1 
ATOM 1336 C CB  . ASP A 1 180 ? -16.250 -1.021  -6.665  1.00 31.65 ? 180 ASP A CB  1 
ATOM 1337 C CG  . ASP A 1 180 ? -15.001 -0.179  -6.772  1.00 31.65 ? 180 ASP A CG  1 
ATOM 1338 O OD1 . ASP A 1 180 ? -14.673 0.524   -5.782  1.00 31.65 ? 180 ASP A OD1 1 
ATOM 1339 O OD2 . ASP A 1 180 ? -14.348 -0.217  -7.841  1.00 31.65 ? 180 ASP A OD2 1 
ATOM 1340 N N   . TRP A 1 181 ? -18.660 -2.481  -4.653  1.00 19.51 ? 181 TRP A N   1 
ATOM 1341 C CA  . TRP A 1 181 ? -20.082 -2.765  -4.512  1.00 19.51 ? 181 TRP A CA  1 
ATOM 1342 C C   . TRP A 1 181 ? -20.792 -1.867  -3.525  1.00 19.51 ? 181 TRP A C   1 
ATOM 1343 O O   . TRP A 1 181 ? -20.246 -1.501  -2.490  1.00 19.51 ? 181 TRP A O   1 
ATOM 1344 C CB  . TRP A 1 181 ? -20.296 -4.202  -4.041  1.00 19.51 ? 181 TRP A CB  1 
ATOM 1345 C CG  . TRP A 1 181 ? -20.061 -5.235  -5.076  1.00 19.51 ? 181 TRP A CG  1 
ATOM 1346 C CD1 . TRP A 1 181 ? -19.710 -5.033  -6.379  1.00 19.51 ? 181 TRP A CD1 1 
ATOM 1347 C CD2 . TRP A 1 181 ? -20.162 -6.647  -4.902  1.00 19.51 ? 181 TRP A CD2 1 
ATOM 1348 N NE1 . TRP A 1 181 ? -19.584 -6.237  -7.027  1.00 19.51 ? 181 TRP A NE1 1 
ATOM 1349 C CE2 . TRP A 1 181 ? -19.856 -7.243  -6.141  1.00 19.51 ? 181 TRP A CE2 1 
ATOM 1350 C CE3 . TRP A 1 181 ? -20.476 -7.468  -3.817  1.00 19.51 ? 181 TRP A CE3 1 
ATOM 1351 C CZ2 . TRP A 1 181 ? -19.858 -8.618  -6.325  1.00 19.51 ? 181 TRP A CZ2 1 
ATOM 1352 C CZ3 . TRP A 1 181 ? -20.477 -8.832  -3.998  1.00 19.51 ? 181 TRP A CZ3 1 
ATOM 1353 C CH2 . TRP A 1 181 ? -20.171 -9.397  -5.242  1.00 19.51 ? 181 TRP A CH2 1 
ATOM 1354 N N   . PRO A 1 182 ? -22.027 -1.485  -3.847  1.00 26.50 ? 182 PRO A N   1 
ATOM 1355 C CA  . PRO A 1 182 ? -22.774 -0.637  -2.920  1.00 26.50 ? 182 PRO A CA  1 
ATOM 1356 C C   . PRO A 1 182 ? -22.870 -1.472  -1.652  1.00 26.50 ? 182 PRO A C   1 
ATOM 1357 O O   . PRO A 1 182 ? -23.048 -2.684  -1.727  1.00 26.50 ? 182 PRO A O   1 
ATOM 1358 C CB  . PRO A 1 182 ? -24.138 -0.455  -3.584  1.00 26.50 ? 182 PRO A CB  1 
ATOM 1359 C CG  . PRO A 1 182 ? -24.057 -1.086  -4.939  1.00 26.50 ? 182 PRO A CG  1 
ATOM 1360 C CD  . PRO A 1 182 ? -22.752 -1.787  -5.094  1.00 26.50 ? 182 PRO A CD  1 
ATOM 1361 N N   . LEU A 1 183 ? -22.745 -0.840  -0.497  1.00 23.70 ? 183 LEU A N   1 
ATOM 1362 C CA  . LEU A 1 183 ? -22.795 -1.570  0.763   1.00 23.70 ? 183 LEU A CA  1 
ATOM 1363 C C   . LEU A 1 183 ? -23.919 -2.593  0.898   1.00 23.70 ? 183 LEU A C   1 
ATOM 1364 O O   . LEU A 1 183 ? -23.694 -3.694  1.396   1.00 23.70 ? 183 LEU A O   1 
ATOM 1365 C CB  . LEU A 1 183 ? -22.865 -0.595  1.934   1.00 23.70 ? 183 LEU A CB  1 
ATOM 1366 C CG  . LEU A 1 183 ? -22.549 -1.284  3.260   1.00 23.70 ? 183 LEU A CG  1 
ATOM 1367 C CD1 . LEU A 1 183 ? -21.288 -2.106  3.097   1.00 23.70 ? 183 LEU A CD1 1 
ATOM 1368 C CD2 . LEU A 1 183 ? -22.345 -0.270  4.355   1.00 23.70 ? 183 LEU A CD2 1 
ATOM 1369 N N   . ALA A 1 184 ? -25.123 -2.226  0.466   1.00 33.75 ? 184 ALA A N   1 
ATOM 1370 C CA  . ALA A 1 184 ? -26.289 -3.108  0.542   1.00 33.75 ? 184 ALA A CA  1 
ATOM 1371 C C   . ALA A 1 184 ? -26.039 -4.472  -0.090  1.00 33.75 ? 184 ALA A C   1 
ATOM 1372 O O   . ALA A 1 184 ? -26.534 -5.492  0.394   1.00 33.75 ? 184 ALA A O   1 
ATOM 1373 C CB  . ALA A 1 184 ? -27.475 -2.444  -0.135  1.00 33.75 ? 184 ALA A CB  1 
ATOM 1374 N N   . ASP A 1 185 ? -25.278 -4.468  -1.181  1.00 34.40 ? 185 ASP A N   1 
ATOM 1375 C CA  . ASP A 1 185 ? -24.936 -5.680  -1.909  1.00 34.40 ? 185 ASP A CA  1 
ATOM 1376 C C   . ASP A 1 185 ? -23.815 -6.423  -1.197  1.00 34.40 ? 185 ASP A C   1 
ATOM 1377 O O   . ASP A 1 185 ? -23.756 -7.650  -1.236  1.00 34.40 ? 185 ASP A O   1 
ATOM 1378 C CB  . ASP A 1 185 ? -24.505 -5.328  -3.330  1.00 34.40 ? 185 ASP A CB  1 
ATOM 1379 C CG  . ASP A 1 185 ? -25.620 -4.680  -4.131  1.00 34.40 ? 185 ASP A CG  1 
ATOM 1380 O OD1 . ASP A 1 185 ? -26.620 -4.263  -3.508  1.00 34.40 ? 185 ASP A OD1 1 
ATOM 1381 O OD2 . ASP A 1 185 ? -25.501 -4.587  -5.376  1.00 34.40 ? 185 ASP A OD2 1 
ATOM 1382 N N   . ILE A 1 186 ? -22.918 -5.677  -0.555  1.00 23.00 ? 186 ILE A N   1 
ATOM 1383 C CA  . ILE A 1 186 ? -21.823 -6.298  0.186   1.00 23.00 ? 186 ILE A CA  1 
ATOM 1384 C C   . ILE A 1 186 ? -22.438 -7.067  1.348   1.00 23.00 ? 186 ILE A C   1 
ATOM 1385 O O   . ILE A 1 186 ? -22.042 -8.188  1.626   1.00 23.00 ? 186 ILE A O   1 
ATOM 1386 C CB  . ILE A 1 186 ? -20.812 -5.256  0.751   1.00 23.00 ? 186 ILE A CB  1 
ATOM 1387 C CG1 . ILE A 1 186 ? -19.955 -4.684  -0.386  1.00 23.00 ? 186 ILE A CG1 1 
ATOM 1388 C CG2 . ILE A 1 186 ? -19.905 -5.920  1.783   1.00 23.00 ? 186 ILE A CG2 1 
ATOM 1389 C CD1 . ILE A 1 186 ? -19.001 -3.595  0.038   1.00 23.00 ? 186 ILE A CD1 1 
ATOM 1390 N N   . GLU A 1 187 ? -23.415 -6.468  2.019   1.00 34.83 ? 187 GLU A N   1 
ATOM 1391 C CA  . GLU A 1 187 ? -24.077 -7.123  3.137   1.00 34.83 ? 187 GLU A CA  1 
ATOM 1392 C C   . GLU A 1 187 ? -24.859 -8.309  2.599   1.00 34.83 ? 187 GLU A C   1 
ATOM 1393 O O   . GLU A 1 187 ? -24.916 -9.375  3.217   1.00 34.83 ? 187 GLU A O   1 
ATOM 1394 C CB  . GLU A 1 187 ? -25.031 -6.148  3.826   1.00 34.83 ? 187 GLU A CB  1 
ATOM 1395 C CG  . GLU A 1 187 ? -26.153 -6.816  4.622   1.00 34.83 ? 187 GLU A CG  1 
ATOM 1396 C CD  . GLU A 1 187 ? -26.885 -5.848  5.553   1.00 34.83 ? 187 GLU A CD  1 
ATOM 1397 O OE1 . GLU A 1 187 ? -26.837 -4.621  5.298   1.00 34.83 ? 187 GLU A OE1 1 
ATOM 1398 O OE2 . GLU A 1 187 ? -27.512 -6.310  6.540   1.00 34.83 ? 187 GLU A OE2 1 
ATOM 1399 N N   . ALA A 1 188 ? -25.464 -8.103  1.436   1.00 27.66 ? 188 ALA A N   1 
ATOM 1400 C CA  . ALA A 1 188 ? -26.261 -9.128  0.769   1.00 27.66 ? 188 ALA A CA  1 
ATOM 1401 C C   . ALA A 1 188 ? -25.449 -10.386 0.518   1.00 27.66 ? 188 ALA A C   1 
ATOM 1402 O O   . ALA A 1 188 ? -25.822 -11.480 0.957   1.00 27.66 ? 188 ALA A O   1 
ATOM 1403 C CB  . ALA A 1 188 ? -26.774 -8.595  -0.553  1.00 27.66 ? 188 ALA A CB  1 
ATOM 1404 N N   . ALA A 1 189 ? -24.341 -10.205 -0.201  1.00 15.60 ? 189 ALA A N   1 
ATOM 1405 C CA  . ALA A 1 189 ? -23.437 -11.287 -0.565  1.00 15.60 ? 189 ALA A CA  1 
ATOM 1406 C C   . ALA A 1 189 ? -22.543 -11.700 0.577   1.00 15.60 ? 189 ALA A C   1 
ATOM 1407 O O   . ALA A 1 189 ? -21.733 -12.607 0.419   1.00 15.60 ? 189 ALA A O   1 
ATOM 1408 C CB  . ALA A 1 189 ? -22.582 -10.877 -1.741  1.00 15.60 ? 189 ALA A CB  1 
ATOM 1409 N N   . MET A 1 190 ? -22.691 -11.044 1.722   1.00 21.63 ? 190 MET A N   1 
ATOM 1410 C CA  . MET A 1 190 ? -21.866 -11.364 2.878   1.00 21.63 ? 190 MET A CA  1 
ATOM 1411 C C   . MET A 1 190 ? -21.662 -12.859 3.103   1.00 21.63 ? 190 MET A C   1 
ATOM 1412 O O   . MET A 1 190 ? -20.532 -13.312 3.229   1.00 21.63 ? 190 MET A O   1 
ATOM 1413 C CB  . MET A 1 190 ? -22.455 -10.734 4.140   1.00 21.63 ? 190 MET A CB  1 
ATOM 1414 C CG  . MET A 1 190 ? -21.461 -10.592 5.276   1.00 21.63 ? 190 MET A CG  1 
ATOM 1415 S SD  . MET A 1 190 ? -19.886 -9.939  4.704   1.00 21.63 ? 190 MET A SD  1 
ATOM 1416 C CE  . MET A 1 190 ? -18.861 -10.637 5.907   1.00 21.63 ? 190 MET A CE  1 
ATOM 1417 N N   . PRO A 1 191 ? -22.750 -13.645 3.140   1.00 23.50 ? 191 PRO A N   1 
ATOM 1418 C CA  . PRO A 1 191 ? -22.604 -15.082 3.361   1.00 23.50 ? 191 PRO A CA  1 
ATOM 1419 C C   . PRO A 1 191 ? -21.623 -15.741 2.426   1.00 23.50 ? 191 PRO A C   1 
ATOM 1420 O O   . PRO A 1 191 ? -20.975 -16.720 2.796   1.00 23.50 ? 191 PRO A O   1 
ATOM 1421 C CB  . PRO A 1 191 ? -24.011 -15.627 3.172   1.00 23.50 ? 191 PRO A CB  1 
ATOM 1422 C CG  . PRO A 1 191 ? -24.889 -14.485 3.510   1.00 23.50 ? 191 PRO A CG  1 
ATOM 1423 C CD  . PRO A 1 191 ? -24.163 -13.272 2.980   1.00 23.50 ? 191 PRO A CD  1 
ATOM 1424 N N   . LEU A 1 192 ? -21.503 -15.210 1.217   1.00 18.58 ? 192 LEU A N   1 
ATOM 1425 C CA  . LEU A 1 192 ? -20.587 -15.808 0.256   1.00 18.58 ? 192 LEU A CA  1 
ATOM 1426 C C   . LEU A 1 192 ? -19.184 -15.210 0.297   1.00 18.58 ? 192 LEU A C   1 
ATOM 1427 O O   . LEU A 1 192 ? -18.230 -15.819 -0.188  1.00 18.58 ? 192 LEU A O   1 
ATOM 1428 C CB  . LEU A 1 192 ? -21.162 -15.697 -1.156  1.00 18.58 ? 192 LEU A CB  1 
ATOM 1429 C CG  . LEU A 1 192 ? -22.007 -16.882 -1.635  1.00 18.58 ? 192 LEU A CG  1 
ATOM 1430 C CD1 . LEU A 1 192 ? -22.021 -16.871 -3.145  1.00 18.58 ? 192 LEU A CD1 1 
ATOM 1431 C CD2 . LEU A 1 192 ? -21.451 -18.207 -1.108  1.00 18.58 ? 192 LEU A CD2 1 
ATOM 1432 N N   . LEU A 1 193 ? -19.044 -14.025 0.874   1.00 12.42 ? 193 LEU A N   1 
ATOM 1433 C CA  . LEU A 1 193 ? -17.733 -13.424 0.944   1.00 12.42 ? 193 LEU A CA  1 
ATOM 1434 C C   . LEU A 1 193 ? -16.948 -14.141 2.029   1.00 12.42 ? 193 LEU A C   1 
ATOM 1435 O O   . LEU A 1 193 ? -15.755 -13.913 2.188   1.00 12.42 ? 193 LEU A O   1 
ATOM 1436 C CB  . LEU A 1 193 ? -17.849 -11.946 1.270   1.00 12.42 ? 193 LEU A CB  1 
ATOM 1437 C CG  . LEU A 1 193 ? -18.319 -11.062 0.123   1.00 12.42 ? 193 LEU A CG  1 
ATOM 1438 C CD1 . LEU A 1 193 ? -18.760 -9.729  0.692   1.00 12.42 ? 193 LEU A CD1 1 
ATOM 1439 C CD2 . LEU A 1 193 ? -17.209 -10.868 -0.896  1.00 12.42 ? 193 LEU A CD2 1 
ATOM 1440 N N   . CYS A 1 194 ? -17.612 -15.016 2.777   1.00 31.59 ? 194 CYS A N   1 
ATOM 1441 C CA  . CYS A 1 194 ? -16.945 -15.748 3.852   1.00 31.59 ? 194 CYS A CA  1 
ATOM 1442 C C   . CYS A 1 194 ? -16.699 -17.210 3.501   1.00 31.59 ? 194 CYS A C   1 
ATOM 1443 O O   . CYS A 1 194 ? -16.740 -18.096 4.362   1.00 31.59 ? 194 CYS A O   1 
ATOM 1444 C CB  . CYS A 1 194 ? -17.756 -15.647 5.136   1.00 31.59 ? 194 CYS A CB  1 
ATOM 1445 S SG  . CYS A 1 194 ? -17.871 -13.970 5.768   1.00 31.59 ? 194 CYS A SG  1 
ATOM 1446 N N   . THR A 1 195 ? -16.450 -17.446 2.218   1.00 20.89 ? 195 THR A N   1 
ATOM 1447 C CA  . THR A 1 195 ? -16.152 -18.774 1.699   1.00 20.89 ? 195 THR A CA  1 
ATOM 1448 C C   . THR A 1 195 ? -15.097 -18.603 0.614   1.00 20.89 ? 195 THR A C   1 
ATOM 1449 O O   . THR A 1 195 ? -14.652 -17.483 0.340   1.00 20.89 ? 195 THR A O   1 
ATOM 1450 C CB  . THR A 1 195 ? -17.375 -19.442 1.050   1.00 20.89 ? 195 THR A CB  1 
ATOM 1451 O OG1 . THR A 1 195 ? -18.080 -18.482 0.262   1.00 20.89 ? 195 THR A OG1 1 
ATOM 1452 C CG2 . THR A 1 195 ? -18.292 -20.015 2.104   1.00 20.89 ? 195 THR A CG2 1 
ATOM 1453 N N   . GLY A 1 196 ? -14.697 -19.711 0.005   1.00 23.99 ? 196 GLY A N   1 
ATOM 1454 C CA  . GLY A 1 196 ? -13.719 -19.642 -1.058  1.00 23.99 ? 196 GLY A CA  1 
ATOM 1455 C C   . GLY A 1 196 ? -14.403 -19.994 -2.361  1.00 23.99 ? 196 GLY A C   1 
ATOM 1456 O O   . GLY A 1 196 ? -13.744 -20.305 -3.352  1.00 23.99 ? 196 GLY A O   1 
ATOM 1457 N N   . ASP A 1 197 ? -15.731 -19.932 -2.362  1.00 20.88 ? 197 ASP A N   1 
ATOM 1458 C CA  . ASP A 1 197 ? -16.504 -20.272 -3.547  1.00 20.88 ? 197 ASP A CA  1 
ATOM 1459 C C   . ASP A 1 197 ? -16.649 -19.160 -4.578  1.00 20.88 ? 197 ASP A C   1 
ATOM 1460 O O   . ASP A 1 197 ? -17.762 -18.761 -4.921  1.00 20.88 ? 197 ASP A O   1 
ATOM 1461 C CB  . ASP A 1 197 ? -17.885 -20.746 -3.131  1.00 20.88 ? 197 ASP A CB  1 
ATOM 1462 C CG  . ASP A 1 197 ? -18.440 -21.796 -4.069  1.00 20.88 ? 197 ASP A CG  1 
ATOM 1463 O OD1 . ASP A 1 197 ? -18.126 -21.736 -5.285  1.00 20.88 ? 197 ASP A OD1 1 
ATOM 1464 O OD2 . ASP A 1 197 ? -19.186 -22.679 -3.578  1.00 20.88 ? 197 ASP A OD2 1 
ATOM 1465 N N   . ILE A 1 198 ? -15.521 -18.672 -5.077  1.00 19.92 ? 198 ILE A N   1 
ATOM 1466 C CA  . ILE A 1 198 ? -15.524 -17.610 -6.072  1.00 19.92 ? 198 ILE A CA  1 
ATOM 1467 C C   . ILE A 1 198 ? -16.630 -17.850 -7.117  1.00 19.92 ? 198 ILE A C   1 
ATOM 1468 O O   . ILE A 1 198 ? -17.470 -16.982 -7.352  1.00 19.92 ? 198 ILE A O   1 
ATOM 1469 C CB  . ILE A 1 198 ? -14.133 -17.506 -6.744  1.00 19.92 ? 198 ILE A CB  1 
ATOM 1470 C CG1 . ILE A 1 198 ? -13.059 -17.338 -5.673  1.00 19.92 ? 198 ILE A CG1 1 
ATOM 1471 C CG2 . ILE A 1 198 ? -14.069 -16.308 -7.654  1.00 19.92 ? 198 ILE A CG2 1 
ATOM 1472 C CD1 . ILE A 1 198 ? -13.447 -16.365 -4.573  1.00 19.92 ? 198 ILE A CD1 1 
ATOM 1473 N N   . PRO A 1 199 ? -16.664 -19.040 -7.737  1.00 19.14 ? 199 PRO A N   1 
ATOM 1474 C CA  . PRO A 1 199 ? -17.703 -19.316 -8.736  1.00 19.14 ? 199 PRO A CA  1 
ATOM 1475 C C   . PRO A 1 199 ? -19.120 -19.071 -8.226  1.00 19.14 ? 199 PRO A C   1 
ATOM 1476 O O   . PRO A 1 199 ? -19.965 -18.552 -8.943  1.00 19.14 ? 199 PRO A O   1 
ATOM 1477 C CB  . PRO A 1 199 ? -17.482 -20.777 -9.084  1.00 19.14 ? 199 PRO A CB  1 
ATOM 1478 C CG  . PRO A 1 199 ? -16.048 -21.011 -8.784  1.00 19.14 ? 199 PRO A CG  1 
ATOM 1479 C CD  . PRO A 1 199 ? -15.760 -20.186 -7.565  1.00 19.14 ? 199 PRO A CD  1 
ATOM 1480 N N   . ALA A 1 200 ? -19.387 -19.467 -6.989  1.00 15.70 ? 200 ALA A N   1 
ATOM 1481 C CA  . ALA A 1 200 ? -20.706 -19.249 -6.421  1.00 15.70 ? 200 ALA A CA  1 
ATOM 1482 C C   . ALA A 1 200 ? -20.929 -17.745 -6.363  1.00 15.70 ? 200 ALA A C   1 
ATOM 1483 O O   . ALA A 1 200 ? -21.901 -17.236 -6.911  1.00 15.70 ? 200 ALA A O   1 
ATOM 1484 C CB  . ALA A 1 200 ? -20.782 -19.845 -5.026  1.00 15.70 ? 200 ALA A CB  1 
ATOM 1485 N N   . LEU A 1 201 ? -20.010 -17.044 -5.702  1.00 18.35 ? 201 LEU A N   1 
ATOM 1486 C CA  . LEU A 1 201 ? -20.079 -15.595 -5.565  1.00 18.35 ? 201 LEU A CA  1 
ATOM 1487 C C   . LEU A 1 201 ? -20.373 -14.962 -6.917  1.00 18.35 ? 201 LEU A C   1 
ATOM 1488 O O   . LEU A 1 201 ? -21.285 -14.146 -7.043  1.00 18.35 ? 201 LEU A O   1 
ATOM 1489 C CB  . LEU A 1 201 ? -18.753 -15.068 -5.026  1.00 18.35 ? 201 LEU A CB  1 
ATOM 1490 C CG  . LEU A 1 201 ? -18.754 -13.646 -4.485  1.00 18.35 ? 201 LEU A CG  1 
ATOM 1491 C CD1 . LEU A 1 201 ? -19.903 -13.454 -3.503  1.00 18.35 ? 201 LEU A CD1 1 
ATOM 1492 C CD2 . LEU A 1 201 ? -17.411 -13.381 -3.833  1.00 18.35 ? 201 LEU A CD2 1 
ATOM 1493 N N   . TYR A 1 202 ? -19.606 -15.360 -7.925  1.00 27.83 ? 202 TYR A N   1 
ATOM 1494 C CA  . TYR A 1 202 ? -19.772 -14.845 -9.277  1.00 27.83 ? 202 TYR A CA  1 
ATOM 1495 C C   . TYR A 1 202 ? -21.200 -14.956 -9.816  1.00 27.83 ? 202 TYR A C   1 
ATOM 1496 O O   . TYR A 1 202 ? -21.666 -14.090 -10.551 1.00 27.83 ? 202 TYR A O   1 
ATOM 1497 C CB  . TYR A 1 202 ? -18.834 -15.583 -10.222 1.00 27.83 ? 202 TYR A CB  1 
ATOM 1498 C CG  . TYR A 1 202 ? -18.646 -14.887 -11.543 1.00 27.83 ? 202 TYR A CG  1 
ATOM 1499 C CD1 . TYR A 1 202 ? -18.038 -13.640 -11.598 1.00 27.83 ? 202 TYR A CD1 1 
ATOM 1500 C CD2 . TYR A 1 202 ? -19.046 -15.485 -12.741 1.00 27.83 ? 202 TYR A CD2 1 
ATOM 1501 C CE1 . TYR A 1 202 ? -17.821 -12.998 -12.811 1.00 27.83 ? 202 TYR A CE1 1 
ATOM 1502 C CE2 . TYR A 1 202 ? -18.833 -14.851 -13.969 1.00 27.83 ? 202 TYR A CE2 1 
ATOM 1503 C CZ  . TYR A 1 202 ? -18.215 -13.603 -13.995 1.00 27.83 ? 202 TYR A CZ  1 
ATOM 1504 O OH  . TYR A 1 202 ? -17.953 -12.957 -15.189 1.00 27.83 ? 202 TYR A OH  1 
ATOM 1505 N N   . GLN A 1 203 ? -21.880 -16.040 -9.469  1.00 43.32 ? 203 GLN A N   1 
ATOM 1506 C CA  . GLN A 1 203 ? -23.246 -16.251 -9.919  1.00 43.32 ? 203 GLN A CA  1 
ATOM 1507 C C   . GLN A 1 203 ? -24.141 -15.317 -9.150  1.00 43.32 ? 203 GLN A C   1 
ATOM 1508 O O   . GLN A 1 203 ? -24.926 -14.583 -9.729  1.00 43.32 ? 203 GLN A O   1 
ATOM 1509 C CB  . GLN A 1 203 ? -23.674 -17.693 -9.659  1.00 43.32 ? 203 GLN A CB  1 
ATOM 1510 C CG  . GLN A 1 203 ? -23.043 -18.692 -10.598 1.00 43.32 ? 203 GLN A CG  1 
ATOM 1511 C CD  . GLN A 1 203 ? -23.090 -18.216 -12.030 1.00 43.32 ? 203 GLN A CD  1 
ATOM 1512 O OE1 . GLN A 1 203 ? -22.201 -18.520 -12.828 1.00 43.32 ? 203 GLN A OE1 1 
ATOM 1513 N NE2 . GLN A 1 203 ? -24.134 -17.458 -12.367 1.00 43.32 ? 203 GLN A NE2 1 
ATOM 1514 N N   . HIS A 1 204 ? -24.005 -15.350 -7.830  1.00 25.08 ? 204 HIS A N   1 
ATOM 1515 C CA  . HIS A 1 204 ? -24.801 -14.510 -6.955  1.00 25.08 ? 204 HIS A CA  1 
ATOM 1516 C C   . HIS A 1 204 ? -24.699 -13.095 -7.463  1.00 25.08 ? 204 HIS A C   1 
ATOM 1517 O O   . HIS A 1 204 ? -25.637 -12.307 -7.339  1.00 25.08 ? 204 HIS A O   1 
ATOM 1518 C CB  . HIS A 1 204 ? -24.269 -14.577 -5.531  1.00 25.08 ? 204 HIS A CB  1 
ATOM 1519 C CG  . HIS A 1 204 ? -24.723 -13.445 -4.671  1.00 25.08 ? 204 HIS A CG  1 
ATOM 1520 N ND1 . HIS A 1 204 ? -25.931 -13.454 -4.010  1.00 25.08 ? 204 HIS A ND1 1 
ATOM 1521 C CD2 . HIS A 1 204 ? -24.136 -12.262 -4.370  1.00 25.08 ? 204 HIS A CD2 1 
ATOM 1522 C CE1 . HIS A 1 204 ? -26.068 -12.325 -3.339  1.00 25.08 ? 204 HIS A CE1 1 
ATOM 1523 N NE2 . HIS A 1 204 ? -24.995 -11.584 -3.540  1.00 25.08 ? 204 HIS A NE2 1 
ATOM 1524 N N   . TRP A 1 205 ? -23.547 -12.778 -8.040  1.00 21.00 ? 205 TRP A N   1 
ATOM 1525 C CA  . TRP A 1 205 ? -23.327 -11.446 -8.576  1.00 21.00 ? 205 TRP A CA  1 
ATOM 1526 C C   . TRP A 1 205 ? -24.149 -11.296 -9.859  1.00 21.00 ? 205 TRP A C   1 
ATOM 1527 O O   . TRP A 1 205 ? -25.118 -10.531 -9.901  1.00 21.00 ? 205 TRP A O   1 
ATOM 1528 C CB  . TRP A 1 205 ? -21.834 -11.236 -8.855  1.00 21.00 ? 205 TRP A CB  1 
ATOM 1529 C CG  . TRP A 1 205 ? -21.537 -9.942  -9.535  1.00 21.00 ? 205 TRP A CG  1 
ATOM 1530 C CD1 . TRP A 1 205 ? -21.847 -8.689  -9.091  1.00 21.00 ? 205 TRP A CD1 1 
ATOM 1531 C CD2 . TRP A 1 205 ? -20.908 -9.769  -10.806 1.00 21.00 ? 205 TRP A CD2 1 
ATOM 1532 N NE1 . TRP A 1 205 ? -21.452 -7.749  -10.011 1.00 21.00 ? 205 TRP A NE1 1 
ATOM 1533 C CE2 . TRP A 1 205 ? -20.874 -8.388  -11.073 1.00 21.00 ? 205 TRP A CE2 1 
ATOM 1534 C CE3 . TRP A 1 205 ? -20.372 -10.654 -11.746 1.00 21.00 ? 205 TRP A CE3 1 
ATOM 1535 C CZ2 . TRP A 1 205 ? -20.329 -7.869  -12.236 1.00 21.00 ? 205 TRP A CZ2 1 
ATOM 1536 C CZ3 . TRP A 1 205 ? -19.829 -10.135 -12.904 1.00 21.00 ? 205 TRP A CZ3 1 
ATOM 1537 C CH2 . TRP A 1 205 ? -19.812 -8.755  -13.139 1.00 21.00 ? 205 TRP A CH2 1 
ATOM 1538 N N   . LYS A 1 206 ? -23.772 -12.051 -10.890 1.00 19.85 ? 206 LYS A N   1 
ATOM 1539 C CA  . LYS A 1 206 ? -24.459 -12.002 -12.172 1.00 19.85 ? 206 LYS A CA  1 
ATOM 1540 C C   . LYS A 1 206 ? -25.984 -11.898 -11.994 1.00 19.85 ? 206 LYS A C   1 
ATOM 1541 O O   . LYS A 1 206 ? -26.645 -11.139 -12.714 1.00 19.85 ? 206 LYS A O   1 
ATOM 1542 C CB  . LYS A 1 206 ? -24.078 -13.236 -13.016 1.00 19.85 ? 206 LYS A CB  1 
ATOM 1543 N N   . GLN A 1 207 ? -26.531 -12.630 -11.023 1.00 27.72 ? 207 GLN A N   1 
ATOM 1544 C CA  . GLN A 1 207 ? -27.971 -12.618 -10.757 1.00 27.72 ? 207 GLN A CA  1 
ATOM 1545 C C   . GLN A 1 207 ? -28.455 -11.267 -10.290 1.00 27.72 ? 207 GLN A C   1 
ATOM 1546 O O   . GLN A 1 207 ? -29.314 -10.654 -10.920 1.00 27.72 ? 207 GLN A O   1 
ATOM 1547 C CB  . GLN A 1 207 ? -28.334 -13.635 -9.681  1.00 27.72 ? 207 GLN A CB  1 
ATOM 1548 C CG  . GLN A 1 207 ? -29.694 -13.386 -9.032  1.00 27.72 ? 207 GLN A CG  1 
ATOM 1549 C CD  . GLN A 1 207 ? -30.847 -13.907 -9.881  1.00 27.72 ? 207 GLN A CD  1 
ATOM 1550 O OE1 . GLN A 1 207 ? -30.631 -14.498 -10.947 1.00 27.72 ? 207 GLN A OE1 1 
ATOM 1551 N NE2 . GLN A 1 207 ? -32.078 -13.693 -9.414  1.00 27.72 ? 207 GLN A NE2 1 
ATOM 1552 N N   . ARG A 1 208 ? -27.917 -10.823 -9.159  1.00 33.76 ? 208 ARG A N   1 
ATOM 1553 C CA  . ARG A 1 208 ? -28.293 -9.538  -8.593  1.00 33.76 ? 208 ARG A CA  1 
ATOM 1554 C C   . ARG A 1 208 ? -28.205 -8.439  -9.652  1.00 33.76 ? 208 ARG A C   1 
ATOM 1555 O O   . ARG A 1 208 ? -29.064 -7.557  -9.721  1.00 33.76 ? 208 ARG A O   1 
ATOM 1556 C CB  . ARG A 1 208 ? -27.378 -9.199  -7.416  1.00 33.76 ? 208 ARG A CB  1 
ATOM 1557 C CG  . ARG A 1 208 ? -27.979 -8.212  -6.427  1.00 33.76 ? 208 ARG A CG  1 
ATOM 1558 C CD  . ARG A 1 208 ? -27.075 -8.052  -5.218  1.00 33.76 ? 208 ARG A CD  1 
ATOM 1559 N NE  . ARG A 1 208 ? -27.810 -7.880  -3.961  1.00 33.76 ? 208 ARG A NE  1 
ATOM 1560 C CZ  . ARG A 1 208 ? -28.464 -6.773  -3.617  1.00 33.76 ? 208 ARG A CZ  1 
ATOM 1561 N NH1 . ARG A 1 208 ? -28.482 -5.730  -4.439  1.00 33.76 ? 208 ARG A NH1 1 
ATOM 1562 N NH2 . ARG A 1 208 ? -29.071 -6.697  -2.437  1.00 33.76 ? 208 ARG A NH2 1 
ATOM 1563 N N   . GLN A 1 209 ? -27.170 -8.504  -10.484 1.00 51.64 ? 209 GLN A N   1 
ATOM 1564 C CA  . GLN A 1 209 ? -26.987 -7.508  -11.530 1.00 51.64 ? 209 GLN A CA  1 
ATOM 1565 C C   . GLN A 1 209 ? -28.278 -7.359  -12.350 1.00 51.64 ? 209 GLN A C   1 
ATOM 1566 O O   . GLN A 1 209 ? -28.500 -6.322  -12.967 1.00 51.64 ? 209 GLN A O   1 
ATOM 1567 C CB  . GLN A 1 209 ? -25.815 -7.891  -12.433 1.00 51.64 ? 209 GLN A CB  1 
ATOM 1568 N N   . ALA A 1 210 ? -29.120 -8.394  -12.358 1.00 56.90 ? 210 ALA A N   1 
ATOM 1569 C CA  . ALA A 1 210 ? -30.403 -8.343  -13.066 1.00 56.90 ? 210 ALA A CA  1 
ATOM 1570 C C   . ALA A 1 210 ? -31.621 -8.101  -12.181 1.00 56.90 ? 210 ALA A C   1 
ATOM 1571 O O   . ALA A 1 210 ? -31.865 -6.926  -11.843 1.00 56.90 ? 210 ALA A O   1 
ATOM 1572 C CB  . ALA A 1 210 ? -30.523 -9.603  -13.928 1.00 56.90 ? 210 ALA A CB  1 
# 
